data_3LLH
# 
_entry.id   3LLH 
# 
_audit_conform.dict_name       mmcif_pdbx.dic 
_audit_conform.dict_version    5.380 
_audit_conform.dict_location   http://mmcif.pdb.org/dictionaries/ascii/mmcif_pdbx.dic 
# 
loop_
_database_2.database_id 
_database_2.database_code 
_database_2.pdbx_database_accession 
_database_2.pdbx_DOI 
PDB   3LLH         pdb_00003llh 10.2210/pdb3llh/pdb 
RCSB  RCSB057423   ?            ?                   
WWPDB D_1000057423 ?            ?                   
# 
_pdbx_database_status.status_code                     REL 
_pdbx_database_status.entry_id                        3LLH 
_pdbx_database_status.recvd_initial_deposition_date   2010-01-29 
_pdbx_database_status.deposit_site                    RCSB 
_pdbx_database_status.process_site                    PDBJ 
_pdbx_database_status.status_code_sf                  REL 
_pdbx_database_status.status_code_mr                  ? 
_pdbx_database_status.SG_entry                        ? 
_pdbx_database_status.status_code_cs                  ? 
_pdbx_database_status.pdb_format_compatible           Y 
_pdbx_database_status.status_code_nmr_data            ? 
_pdbx_database_status.methods_development_category    ? 
# 
loop_
_audit_author.name 
_audit_author.pdbx_ordinal 
'Yamashita, S.' 1 
'Kawazoe, M.'   2 
'Takemoto, C.'  3 
'Sekine, S.'    4 
'Wakiyama, M.'  5 
'Yokoyama, S.'  6 
# 
_citation.id                        primary 
_citation.title                     'The structures of dsRBDs of human TRBP' 
_citation.journal_abbrev            'To be Published' 
_citation.journal_volume            ? 
_citation.page_first                ? 
_citation.page_last                 ? 
_citation.year                      ? 
_citation.journal_id_ASTM           ? 
_citation.country                   ? 
_citation.journal_id_ISSN           ? 
_citation.journal_id_CSD            0353 
_citation.book_publisher            ? 
_citation.pdbx_database_id_PubMed   ? 
_citation.pdbx_database_id_DOI      ? 
# 
loop_
_citation_author.citation_id 
_citation_author.name 
_citation_author.ordinal 
_citation_author.identifier_ORCID 
primary 'Yamashita, S.' 1 ? 
primary 'Nagata, T.'    2 ? 
primary 'Kawazoe, M.'   3 ? 
primary 'Takemoto, C.'  4 ? 
primary 'Muto, Y.'      5 ? 
primary 'Sekine, S.'    6 ? 
primary 'Wakiyama, M.'  7 ? 
primary 'Yokoyama, S.'  8 ? 
# 
_cell.entry_id           3LLH 
_cell.length_a           51.184 
_cell.length_b           51.184 
_cell.length_c           42.828 
_cell.angle_alpha        90.00 
_cell.angle_beta         90.00 
_cell.angle_gamma        120.00 
_cell.Z_PDB              6 
_cell.pdbx_unique_axis   ? 
_cell.length_a_esd       ? 
_cell.length_b_esd       ? 
_cell.length_c_esd       ? 
_cell.angle_alpha_esd    ? 
_cell.angle_beta_esd     ? 
_cell.angle_gamma_esd    ? 
# 
_symmetry.entry_id                         3LLH 
_symmetry.space_group_name_H-M             'P 31' 
_symmetry.pdbx_full_space_group_name_H-M   ? 
_symmetry.cell_setting                     ? 
_symmetry.Int_Tables_number                144 
_symmetry.space_group_name_Hall            ? 
# 
loop_
_entity.id 
_entity.type 
_entity.src_method 
_entity.pdbx_description 
_entity.formula_weight 
_entity.pdbx_number_of_molecules 
_entity.pdbx_ec 
_entity.pdbx_mutation 
_entity.pdbx_fragment 
_entity.details 
1 polymer     man 'RISC-loading complex subunit TARBP2' 9436.872 2  ? ? 'UNP residues 22-105' ? 
2 non-polymer syn 'MALONATE ION'                        102.046  1  ? ? ?                     ? 
3 water       nat water                                 18.015   33 ? ? ?                     ? 
# 
_entity_name_com.entity_id   1 
_entity_name_com.name        'TAR RNA-binding protein 2, Trans-activation-responsive RNA-binding protein' 
# 
_entity_poly.entity_id                      1 
_entity_poly.type                           'polypeptide(L)' 
_entity_poly.nstd_linkage                   no 
_entity_poly.nstd_monomer                   no 
_entity_poly.pdbx_seq_one_letter_code       
;GPLGSHMLAANPGKTPISLLQEYGTRIGKTPVYDLLKAEGQAHQPNFTFRVTVGDTSCTGQGPSKKAAKHKAAEVALKHL
KGGSMLEPAL
;
_entity_poly.pdbx_seq_one_letter_code_can   
;GPLGSHMLAANPGKTPISLLQEYGTRIGKTPVYDLLKAEGQAHQPNFTFRVTVGDTSCTGQGPSKKAAKHKAAEVALKHL
KGGSMLEPAL
;
_entity_poly.pdbx_strand_id                 A,B 
_entity_poly.pdbx_target_identifier         ? 
# 
loop_
_entity_poly_seq.entity_id 
_entity_poly_seq.num 
_entity_poly_seq.mon_id 
_entity_poly_seq.hetero 
1 1  GLY n 
1 2  PRO n 
1 3  LEU n 
1 4  GLY n 
1 5  SER n 
1 6  HIS n 
1 7  MET n 
1 8  LEU n 
1 9  ALA n 
1 10 ALA n 
1 11 ASN n 
1 12 PRO n 
1 13 GLY n 
1 14 LYS n 
1 15 THR n 
1 16 PRO n 
1 17 ILE n 
1 18 SER n 
1 19 LEU n 
1 20 LEU n 
1 21 GLN n 
1 22 GLU n 
1 23 TYR n 
1 24 GLY n 
1 25 THR n 
1 26 ARG n 
1 27 ILE n 
1 28 GLY n 
1 29 LYS n 
1 30 THR n 
1 31 PRO n 
1 32 VAL n 
1 33 TYR n 
1 34 ASP n 
1 35 LEU n 
1 36 LEU n 
1 37 LYS n 
1 38 ALA n 
1 39 GLU n 
1 40 GLY n 
1 41 GLN n 
1 42 ALA n 
1 43 HIS n 
1 44 GLN n 
1 45 PRO n 
1 46 ASN n 
1 47 PHE n 
1 48 THR n 
1 49 PHE n 
1 50 ARG n 
1 51 VAL n 
1 52 THR n 
1 53 VAL n 
1 54 GLY n 
1 55 ASP n 
1 56 THR n 
1 57 SER n 
1 58 CYS n 
1 59 THR n 
1 60 GLY n 
1 61 GLN n 
1 62 GLY n 
1 63 PRO n 
1 64 SER n 
1 65 LYS n 
1 66 LYS n 
1 67 ALA n 
1 68 ALA n 
1 69 LYS n 
1 70 HIS n 
1 71 LYS n 
1 72 ALA n 
1 73 ALA n 
1 74 GLU n 
1 75 VAL n 
1 76 ALA n 
1 77 LEU n 
1 78 LYS n 
1 79 HIS n 
1 80 LEU n 
1 81 LYS n 
1 82 GLY n 
1 83 GLY n 
1 84 SER n 
1 85 MET n 
1 86 LEU n 
1 87 GLU n 
1 88 PRO n 
1 89 ALA n 
1 90 LEU n 
# 
_entity_src_gen.entity_id                          1 
_entity_src_gen.pdbx_src_id                        1 
_entity_src_gen.pdbx_alt_source_flag               sample 
_entity_src_gen.pdbx_seq_type                      ? 
_entity_src_gen.pdbx_beg_seq_num                   ? 
_entity_src_gen.pdbx_end_seq_num                   ? 
_entity_src_gen.gene_src_common_name               human 
_entity_src_gen.gene_src_genus                     ? 
_entity_src_gen.pdbx_gene_src_gene                 6895 
_entity_src_gen.gene_src_species                   ? 
_entity_src_gen.gene_src_strain                    ? 
_entity_src_gen.gene_src_tissue                    ? 
_entity_src_gen.gene_src_tissue_fraction           ? 
_entity_src_gen.gene_src_details                   ? 
_entity_src_gen.pdbx_gene_src_fragment             ? 
_entity_src_gen.pdbx_gene_src_scientific_name      'Homo sapiens' 
_entity_src_gen.pdbx_gene_src_ncbi_taxonomy_id     9606 
_entity_src_gen.pdbx_gene_src_variant              ? 
_entity_src_gen.pdbx_gene_src_cell_line            ? 
_entity_src_gen.pdbx_gene_src_atcc                 ? 
_entity_src_gen.pdbx_gene_src_organ                ? 
_entity_src_gen.pdbx_gene_src_organelle            ? 
_entity_src_gen.pdbx_gene_src_cell                 ? 
_entity_src_gen.pdbx_gene_src_cellular_location    ? 
_entity_src_gen.host_org_common_name               ? 
_entity_src_gen.pdbx_host_org_scientific_name      'Escherichia coli' 
_entity_src_gen.pdbx_host_org_ncbi_taxonomy_id     562 
_entity_src_gen.host_org_genus                     ? 
_entity_src_gen.pdbx_host_org_gene                 ? 
_entity_src_gen.pdbx_host_org_organ                ? 
_entity_src_gen.host_org_species                   ? 
_entity_src_gen.pdbx_host_org_tissue               ? 
_entity_src_gen.pdbx_host_org_tissue_fraction      ? 
_entity_src_gen.pdbx_host_org_strain               'BL21(DE3)' 
_entity_src_gen.pdbx_host_org_variant              ? 
_entity_src_gen.pdbx_host_org_cell_line            ? 
_entity_src_gen.pdbx_host_org_atcc                 ? 
_entity_src_gen.pdbx_host_org_culture_collection   ? 
_entity_src_gen.pdbx_host_org_cell                 ? 
_entity_src_gen.pdbx_host_org_organelle            ? 
_entity_src_gen.pdbx_host_org_cellular_location    ? 
_entity_src_gen.pdbx_host_org_vector_type          PLASMID 
_entity_src_gen.pdbx_host_org_vector               ? 
_entity_src_gen.host_org_details                   ? 
_entity_src_gen.expression_system_id               ? 
_entity_src_gen.plasmid_name                       pGEX6p-2 
_entity_src_gen.plasmid_details                    ? 
_entity_src_gen.pdbx_description                   ? 
# 
_struct_ref.id                         1 
_struct_ref.db_name                    UNP 
_struct_ref.db_code                    TRBP2_HUMAN 
_struct_ref.pdbx_db_accession          Q15633 
_struct_ref.entity_id                  1 
_struct_ref.pdbx_seq_one_letter_code   
;MLAANPGKTPISLLQEYGTRIGKTPVYDLLKAEGQAHQPNFTFRVTVGDTSCTGQGPSKKAAKHKAAEVALKHLKGGSML
EPAL
;
_struct_ref.pdbx_align_begin           22 
_struct_ref.pdbx_db_isoform            ? 
# 
loop_
_struct_ref_seq.align_id 
_struct_ref_seq.ref_id 
_struct_ref_seq.pdbx_PDB_id_code 
_struct_ref_seq.pdbx_strand_id 
_struct_ref_seq.seq_align_beg 
_struct_ref_seq.pdbx_seq_align_beg_ins_code 
_struct_ref_seq.seq_align_end 
_struct_ref_seq.pdbx_seq_align_end_ins_code 
_struct_ref_seq.pdbx_db_accession 
_struct_ref_seq.db_align_beg 
_struct_ref_seq.pdbx_db_align_beg_ins_code 
_struct_ref_seq.db_align_end 
_struct_ref_seq.pdbx_db_align_end_ins_code 
_struct_ref_seq.pdbx_auth_seq_align_beg 
_struct_ref_seq.pdbx_auth_seq_align_end 
1 1 3LLH A 7 ? 90 ? Q15633 22 ? 105 ? 7 90 
2 1 3LLH B 7 ? 90 ? Q15633 22 ? 105 ? 7 90 
# 
loop_
_struct_ref_seq_dif.align_id 
_struct_ref_seq_dif.pdbx_pdb_id_code 
_struct_ref_seq_dif.mon_id 
_struct_ref_seq_dif.pdbx_pdb_strand_id 
_struct_ref_seq_dif.seq_num 
_struct_ref_seq_dif.pdbx_pdb_ins_code 
_struct_ref_seq_dif.pdbx_seq_db_name 
_struct_ref_seq_dif.pdbx_seq_db_accession_code 
_struct_ref_seq_dif.db_mon_id 
_struct_ref_seq_dif.pdbx_seq_db_seq_num 
_struct_ref_seq_dif.details 
_struct_ref_seq_dif.pdbx_auth_seq_num 
_struct_ref_seq_dif.pdbx_ordinal 
1 3LLH GLY A 1 ? UNP Q15633 ? ? 'expression tag' 1 1  
1 3LLH PRO A 2 ? UNP Q15633 ? ? 'expression tag' 2 2  
1 3LLH LEU A 3 ? UNP Q15633 ? ? 'expression tag' 3 3  
1 3LLH GLY A 4 ? UNP Q15633 ? ? 'expression tag' 4 4  
1 3LLH SER A 5 ? UNP Q15633 ? ? 'expression tag' 5 5  
1 3LLH HIS A 6 ? UNP Q15633 ? ? 'expression tag' 6 6  
2 3LLH GLY B 1 ? UNP Q15633 ? ? 'expression tag' 1 7  
2 3LLH PRO B 2 ? UNP Q15633 ? ? 'expression tag' 2 8  
2 3LLH LEU B 3 ? UNP Q15633 ? ? 'expression tag' 3 9  
2 3LLH GLY B 4 ? UNP Q15633 ? ? 'expression tag' 4 10 
2 3LLH SER B 5 ? UNP Q15633 ? ? 'expression tag' 5 11 
2 3LLH HIS B 6 ? UNP Q15633 ? ? 'expression tag' 6 12 
# 
loop_
_chem_comp.id 
_chem_comp.type 
_chem_comp.mon_nstd_flag 
_chem_comp.name 
_chem_comp.pdbx_synonyms 
_chem_comp.formula 
_chem_comp.formula_weight 
ALA 'L-peptide linking' y ALANINE         ? 'C3 H7 N O2'     89.093  
ARG 'L-peptide linking' y ARGININE        ? 'C6 H15 N4 O2 1' 175.209 
ASN 'L-peptide linking' y ASPARAGINE      ? 'C4 H8 N2 O3'    132.118 
ASP 'L-peptide linking' y 'ASPARTIC ACID' ? 'C4 H7 N O4'     133.103 
CYS 'L-peptide linking' y CYSTEINE        ? 'C3 H7 N O2 S'   121.158 
GLN 'L-peptide linking' y GLUTAMINE       ? 'C5 H10 N2 O3'   146.144 
GLU 'L-peptide linking' y 'GLUTAMIC ACID' ? 'C5 H9 N O4'     147.129 
GLY 'peptide linking'   y GLYCINE         ? 'C2 H5 N O2'     75.067  
HIS 'L-peptide linking' y HISTIDINE       ? 'C6 H10 N3 O2 1' 156.162 
HOH non-polymer         . WATER           ? 'H2 O'           18.015  
ILE 'L-peptide linking' y ISOLEUCINE      ? 'C6 H13 N O2'    131.173 
LEU 'L-peptide linking' y LEUCINE         ? 'C6 H13 N O2'    131.173 
LYS 'L-peptide linking' y LYSINE          ? 'C6 H15 N2 O2 1' 147.195 
MET 'L-peptide linking' y METHIONINE      ? 'C5 H11 N O2 S'  149.211 
MLI non-polymer         . 'MALONATE ION'  ? 'C3 H2 O4 -2'    102.046 
PHE 'L-peptide linking' y PHENYLALANINE   ? 'C9 H11 N O2'    165.189 
PRO 'L-peptide linking' y PROLINE         ? 'C5 H9 N O2'     115.130 
SER 'L-peptide linking' y SERINE          ? 'C3 H7 N O3'     105.093 
THR 'L-peptide linking' y THREONINE       ? 'C4 H9 N O3'     119.119 
TYR 'L-peptide linking' y TYROSINE        ? 'C9 H11 N O3'    181.189 
VAL 'L-peptide linking' y VALINE          ? 'C5 H11 N O2'    117.146 
# 
_exptl.entry_id          3LLH 
_exptl.method            'X-RAY DIFFRACTION' 
_exptl.crystals_number   1 
# 
_exptl_crystal.id                    1 
_exptl_crystal.density_meas          ? 
_exptl_crystal.density_Matthews      1.7161 
_exptl_crystal.density_percent_sol   28.3260 
_exptl_crystal.description           ? 
_exptl_crystal.F_000                 ? 
_exptl_crystal.preparation           ? 
# 
_exptl_crystal_grow.crystal_id      1 
_exptl_crystal_grow.method          'VAPOR DIFFUSION, SITTING DROP' 
_exptl_crystal_grow.temp            293.0 
_exptl_crystal_grow.temp_details    ? 
_exptl_crystal_grow.pH              7.0 
_exptl_crystal_grow.pdbx_details    
'1.44M SODIUM MALONATE pH7.0, 0.2M AMMONIUM SULFATE, 0.5% v/v ISOPROPANOL, VAPOR DIFFUSION, SITTING DROP, temperature 293.0K' 
_exptl_crystal_grow.pdbx_pH_range   ? 
# 
_diffrn.id                     1 
_diffrn.ambient_temp           90 
_diffrn.ambient_temp_details   ? 
_diffrn.crystal_id             1 
# 
_diffrn_detector.diffrn_id              1 
_diffrn_detector.detector               CCD 
_diffrn_detector.type                   'ADSC QUANTUM 210' 
_diffrn_detector.pdbx_collection_date   2009-12-17 
_diffrn_detector.details                'RHODIUM-COATED MIRRORS' 
# 
_diffrn_radiation.diffrn_id                        1 
_diffrn_radiation.wavelength_id                    1 
_diffrn_radiation.pdbx_monochromatic_or_laue_m_l   M 
_diffrn_radiation.monochromator                    'ROTATED-INCLINED DOUBLE-CRYSTAL MONOCHROMATOR' 
_diffrn_radiation.pdbx_diffrn_protocol             'SINGLE WAVELENGTH' 
_diffrn_radiation.pdbx_scattering_type             x-ray 
# 
_diffrn_radiation_wavelength.id           1 
_diffrn_radiation_wavelength.wavelength   1.00000 
_diffrn_radiation_wavelength.wt           1.0 
# 
_diffrn_source.diffrn_id                   1 
_diffrn_source.source                      SYNCHROTRON 
_diffrn_source.type                        'PHOTON FACTORY BEAMLINE AR-NW12A' 
_diffrn_source.pdbx_synchrotron_site       'Photon Factory' 
_diffrn_source.pdbx_synchrotron_beamline   AR-NW12A 
_diffrn_source.pdbx_wavelength             ? 
_diffrn_source.pdbx_wavelength_list        1.00000 
# 
_reflns.entry_id                     3LLH 
_reflns.observed_criterion_sigma_I   -3 
_reflns.observed_criterion_sigma_F   ? 
_reflns.d_resolution_low             50.000 
_reflns.d_resolution_high            2.140 
_reflns.number_obs                   6917 
_reflns.number_all                   ? 
_reflns.percent_possible_obs         100.000 
_reflns.pdbx_Rmerge_I_obs            ? 
_reflns.pdbx_Rsym_value              0.152 
_reflns.pdbx_netI_over_sigmaI        12.175 
_reflns.B_iso_Wilson_estimate        15.1 
_reflns.pdbx_redundancy              5.800 
_reflns.R_free_details               ? 
_reflns.limit_h_max                  ? 
_reflns.limit_h_min                  ? 
_reflns.limit_k_max                  ? 
_reflns.limit_k_min                  ? 
_reflns.limit_l_max                  ? 
_reflns.limit_l_min                  ? 
_reflns.observed_criterion_F_max     ? 
_reflns.observed_criterion_F_min     ? 
_reflns.pdbx_chi_squared             ? 
_reflns.pdbx_scaling_rejects         ? 
_reflns.pdbx_diffrn_id               1 
_reflns.pdbx_ordinal                 1 
# 
_reflns_shell.d_res_high             2.14 
_reflns_shell.d_res_low              2.22 
_reflns_shell.percent_possible_all   100 
_reflns_shell.Rmerge_I_obs           0.807 
_reflns_shell.pdbx_Rsym_value        ? 
_reflns_shell.meanI_over_sigI_obs    ? 
_reflns_shell.pdbx_redundancy        5.70 
_reflns_shell.percent_possible_obs   ? 
_reflns_shell.number_unique_all      680 
_reflns_shell.number_measured_all    ? 
_reflns_shell.number_measured_obs    ? 
_reflns_shell.number_unique_obs      ? 
_reflns_shell.pdbx_chi_squared       ? 
_reflns_shell.pdbx_diffrn_id         ? 
_reflns_shell.pdbx_ordinal           1 
# 
_refine.entry_id                                 3LLH 
_refine.ls_number_reflns_obs                     6899 
_refine.ls_number_reflns_all                     ? 
_refine.pdbx_ls_sigma_I                          ? 
_refine.pdbx_ls_sigma_F                          0.0 
_refine.pdbx_data_cutoff_high_absF               749893.72 
_refine.pdbx_data_cutoff_low_absF                0.000000 
_refine.pdbx_data_cutoff_high_rms_absF           ? 
_refine.ls_d_res_low                             44.33 
_refine.ls_d_res_high                            2.14 
_refine.ls_percent_reflns_obs                    99.9 
_refine.ls_R_factor_obs                          0.185 
_refine.ls_R_factor_all                          ? 
_refine.ls_R_factor_R_work                       0.185 
_refine.ls_R_factor_R_free                       0.233 
_refine.ls_R_factor_R_free_error                 0.013 
_refine.ls_R_factor_R_free_error_details         ? 
_refine.ls_percent_reflns_R_free                 4.8 
_refine.ls_number_reflns_R_free                  329 
_refine.ls_number_parameters                     ? 
_refine.ls_number_restraints                     ? 
_refine.occupancy_min                            ? 
_refine.occupancy_max                            ? 
_refine.correlation_coeff_Fo_to_Fc               ? 
_refine.correlation_coeff_Fo_to_Fc_free          ? 
_refine.B_iso_mean                               36.9 
_refine.aniso_B[1][1]                            8.35 
_refine.aniso_B[2][2]                            8.35 
_refine.aniso_B[3][3]                            -16.70 
_refine.aniso_B[1][2]                            0.00 
_refine.aniso_B[1][3]                            0.00 
_refine.aniso_B[2][3]                            0.00 
_refine.solvent_model_details                    'FLAT MODEL' 
_refine.solvent_model_param_ksol                 0.45 
_refine.solvent_model_param_bsol                 71.4207 
_refine.pdbx_solvent_vdw_probe_radii             ? 
_refine.pdbx_solvent_ion_probe_radii             ? 
_refine.pdbx_solvent_shrinkage_radii             ? 
_refine.pdbx_ls_cross_valid_method               THROUGHOUT 
_refine.details                                  'BULK SOLVENT MODEL USED' 
_refine.pdbx_starting_model                      'PDB ENTRY 1RC7' 
_refine.pdbx_method_to_determine_struct          'MOLECULAR REPLACEMENT' 
_refine.pdbx_isotropic_thermal_model             RESTRAINED 
_refine.pdbx_stereochemistry_target_values       ? 
_refine.pdbx_stereochem_target_val_spec_case     ? 
_refine.pdbx_R_Free_selection_details            RANDOM 
_refine.pdbx_overall_ESU_R                       ? 
_refine.pdbx_overall_ESU_R_Free                  ? 
_refine.overall_SU_ML                            ? 
_refine.overall_SU_B                             ? 
_refine.ls_redundancy_reflns_obs                 ? 
_refine.B_iso_min                                ? 
_refine.B_iso_max                                ? 
_refine.overall_SU_R_Cruickshank_DPI             ? 
_refine.overall_SU_R_free                        ? 
_refine.ls_wR_factor_R_free                      ? 
_refine.ls_wR_factor_R_work                      ? 
_refine.overall_FOM_free_R_set                   ? 
_refine.overall_FOM_work_R_set                   ? 
_refine.pdbx_overall_phase_error                 ? 
_refine.pdbx_refine_id                           'X-RAY DIFFRACTION' 
_refine.pdbx_diffrn_id                           1 
_refine.pdbx_TLS_residual_ADP_flag               ? 
_refine.pdbx_overall_SU_R_free_Cruickshank_DPI   ? 
_refine.pdbx_overall_SU_R_Blow_DPI               ? 
_refine.pdbx_overall_SU_R_free_Blow_DPI          ? 
# 
_refine_analyze.entry_id                        3LLH 
_refine_analyze.Luzzati_coordinate_error_obs    0.23 
_refine_analyze.Luzzati_sigma_a_obs             0.29 
_refine_analyze.Luzzati_d_res_low_obs           5.00 
_refine_analyze.Luzzati_coordinate_error_free   0.29 
_refine_analyze.Luzzati_sigma_a_free            0.32 
_refine_analyze.Luzzati_d_res_low_free          ? 
_refine_analyze.number_disordered_residues      ? 
_refine_analyze.occupancy_sum_hydrogen          ? 
_refine_analyze.occupancy_sum_non_hydrogen      ? 
_refine_analyze.pdbx_Luzzati_d_res_high_obs     ? 
_refine_analyze.pdbx_refine_id                  'X-RAY DIFFRACTION' 
# 
_refine_hist.pdbx_refine_id                   'X-RAY DIFFRACTION' 
_refine_hist.cycle_id                         LAST 
_refine_hist.pdbx_number_atoms_protein        983 
_refine_hist.pdbx_number_atoms_nucleic_acid   0 
_refine_hist.pdbx_number_atoms_ligand         7 
_refine_hist.number_atoms_solvent             33 
_refine_hist.number_atoms_total               1023 
_refine_hist.d_res_high                       2.14 
_refine_hist.d_res_low                        44.33 
# 
loop_
_refine_ls_restr.type 
_refine_ls_restr.dev_ideal 
_refine_ls_restr.dev_ideal_target 
_refine_ls_restr.weight 
_refine_ls_restr.number 
_refine_ls_restr.pdbx_refine_id 
_refine_ls_restr.pdbx_restraint_function 
c_bond_d                0.007 ? ? ? 'X-RAY DIFFRACTION' ? 
c_bond_d_na             ?     ? ? ? 'X-RAY DIFFRACTION' ? 
c_bond_d_prot           ?     ? ? ? 'X-RAY DIFFRACTION' ? 
c_angle_d               ?     ? ? ? 'X-RAY DIFFRACTION' ? 
c_angle_d_na            ?     ? ? ? 'X-RAY DIFFRACTION' ? 
c_angle_d_prot          ?     ? ? ? 'X-RAY DIFFRACTION' ? 
c_angle_deg             1.2   ? ? ? 'X-RAY DIFFRACTION' ? 
c_angle_deg_na          ?     ? ? ? 'X-RAY DIFFRACTION' ? 
c_angle_deg_prot        ?     ? ? ? 'X-RAY DIFFRACTION' ? 
c_dihedral_angle_d      22.0  ? ? ? 'X-RAY DIFFRACTION' ? 
c_dihedral_angle_d_na   ?     ? ? ? 'X-RAY DIFFRACTION' ? 
c_dihedral_angle_d_prot ?     ? ? ? 'X-RAY DIFFRACTION' ? 
c_improper_angle_d      0.79  ? ? ? 'X-RAY DIFFRACTION' ? 
c_improper_angle_d_na   ?     ? ? ? 'X-RAY DIFFRACTION' ? 
c_improper_angle_d_prot ?     ? ? ? 'X-RAY DIFFRACTION' ? 
c_mcbond_it             ?     ? ? ? 'X-RAY DIFFRACTION' ? 
c_mcangle_it            ?     ? ? ? 'X-RAY DIFFRACTION' ? 
c_scbond_it             ?     ? ? ? 'X-RAY DIFFRACTION' ? 
c_scangle_it            ?     ? ? ? 'X-RAY DIFFRACTION' ? 
# 
_refine_ls_shell.pdbx_total_number_of_bins_used   6 
_refine_ls_shell.d_res_high                       2.14 
_refine_ls_shell.d_res_low                        2.27 
_refine_ls_shell.number_reflns_R_work             1076 
_refine_ls_shell.R_factor_R_work                  0.256 
_refine_ls_shell.percent_reflns_obs               99.8 
_refine_ls_shell.R_factor_R_free                  0.299 
_refine_ls_shell.R_factor_R_free_error            0.038 
_refine_ls_shell.percent_reflns_R_free            5.4 
_refine_ls_shell.number_reflns_R_free             61 
_refine_ls_shell.number_reflns_all                ? 
_refine_ls_shell.R_factor_all                     ? 
_refine_ls_shell.number_reflns_obs                1076 
_refine_ls_shell.redundancy_reflns_obs            ? 
_refine_ls_shell.pdbx_refine_id                   'X-RAY DIFFRACTION' 
# 
loop_
_pdbx_xplor_file.pdbx_refine_id 
_pdbx_xplor_file.serial_no 
_pdbx_xplor_file.param_file 
_pdbx_xplor_file.topol_file 
'X-RAY DIFFRACTION' 1 protein_rep.param &_1_TOPOLOGY_INFILE_1 
'X-RAY DIFFRACTION' 2 water_rep.param   &_1_TOPOLOGY_INFILE_2 
'X-RAY DIFFRACTION' 3 mli_msd.param     &_1_TOPOLOGY_INFILE_3 
'X-RAY DIFFRACTION' 4 ?                 &_1_TOPOLOGY_INFILE_4 
'X-RAY DIFFRACTION' 5 ?                 &_1_TOPOLOGY_INFILE_5 
# 
_struct.entry_id                  3LLH 
_struct.title                     'Crystal structure of the first dsRBD of TAR RNA-binding protein 2' 
_struct.pdbx_model_details        ? 
_struct.pdbx_CASP_flag            ? 
_struct.pdbx_model_type_details   ? 
# 
_struct_keywords.entry_id        3LLH 
_struct_keywords.pdbx_keywords   'RNA BINDING PROTEIN' 
_struct_keywords.text            'dsRBD, DSRM, microRNA, RNA BINDING PROTEIN' 
# 
loop_
_struct_asym.id 
_struct_asym.pdbx_blank_PDB_chainid_flag 
_struct_asym.pdbx_modified 
_struct_asym.entity_id 
_struct_asym.details 
A N N 1 ? 
B N N 1 ? 
C N N 2 ? 
D N N 3 ? 
E N N 3 ? 
# 
_struct_biol.id        1 
_struct_biol.details   ? 
# 
loop_
_struct_conf.conf_type_id 
_struct_conf.id 
_struct_conf.pdbx_PDB_helix_id 
_struct_conf.beg_label_comp_id 
_struct_conf.beg_label_asym_id 
_struct_conf.beg_label_seq_id 
_struct_conf.pdbx_beg_PDB_ins_code 
_struct_conf.end_label_comp_id 
_struct_conf.end_label_asym_id 
_struct_conf.end_label_seq_id 
_struct_conf.pdbx_end_PDB_ins_code 
_struct_conf.beg_auth_comp_id 
_struct_conf.beg_auth_asym_id 
_struct_conf.beg_auth_seq_id 
_struct_conf.end_auth_comp_id 
_struct_conf.end_auth_asym_id 
_struct_conf.end_auth_seq_id 
_struct_conf.pdbx_PDB_helix_class 
_struct_conf.details 
_struct_conf.pdbx_PDB_helix_length 
HELX_P HELX_P1 1 THR A 15 ? ILE A 27 ? THR A 15 ILE A 27 1 ? 13 
HELX_P HELX_P2 2 SER A 64 ? LYS A 81 ? SER A 64 LYS A 81 1 ? 18 
HELX_P HELX_P3 3 THR B 15 ? ILE B 27 ? THR B 15 ILE B 27 1 ? 13 
HELX_P HELX_P4 4 SER B 64 ? LYS B 81 ? SER B 64 LYS B 81 1 ? 18 
# 
_struct_conf_type.id          HELX_P 
_struct_conf_type.criteria    ? 
_struct_conf_type.reference   ? 
# 
loop_
_struct_sheet.id 
_struct_sheet.type 
_struct_sheet.number_strands 
_struct_sheet.details 
A ? 3 ? 
B ? 3 ? 
# 
loop_
_struct_sheet_order.sheet_id 
_struct_sheet_order.range_id_1 
_struct_sheet_order.range_id_2 
_struct_sheet_order.offset 
_struct_sheet_order.sense 
A 1 2 ? anti-parallel 
A 2 3 ? anti-parallel 
B 1 2 ? anti-parallel 
B 2 3 ? anti-parallel 
# 
loop_
_struct_sheet_range.sheet_id 
_struct_sheet_range.id 
_struct_sheet_range.beg_label_comp_id 
_struct_sheet_range.beg_label_asym_id 
_struct_sheet_range.beg_label_seq_id 
_struct_sheet_range.pdbx_beg_PDB_ins_code 
_struct_sheet_range.end_label_comp_id 
_struct_sheet_range.end_label_asym_id 
_struct_sheet_range.end_label_seq_id 
_struct_sheet_range.pdbx_end_PDB_ins_code 
_struct_sheet_range.beg_auth_comp_id 
_struct_sheet_range.beg_auth_asym_id 
_struct_sheet_range.beg_auth_seq_id 
_struct_sheet_range.end_auth_comp_id 
_struct_sheet_range.end_auth_asym_id 
_struct_sheet_range.end_auth_seq_id 
A 1 VAL A 32 ? ALA A 38 ? VAL A 32 ALA A 38 
A 2 PHE A 47 ? VAL A 53 ? PHE A 47 VAL A 53 
A 3 THR A 56 ? GLY A 62 ? THR A 56 GLY A 62 
B 1 VAL B 32 ? GLU B 39 ? VAL B 32 GLU B 39 
B 2 ASN B 46 ? VAL B 53 ? ASN B 46 VAL B 53 
B 3 THR B 56 ? GLY B 62 ? THR B 56 GLY B 62 
# 
loop_
_pdbx_struct_sheet_hbond.sheet_id 
_pdbx_struct_sheet_hbond.range_id_1 
_pdbx_struct_sheet_hbond.range_id_2 
_pdbx_struct_sheet_hbond.range_1_label_atom_id 
_pdbx_struct_sheet_hbond.range_1_label_comp_id 
_pdbx_struct_sheet_hbond.range_1_label_asym_id 
_pdbx_struct_sheet_hbond.range_1_label_seq_id 
_pdbx_struct_sheet_hbond.range_1_PDB_ins_code 
_pdbx_struct_sheet_hbond.range_1_auth_atom_id 
_pdbx_struct_sheet_hbond.range_1_auth_comp_id 
_pdbx_struct_sheet_hbond.range_1_auth_asym_id 
_pdbx_struct_sheet_hbond.range_1_auth_seq_id 
_pdbx_struct_sheet_hbond.range_2_label_atom_id 
_pdbx_struct_sheet_hbond.range_2_label_comp_id 
_pdbx_struct_sheet_hbond.range_2_label_asym_id 
_pdbx_struct_sheet_hbond.range_2_label_seq_id 
_pdbx_struct_sheet_hbond.range_2_PDB_ins_code 
_pdbx_struct_sheet_hbond.range_2_auth_atom_id 
_pdbx_struct_sheet_hbond.range_2_auth_comp_id 
_pdbx_struct_sheet_hbond.range_2_auth_asym_id 
_pdbx_struct_sheet_hbond.range_2_auth_seq_id 
A 1 2 N LEU A 36 ? N LEU A 36 O THR A 48 ? O THR A 48 
A 2 3 N VAL A 53 ? N VAL A 53 O THR A 56 ? O THR A 56 
B 1 2 N LEU B 36 ? N LEU B 36 O THR B 48 ? O THR B 48 
B 2 3 N VAL B 53 ? N VAL B 53 O THR B 56 ? O THR B 56 
# 
_struct_site.id                   AC1 
_struct_site.pdbx_evidence_code   Software 
_struct_site.pdbx_auth_asym_id    B 
_struct_site.pdbx_auth_comp_id    MLI 
_struct_site.pdbx_auth_seq_id     101 
_struct_site.pdbx_auth_ins_code   ? 
_struct_site.pdbx_num_residues    9 
_struct_site.details              'BINDING SITE FOR RESIDUE MLI B 101' 
# 
loop_
_struct_site_gen.id 
_struct_site_gen.site_id 
_struct_site_gen.pdbx_num_res 
_struct_site_gen.label_comp_id 
_struct_site_gen.label_asym_id 
_struct_site_gen.label_seq_id 
_struct_site_gen.pdbx_auth_ins_code 
_struct_site_gen.auth_comp_id 
_struct_site_gen.auth_asym_id 
_struct_site_gen.auth_seq_id 
_struct_site_gen.label_atom_id 
_struct_site_gen.label_alt_id 
_struct_site_gen.symmetry 
_struct_site_gen.details 
1 AC1 9 ILE A 17 ? ILE A 17  . ? 1_555 ? 
2 AC1 9 TYR A 33 ? TYR A 33  . ? 1_555 ? 
3 AC1 9 ARG A 50 ? ARG A 50  . ? 2_665 ? 
4 AC1 9 SER A 57 ? SER A 57  . ? 2_665 ? 
5 AC1 9 CYS A 58 ? CYS A 58  . ? 2_665 ? 
6 AC1 9 THR A 59 ? THR A 59  . ? 2_665 ? 
7 AC1 9 LYS A 69 ? LYS A 69  . ? 1_555 ? 
8 AC1 9 ARG B 26 ? ARG B 26  . ? 1_555 ? 
9 AC1 9 HOH E .  ? HOH B 110 . ? 1_555 ? 
# 
_atom_sites.entry_id                    3LLH 
_atom_sites.fract_transf_matrix[1][1]   -0.00190701 
_atom_sites.fract_transf_matrix[1][2]   0.00363093 
_atom_sites.fract_transf_matrix[1][3]   -0.02218361 
_atom_sites.fract_transf_matrix[2][1]   0.00049504 
_atom_sites.fract_transf_matrix[2][2]   0.02106278 
_atom_sites.fract_transf_matrix[2][3]   -0.00806647 
_atom_sites.fract_transf_matrix[3][1]   0.02320093 
_atom_sites.fract_transf_matrix[3][2]   -0.00139666 
_atom_sites.fract_transf_matrix[3][3]   -0.00222307 
_atom_sites.fract_transf_vector[1]      0.056816 
_atom_sites.fract_transf_vector[2]      0.794632 
_atom_sites.fract_transf_vector[3]      0.410003 
# 
loop_
_atom_type.symbol 
C 
N 
O 
S 
# 
loop_
_atom_site.group_PDB 
_atom_site.id 
_atom_site.type_symbol 
_atom_site.label_atom_id 
_atom_site.label_alt_id 
_atom_site.label_comp_id 
_atom_site.label_asym_id 
_atom_site.label_entity_id 
_atom_site.label_seq_id 
_atom_site.pdbx_PDB_ins_code 
_atom_site.Cartn_x 
_atom_site.Cartn_y 
_atom_site.Cartn_z 
_atom_site.occupancy 
_atom_site.B_iso_or_equiv 
_atom_site.pdbx_formal_charge 
_atom_site.auth_seq_id 
_atom_site.auth_comp_id 
_atom_site.auth_asym_id 
_atom_site.auth_atom_id 
_atom_site.pdbx_PDB_model_num 
ATOM   1    N N   . GLY A 1 13 ? 0.480   -6.746  8.038   1.00 69.90 ? 13  GLY A N   1 
ATOM   2    C CA  . GLY A 1 13 ? 0.826   -5.587  7.162   1.00 65.81 ? 13  GLY A CA  1 
ATOM   3    C C   . GLY A 1 13 ? 1.025   -5.957  5.702   1.00 65.03 ? 13  GLY A C   1 
ATOM   4    O O   . GLY A 1 13 ? 1.910   -5.414  5.037   1.00 65.63 ? 13  GLY A O   1 
ATOM   5    N N   . LYS A 1 14 ? 0.209   -6.881  5.198   1.00 61.05 ? 14  LYS A N   1 
ATOM   6    C CA  . LYS A 1 14 ? 0.315   -7.306  3.804   1.00 51.99 ? 14  LYS A CA  1 
ATOM   7    C C   . LYS A 1 14 ? -0.674  -6.589  2.899   1.00 43.26 ? 14  LYS A C   1 
ATOM   8    O O   . LYS A 1 14 ? -1.771  -6.225  3.309   1.00 41.97 ? 14  LYS A O   1 
ATOM   9    C CB  . LYS A 1 14 ? 0.117   -8.820  3.677   1.00 53.97 ? 14  LYS A CB  1 
ATOM   10   C CG  . LYS A 1 14 ? 1.295   -9.637  4.182   1.00 62.86 ? 14  LYS A CG  1 
ATOM   11   C CD  . LYS A 1 14 ? 2.593   -9.190  3.505   1.00 71.99 ? 14  LYS A CD  1 
ATOM   12   C CE  . LYS A 1 14 ? 3.802   -9.977  4.004   1.00 71.10 ? 14  LYS A CE  1 
ATOM   13   N NZ  . LYS A 1 14 ? 5.071   -9.470  3.407   1.00 67.50 ? 14  LYS A NZ  1 
ATOM   14   N N   . THR A 1 15 ? -0.270  -6.397  1.653   1.00 37.00 ? 15  THR A N   1 
ATOM   15   C CA  . THR A 1 15 ? -1.100  -5.721  0.676   1.00 32.37 ? 15  THR A CA  1 
ATOM   16   C C   . THR A 1 15 ? -2.091  -6.703  0.046   1.00 31.65 ? 15  THR A C   1 
ATOM   17   O O   . THR A 1 15 ? -1.994  -7.920  0.252   1.00 34.44 ? 15  THR A O   1 
ATOM   18   C CB  . THR A 1 15 ? -0.223  -5.106  -0.439  1.00 35.58 ? 15  THR A CB  1 
ATOM   19   O OG1 . THR A 1 15 ? 0.433   -6.152  -1.167  1.00 33.15 ? 15  THR A OG1 1 
ATOM   20   C CG2 . THR A 1 15 ? 0.833   -4.201  0.157   1.00 27.11 ? 15  THR A CG2 1 
ATOM   21   N N   . PRO A 1 16 ? -3.082  -6.179  -0.692  1.00 29.00 ? 16  PRO A N   1 
ATOM   22   C CA  . PRO A 1 16 ? -4.096  -6.995  -1.369  1.00 27.63 ? 16  PRO A CA  1 
ATOM   23   C C   . PRO A 1 16 ? -3.413  -7.913  -2.384  1.00 29.76 ? 16  PRO A C   1 
ATOM   24   O O   . PRO A 1 16 ? -3.778  -9.077  -2.529  1.00 29.00 ? 16  PRO A O   1 
ATOM   25   C CB  . PRO A 1 16 ? -4.974  -5.951  -2.042  1.00 30.06 ? 16  PRO A CB  1 
ATOM   26   C CG  . PRO A 1 16 ? -4.967  -4.836  -1.032  1.00 26.62 ? 16  PRO A CG  1 
ATOM   27   C CD  . PRO A 1 16 ? -3.493  -4.761  -0.658  1.00 31.19 ? 16  PRO A CD  1 
ATOM   28   N N   . ILE A 1 17 ? -2.403  -7.371  -3.061  1.00 24.44 ? 17  ILE A N   1 
ATOM   29   C CA  . ILE A 1 17 ? -1.640  -8.110  -4.060  1.00 25.95 ? 17  ILE A CA  1 
ATOM   30   C C   . ILE A 1 17 ? -1.012  -9.371  -3.465  1.00 33.12 ? 17  ILE A C   1 
ATOM   31   O O   . ILE A 1 17 ? -1.105  -10.448 -4.047  1.00 30.82 ? 17  ILE A O   1 
ATOM   32   C CB  . ILE A 1 17 ? -0.515  -7.235  -4.664  1.00 25.17 ? 17  ILE A CB  1 
ATOM   33   C CG1 . ILE A 1 17 ? -1.120  -6.066  -5.442  1.00 23.70 ? 17  ILE A CG1 1 
ATOM   34   C CG2 . ILE A 1 17 ? 0.378   -8.077  -5.577  1.00 21.52 ? 17  ILE A CG2 1 
ATOM   35   C CD1 . ILE A 1 17 ? -0.089  -5.131  -6.063  1.00 22.58 ? 17  ILE A CD1 1 
ATOM   36   N N   . SER A 1 18 ? -0.372  -9.241  -2.307  1.00 31.27 ? 18  SER A N   1 
ATOM   37   C CA  . SER A 1 18 ? 0.258   -10.401 -1.683  1.00 33.03 ? 18  SER A CA  1 
ATOM   38   C C   . SER A 1 18 ? -0.795  -11.293 -1.032  1.00 30.74 ? 18  SER A C   1 
ATOM   39   O O   . SER A 1 18 ? -0.625  -12.506 -0.948  1.00 30.86 ? 18  SER A O   1 
ATOM   40   C CB  . SER A 1 18 ? 1.306   -9.961  -0.654  1.00 33.77 ? 18  SER A CB  1 
ATOM   41   O OG  . SER A 1 18 ? 0.733   -9.135  0.345   1.00 49.50 ? 18  SER A OG  1 
ATOM   42   N N   . LEU A 1 19 ? -1.887  -10.696 -0.573  1.00 33.48 ? 19  LEU A N   1 
ATOM   43   C CA  . LEU A 1 19 ? -2.956  -11.478 0.027   1.00 30.72 ? 19  LEU A CA  1 
ATOM   44   C C   . LEU A 1 19 ? -3.621  -12.340 -1.048  1.00 28.81 ? 19  LEU A C   1 
ATOM   45   O O   . LEU A 1 19 ? -3.815  -13.548 -0.866  1.00 23.01 ? 19  LEU A O   1 
ATOM   46   C CB  . LEU A 1 19 ? -3.989  -10.558 0.660   1.00 39.15 ? 19  LEU A CB  1 
ATOM   47   C CG  . LEU A 1 19 ? -3.545  -9.867  1.949   1.00 46.56 ? 19  LEU A CG  1 
ATOM   48   C CD1 . LEU A 1 19 ? -4.652  -8.922  2.415   1.00 41.78 ? 19  LEU A CD1 1 
ATOM   49   C CD2 . LEU A 1 19 ? -3.235  -10.921 3.016   1.00 36.39 ? 19  LEU A CD2 1 
ATOM   50   N N   . LEU A 1 20 ? -3.959  -11.710 -2.169  1.00 23.48 ? 20  LEU A N   1 
ATOM   51   C CA  . LEU A 1 20 ? -4.595  -12.405 -3.280  1.00 22.17 ? 20  LEU A CA  1 
ATOM   52   C C   . LEU A 1 20 ? -3.653  -13.519 -3.744  1.00 23.18 ? 20  LEU A C   1 
ATOM   53   O O   . LEU A 1 20 ? -4.063  -14.640 -4.016  1.00 26.50 ? 20  LEU A O   1 
ATOM   54   C CB  . LEU A 1 20 ? -4.870  -11.421 -4.418  1.00 18.95 ? 20  LEU A CB  1 
ATOM   55   C CG  . LEU A 1 20 ? -5.690  -11.955 -5.595  1.00 21.22 ? 20  LEU A CG  1 
ATOM   56   C CD1 . LEU A 1 20 ? -7.024  -12.475 -5.064  1.00 20.95 ? 20  LEU A CD1 1 
ATOM   57   C CD2 . LEU A 1 20 ? -5.923  -10.830 -6.630  1.00 19.79 ? 20  LEU A CD2 1 
ATOM   58   N N   . GLN A 1 21 ? -2.377  -13.185 -3.810  1.00 24.92 ? 21  GLN A N   1 
ATOM   59   C CA  . GLN A 1 21 ? -1.341  -14.117 -4.209  1.00 26.99 ? 21  GLN A CA  1 
ATOM   60   C C   . GLN A 1 21 ? -1.331  -15.369 -3.326  1.00 31.84 ? 21  GLN A C   1 
ATOM   61   O O   . GLN A 1 21 ? -1.395  -16.498 -3.823  1.00 25.92 ? 21  GLN A O   1 
ATOM   62   C CB  . GLN A 1 21 ? 0.008   -13.396 -4.125  1.00 32.79 ? 21  GLN A CB  1 
ATOM   63   C CG  . GLN A 1 21 ? 1.228   -14.285 -4.136  1.00 38.25 ? 21  GLN A CG  1 
ATOM   64   C CD  . GLN A 1 21 ? 1.238   -15.172 -5.335  1.00 45.23 ? 21  GLN A CD  1 
ATOM   65   O OE1 . GLN A 1 21 ? 0.699   -14.807 -6.379  1.00 50.04 ? 21  GLN A OE1 1 
ATOM   66   N NE2 . GLN A 1 21 ? 1.856   -16.344 -5.210  1.00 44.94 ? 21  GLN A NE2 1 
ATOM   67   N N   . GLU A 1 22 ? -1.248  -15.158 -2.016  1.00 30.83 ? 22  GLU A N   1 
ATOM   68   C CA  . GLU A 1 22 ? -1.204  -16.246 -1.043  1.00 38.44 ? 22  GLU A CA  1 
ATOM   69   C C   . GLU A 1 22 ? -2.466  -17.101 -1.034  1.00 35.38 ? 22  GLU A C   1 
ATOM   70   O O   . GLU A 1 22 ? -2.392  -18.329 -1.076  1.00 35.51 ? 22  GLU A O   1 
ATOM   71   C CB  . GLU A 1 22 ? -0.946  -15.675 0.351   1.00 48.41 ? 22  GLU A CB  1 
ATOM   72   C CG  . GLU A 1 22 ? 0.453   -15.092 0.522   1.00 68.30 ? 22  GLU A CG  1 
ATOM   73   C CD  . GLU A 1 22 ? 0.662   -14.444 1.885   1.00 80.84 ? 22  GLU A CD  1 
ATOM   74   O OE1 . GLU A 1 22 ? 0.384   -15.112 2.907   1.00 86.36 ? 22  GLU A OE1 1 
ATOM   75   O OE2 . GLU A 1 22 ? 1.107   -13.272 1.936   1.00 87.11 ? 22  GLU A OE2 1 
ATOM   76   N N   . TYR A 1 23 ? -3.619  -16.447 -0.965  1.00 35.95 ? 23  TYR A N   1 
ATOM   77   C CA  . TYR A 1 23 ? -4.905  -17.142 -0.983  1.00 34.79 ? 23  TYR A CA  1 
ATOM   78   C C   . TYR A 1 23 ? -5.018  -17.942 -2.280  1.00 34.46 ? 23  TYR A C   1 
ATOM   79   O O   . TYR A 1 23 ? -5.220  -19.160 -2.257  1.00 28.08 ? 23  TYR A O   1 
ATOM   80   C CB  . TYR A 1 23 ? -6.046  -16.123 -0.913  1.00 40.29 ? 23  TYR A CB  1 
ATOM   81   C CG  . TYR A 1 23 ? -7.418  -16.664 -1.278  1.00 54.24 ? 23  TYR A CG  1 
ATOM   82   C CD1 . TYR A 1 23 ? -8.092  -17.552 -0.435  1.00 55.64 ? 23  TYR A CD1 1 
ATOM   83   C CD2 . TYR A 1 23 ? -8.056  -16.262 -2.455  1.00 55.13 ? 23  TYR A CD2 1 
ATOM   84   C CE1 . TYR A 1 23 ? -9.372  -18.020 -0.748  1.00 58.27 ? 23  TYR A CE1 1 
ATOM   85   C CE2 . TYR A 1 23 ? -9.334  -16.726 -2.781  1.00 62.09 ? 23  TYR A CE2 1 
ATOM   86   C CZ  . TYR A 1 23 ? -9.988  -17.604 -1.923  1.00 63.85 ? 23  TYR A CZ  1 
ATOM   87   O OH  . TYR A 1 23 ? -11.250 -18.068 -2.239  1.00 63.34 ? 23  TYR A OH  1 
ATOM   88   N N   . GLY A 1 24 ? -4.879  -17.236 -3.404  1.00 29.50 ? 24  GLY A N   1 
ATOM   89   C CA  . GLY A 1 24 ? -4.974  -17.858 -4.714  1.00 29.11 ? 24  GLY A CA  1 
ATOM   90   C C   . GLY A 1 24 ? -4.159  -19.128 -4.873  1.00 30.52 ? 24  GLY A C   1 
ATOM   91   O O   . GLY A 1 24 ? -4.669  -20.142 -5.363  1.00 29.27 ? 24  GLY A O   1 
ATOM   92   N N   . THR A 1 25 ? -2.896  -19.076 -4.454  1.00 33.61 ? 25  THR A N   1 
ATOM   93   C CA  . THR A 1 25 ? -2.007  -20.229 -4.549  1.00 38.60 ? 25  THR A CA  1 
ATOM   94   C C   . THR A 1 25 ? -2.457  -21.375 -3.654  1.00 37.83 ? 25  THR A C   1 
ATOM   95   O O   . THR A 1 25 ? -2.253  -22.543 -3.987  1.00 43.17 ? 25  THR A O   1 
ATOM   96   C CB  . THR A 1 25 ? -0.553  -19.871 -4.162  1.00 40.48 ? 25  THR A CB  1 
ATOM   97   O OG1 . THR A 1 25 ? -0.061  -18.851 -5.033  1.00 45.59 ? 25  THR A OG1 1 
ATOM   98   C CG2 . THR A 1 25 ? 0.352   -21.099 -4.281  1.00 43.16 ? 25  THR A CG2 1 
ATOM   99   N N   . ARG A 1 26 ? -3.054  -21.043 -2.514  1.00 37.60 ? 26  ARG A N   1 
ATOM   100  C CA  . ARG A 1 26 ? -3.526  -22.070 -1.597  1.00 36.71 ? 26  ARG A CA  1 
ATOM   101  C C   . ARG A 1 26 ? -4.725  -22.834 -2.169  1.00 34.71 ? 26  ARG A C   1 
ATOM   102  O O   . ARG A 1 26 ? -4.830  -24.047 -1.989  1.00 33.80 ? 26  ARG A O   1 
ATOM   103  C CB  . ARG A 1 26 ? -3.909  -21.448 -0.251  1.00 40.65 ? 26  ARG A CB  1 
ATOM   104  C CG  . ARG A 1 26 ? -2.733  -20.963 0.578   1.00 48.73 ? 26  ARG A CG  1 
ATOM   105  C CD  . ARG A 1 26 ? -3.239  -20.301 1.845   1.00 62.61 ? 26  ARG A CD  1 
ATOM   106  N NE  . ARG A 1 26 ? -2.169  -19.905 2.756   1.00 73.74 ? 26  ARG A NE  1 
ATOM   107  C CZ  . ARG A 1 26 ? -2.369  -19.273 3.910   1.00 81.22 ? 26  ARG A CZ  1 
ATOM   108  N NH1 . ARG A 1 26 ? -3.603  -18.962 4.292   1.00 83.19 ? 26  ARG A NH1 1 
ATOM   109  N NH2 . ARG A 1 26 ? -1.341  -18.959 4.690   1.00 84.24 ? 26  ARG A NH2 1 
ATOM   110  N N   . ILE A 1 27 ? -5.622  -22.134 -2.861  1.00 30.50 ? 27  ILE A N   1 
ATOM   111  C CA  . ILE A 1 27 ? -6.799  -22.782 -3.433  1.00 33.61 ? 27  ILE A CA  1 
ATOM   112  C C   . ILE A 1 27 ? -6.663  -23.144 -4.910  1.00 32.30 ? 27  ILE A C   1 
ATOM   113  O O   . ILE A 1 27 ? -7.648  -23.509 -5.555  1.00 33.66 ? 27  ILE A O   1 
ATOM   114  C CB  . ILE A 1 27 ? -8.067  -21.918 -3.270  1.00 35.61 ? 27  ILE A CB  1 
ATOM   115  C CG1 . ILE A 1 27 ? -7.857  -20.558 -3.942  1.00 37.92 ? 27  ILE A CG1 1 
ATOM   116  C CG2 . ILE A 1 27 ? -8.412  -21.778 -1.792  1.00 33.80 ? 27  ILE A CG2 1 
ATOM   117  C CD1 . ILE A 1 27 ? -9.125  -19.756 -4.091  1.00 47.96 ? 27  ILE A CD1 1 
ATOM   118  N N   . GLY A 1 28 ? -5.448  -23.041 -5.443  1.00 29.50 ? 28  GLY A N   1 
ATOM   119  C CA  . GLY A 1 28 ? -5.217  -23.386 -6.839  1.00 24.43 ? 28  GLY A CA  1 
ATOM   120  C C   . GLY A 1 28 ? -5.654  -22.356 -7.864  1.00 30.12 ? 28  GLY A C   1 
ATOM   121  O O   . GLY A 1 28 ? -6.018  -22.706 -8.993  1.00 26.59 ? 28  GLY A O   1 
ATOM   122  N N   . LYS A 1 29 ? -5.620  -21.084 -7.484  1.00 23.22 ? 29  LYS A N   1 
ATOM   123  C CA  . LYS A 1 29 ? -6.013  -20.022 -8.396  1.00 22.24 ? 29  LYS A CA  1 
ATOM   124  C C   . LYS A 1 29 ? -5.059  -18.847 -8.273  1.00 18.12 ? 29  LYS A C   1 
ATOM   125  O O   . LYS A 1 29 ? -5.472  -17.759 -7.885  1.00 22.62 ? 29  LYS A O   1 
ATOM   126  C CB  . LYS A 1 29 ? -7.431  -19.550 -8.081  1.00 26.34 ? 29  LYS A CB  1 
ATOM   127  C CG  . LYS A 1 29 ? -8.486  -20.632 -8.164  1.00 24.64 ? 29  LYS A CG  1 
ATOM   128  C CD  . LYS A 1 29 ? -9.850  -20.056 -7.809  1.00 24.32 ? 29  LYS A CD  1 
ATOM   129  C CE  . LYS A 1 29 ? -10.926 -21.120 -7.850  1.00 32.42 ? 29  LYS A CE  1 
ATOM   130  N NZ  . LYS A 1 29 ? -12.244 -20.587 -7.410  1.00 34.88 ? 29  LYS A NZ  1 
ATOM   131  N N   . THR A 1 30 ? -3.785  -19.073 -8.585  1.00 23.16 ? 30  THR A N   1 
ATOM   132  C CA  . THR A 1 30 ? -2.773  -18.021 -8.512  1.00 23.51 ? 30  THR A CA  1 
ATOM   133  C C   . THR A 1 30 ? -3.162  -16.868 -9.438  1.00 24.82 ? 30  THR A C   1 
ATOM   134  O O   . THR A 1 30 ? -3.397  -17.068 -10.630 1.00 24.18 ? 30  THR A O   1 
ATOM   135  C CB  . THR A 1 30 ? -1.391  -18.567 -8.918  1.00 25.36 ? 30  THR A CB  1 
ATOM   136  O OG1 . THR A 1 30 ? -1.032  -19.639 -8.033  1.00 26.99 ? 30  THR A OG1 1 
ATOM   137  C CG2 . THR A 1 30 ? -0.330  -17.474 -8.848  1.00 15.40 ? 30  THR A CG2 1 
ATOM   138  N N   . PRO A 1 31 ? -3.239  -15.641 -8.897  1.00 22.14 ? 31  PRO A N   1 
ATOM   139  C CA  . PRO A 1 31 ? -3.620  -14.526 -9.766  1.00 21.53 ? 31  PRO A CA  1 
ATOM   140  C C   . PRO A 1 31 ? -2.664  -14.266 -10.916 1.00 26.22 ? 31  PRO A C   1 
ATOM   141  O O   . PRO A 1 31 ? -1.445  -14.402 -10.779 1.00 21.43 ? 31  PRO A O   1 
ATOM   142  C CB  . PRO A 1 31 ? -3.714  -13.333 -8.800  1.00 18.95 ? 31  PRO A CB  1 
ATOM   143  C CG  . PRO A 1 31 ? -2.771  -13.690 -7.684  1.00 19.22 ? 31  PRO A CG  1 
ATOM   144  C CD  . PRO A 1 31 ? -2.984  -15.186 -7.515  1.00 27.00 ? 31  PRO A CD  1 
ATOM   145  N N   . VAL A 1 32 ? -3.233  -13.914 -12.063 1.00 22.77 ? 32  VAL A N   1 
ATOM   146  C CA  . VAL A 1 32 ? -2.430  -13.572 -13.229 1.00 19.60 ? 32  VAL A CA  1 
ATOM   147  C C   . VAL A 1 32 ? -2.938  -12.205 -13.661 1.00 17.12 ? 32  VAL A C   1 
ATOM   148  O O   . VAL A 1 32 ? -4.144  -11.965 -13.648 1.00 16.81 ? 32  VAL A O   1 
ATOM   149  C CB  . VAL A 1 32 ? -2.616  -14.592 -14.361 1.00 23.74 ? 32  VAL A CB  1 
ATOM   150  C CG1 . VAL A 1 32 ? -1.782  -14.190 -15.569 1.00 22.53 ? 32  VAL A CG1 1 
ATOM   151  C CG2 . VAL A 1 32 ? -2.192  -15.974 -13.870 1.00 18.42 ? 32  VAL A CG2 1 
ATOM   152  N N   . TYR A 1 33 ? -2.020  -11.308 -14.007 1.00 17.09 ? 33  TYR A N   1 
ATOM   153  C CA  . TYR A 1 33 ? -2.359  -9.955  -14.435 1.00 17.27 ? 33  TYR A CA  1 
ATOM   154  C C   . TYR A 1 33 ? -2.063  -9.744  -15.919 1.00 20.02 ? 33  TYR A C   1 
ATOM   155  O O   . TYR A 1 33 ? -1.046  -10.221 -16.421 1.00 22.38 ? 33  TYR A O   1 
ATOM   156  C CB  . TYR A 1 33 ? -1.538  -8.949  -13.640 1.00 18.80 ? 33  TYR A CB  1 
ATOM   157  C CG  . TYR A 1 33 ? -1.828  -8.947  -12.160 1.00 17.42 ? 33  TYR A CG  1 
ATOM   158  C CD1 . TYR A 1 33 ? -2.784  -8.093  -11.625 1.00 17.36 ? 33  TYR A CD1 1 
ATOM   159  C CD2 . TYR A 1 33 ? -1.157  -9.822  -11.294 1.00 24.74 ? 33  TYR A CD2 1 
ATOM   160  C CE1 . TYR A 1 33 ? -3.077  -8.102  -10.255 1.00 26.00 ? 33  TYR A CE1 1 
ATOM   161  C CE2 . TYR A 1 33 ? -1.436  -9.842  -9.931  1.00 22.69 ? 33  TYR A CE2 1 
ATOM   162  C CZ  . TYR A 1 33 ? -2.401  -8.980  -9.416  1.00 23.97 ? 33  TYR A CZ  1 
ATOM   163  O OH  . TYR A 1 33 ? -2.703  -9.006  -8.072  1.00 26.90 ? 33  TYR A OH  1 
ATOM   164  N N   . ASP A 1 34 ? -2.948  -9.028  -16.608 1.00 20.58 ? 34  ASP A N   1 
ATOM   165  C CA  . ASP A 1 34 ? -2.776  -8.713  -18.036 1.00 25.81 ? 34  ASP A CA  1 
ATOM   166  C C   . ASP A 1 34 ? -2.886  -7.211  -18.219 1.00 23.29 ? 34  ASP A C   1 
ATOM   167  O O   . ASP A 1 34 ? -3.889  -6.617  -17.834 1.00 24.07 ? 34  ASP A O   1 
ATOM   168  C CB  . ASP A 1 34 ? -3.872  -9.333  -18.908 1.00 20.52 ? 34  ASP A CB  1 
ATOM   169  C CG  . ASP A 1 34 ? -3.799  -10.843 -18.975 1.00 29.26 ? 34  ASP A CG  1 
ATOM   170  O OD1 . ASP A 1 34 ? -2.783  -11.372 -19.466 1.00 29.57 ? 34  ASP A OD1 1 
ATOM   171  O OD2 . ASP A 1 34 ? -4.775  -11.498 -18.545 1.00 33.29 ? 34  ASP A OD2 1 
ATOM   172  N N   . LEU A 1 35 ? -1.864  -6.586  -18.785 1.00 27.50 ? 35  LEU A N   1 
ATOM   173  C CA  . LEU A 1 35 ? -1.949  -5.157  -19.033 1.00 32.45 ? 35  LEU A CA  1 
ATOM   174  C C   . LEU A 1 35 ? -2.921  -5.024  -20.193 1.00 33.39 ? 35  LEU A C   1 
ATOM   175  O O   . LEU A 1 35 ? -2.719  -5.621  -21.251 1.00 30.23 ? 35  LEU A O   1 
ATOM   176  C CB  . LEU A 1 35 ? -0.595  -4.568  -19.441 1.00 36.03 ? 35  LEU A CB  1 
ATOM   177  C CG  . LEU A 1 35 ? -0.679  -3.126  -19.981 1.00 39.80 ? 35  LEU A CG  1 
ATOM   178  C CD1 . LEU A 1 35 ? -1.272  -2.208  -18.937 1.00 35.28 ? 35  LEU A CD1 1 
ATOM   179  C CD2 . LEU A 1 35 ? 0.701   -2.636  -20.372 1.00 42.69 ? 35  LEU A CD2 1 
ATOM   180  N N   . LEU A 1 36 ? -3.992  -4.271  -19.985 1.00 34.69 ? 36  LEU A N   1 
ATOM   181  C CA  . LEU A 1 36 ? -4.969  -4.075  -21.038 1.00 38.97 ? 36  LEU A CA  1 
ATOM   182  C C   . LEU A 1 36 ? -4.717  -2.748  -21.744 1.00 40.37 ? 36  LEU A C   1 
ATOM   183  O O   . LEU A 1 36 ? -4.590  -2.699  -22.963 1.00 42.73 ? 36  LEU A O   1 
ATOM   184  C CB  . LEU A 1 36 ? -6.386  -4.096  -20.457 1.00 37.82 ? 36  LEU A CB  1 
ATOM   185  C CG  . LEU A 1 36 ? -6.834  -5.373  -19.741 1.00 39.46 ? 36  LEU A CG  1 
ATOM   186  C CD1 . LEU A 1 36 ? -8.323  -5.279  -19.424 1.00 37.27 ? 36  LEU A CD1 1 
ATOM   187  C CD2 . LEU A 1 36 ? -6.573  -6.590  -20.623 1.00 42.93 ? 36  LEU A CD2 1 
ATOM   188  N N   . LYS A 1 37 ? -4.634  -1.674  -20.965 1.00 44.97 ? 37  LYS A N   1 
ATOM   189  C CA  . LYS A 1 37 ? -4.422  -0.337  -21.512 1.00 48.05 ? 37  LYS A CA  1 
ATOM   190  C C   . LYS A 1 37 ? -3.326  0.443   -20.811 1.00 49.36 ? 37  LYS A C   1 
ATOM   191  O O   . LYS A 1 37 ? -3.209  0.417   -19.586 1.00 46.66 ? 37  LYS A O   1 
ATOM   192  C CB  . LYS A 1 37 ? -5.715  0.487   -21.434 1.00 55.83 ? 37  LYS A CB  1 
ATOM   193  C CG  . LYS A 1 37 ? -6.588  0.471   -22.682 1.00 58.38 ? 37  LYS A CG  1 
ATOM   194  C CD  . LYS A 1 37 ? -7.781  1.411   -22.499 1.00 67.92 ? 37  LYS A CD  1 
ATOM   195  C CE  . LYS A 1 37 ? -8.540  1.658   -23.802 1.00 73.08 ? 37  LYS A CE  1 
ATOM   196  N NZ  . LYS A 1 37 ? -9.165  0.428   -24.376 1.00 77.05 ? 37  LYS A NZ  1 
ATOM   197  N N   . ALA A 1 38 ? -2.540  1.153   -21.613 1.00 53.92 ? 38  ALA A N   1 
ATOM   198  C CA  . ALA A 1 38 ? -1.441  1.986   -21.131 1.00 60.63 ? 38  ALA A CA  1 
ATOM   199  C C   . ALA A 1 38 ? -1.470  3.262   -21.965 1.00 64.97 ? 38  ALA A C   1 
ATOM   200  O O   . ALA A 1 38 ? -0.915  3.304   -23.063 1.00 70.01 ? 38  ALA A O   1 
ATOM   201  C CB  . ALA A 1 38 ? -0.107  1.267   -21.319 1.00 56.48 ? 38  ALA A CB  1 
ATOM   202  N N   . GLU A 1 39 ? -2.126  4.297   -21.451 1.00 67.26 ? 39  GLU A N   1 
ATOM   203  C CA  . GLU A 1 39 ? -2.238  5.557   -22.177 1.00 68.03 ? 39  GLU A CA  1 
ATOM   204  C C   . GLU A 1 39 ? -1.667  6.750   -21.414 1.00 65.29 ? 39  GLU A C   1 
ATOM   205  O O   . GLU A 1 39 ? -1.733  6.806   -20.188 1.00 60.39 ? 39  GLU A O   1 
ATOM   206  C CB  . GLU A 1 39 ? -3.708  5.807   -22.525 1.00 72.03 ? 39  GLU A CB  1 
ATOM   207  C CG  . GLU A 1 39 ? -4.646  5.756   -21.329 1.00 74.35 ? 39  GLU A CG  1 
ATOM   208  C CD  . GLU A 1 39 ? -6.097  5.557   -21.733 1.00 82.13 ? 39  GLU A CD  1 
ATOM   209  O OE1 . GLU A 1 39 ? -6.586  6.321   -22.593 1.00 89.37 ? 39  GLU A OE1 1 
ATOM   210  O OE2 . GLU A 1 39 ? -6.753  4.639   -21.189 1.00 85.21 ? 39  GLU A OE2 1 
ATOM   211  N N   . PRO A 1 45 ? -0.036  9.311   -16.952 1.00 65.49 ? 45  PRO A N   1 
ATOM   212  C CA  . PRO A 1 45 ? -0.240  8.000   -17.574 1.00 67.37 ? 45  PRO A CA  1 
ATOM   213  C C   . PRO A 1 45 ? -1.264  7.170   -16.806 1.00 66.62 ? 45  PRO A C   1 
ATOM   214  O O   . PRO A 1 45 ? -1.277  7.175   -15.573 1.00 66.78 ? 45  PRO A O   1 
ATOM   215  C CB  . PRO A 1 45 ? 1.148   7.380   -17.518 1.00 65.99 ? 45  PRO A CB  1 
ATOM   216  C CG  . PRO A 1 45 ? 1.645   7.868   -16.197 1.00 70.61 ? 45  PRO A CG  1 
ATOM   217  C CD  . PRO A 1 45 ? 1.244   9.342   -16.220 1.00 69.64 ? 45  PRO A CD  1 
ATOM   218  N N   . ASN A 1 46 ? -2.122  6.463   -17.539 1.00 62.64 ? 46  ASN A N   1 
ATOM   219  C CA  . ASN A 1 46 ? -3.137  5.628   -16.913 1.00 56.61 ? 46  ASN A CA  1 
ATOM   220  C C   . ASN A 1 46 ? -3.055  4.187   -17.404 1.00 53.49 ? 46  ASN A C   1 
ATOM   221  O O   . ASN A 1 46 ? -3.077  3.913   -18.609 1.00 51.34 ? 46  ASN A O   1 
ATOM   222  C CB  . ASN A 1 46 ? -4.534  6.194   -17.174 1.00 57.64 ? 46  ASN A CB  1 
ATOM   223  C CG  . ASN A 1 46 ? -5.622  5.393   -16.483 1.00 65.49 ? 46  ASN A CG  1 
ATOM   224  O OD1 . ASN A 1 46 ? -5.975  4.297   -16.922 1.00 70.75 ? 46  ASN A OD1 1 
ATOM   225  N ND2 . ASN A 1 46 ? -6.152  5.930   -15.386 1.00 65.88 ? 46  ASN A ND2 1 
ATOM   226  N N   . PHE A 1 47 ? -2.957  3.270   -16.450 1.00 51.02 ? 47  PHE A N   1 
ATOM   227  C CA  . PHE A 1 47 ? -2.859  1.852   -16.752 1.00 40.61 ? 47  PHE A CA  1 
ATOM   228  C C   . PHE A 1 47 ? -4.130  1.118   -16.380 1.00 37.76 ? 47  PHE A C   1 
ATOM   229  O O   . PHE A 1 47 ? -4.763  1.417   -15.367 1.00 36.24 ? 47  PHE A O   1 
ATOM   230  C CB  . PHE A 1 47 ? -1.691  1.240   -15.988 1.00 42.24 ? 47  PHE A CB  1 
ATOM   231  C CG  . PHE A 1 47 ? -0.346  1.623   -16.527 1.00 43.40 ? 47  PHE A CG  1 
ATOM   232  C CD1 . PHE A 1 47 ? 0.154   1.013   -17.675 1.00 41.45 ? 47  PHE A CD1 1 
ATOM   233  C CD2 . PHE A 1 47 ? 0.427   2.582   -15.880 1.00 43.29 ? 47  PHE A CD2 1 
ATOM   234  C CE1 . PHE A 1 47 ? 1.415   1.349   -18.173 1.00 45.20 ? 47  PHE A CE1 1 
ATOM   235  C CE2 . PHE A 1 47 ? 1.692   2.928   -16.366 1.00 47.12 ? 47  PHE A CE2 1 
ATOM   236  C CZ  . PHE A 1 47 ? 2.187   2.307   -17.518 1.00 44.88 ? 47  PHE A CZ  1 
ATOM   237  N N   . THR A 1 48 ? -4.501  0.163   -17.219 1.00 34.49 ? 48  THR A N   1 
ATOM   238  C CA  . THR A 1 48 ? -5.670  -0.656  -16.975 1.00 34.23 ? 48  THR A CA  1 
ATOM   239  C C   . THR A 1 48 ? -5.217  -2.113  -16.967 1.00 32.51 ? 48  THR A C   1 
ATOM   240  O O   . THR A 1 48 ? -4.732  -2.645  -17.967 1.00 27.45 ? 48  THR A O   1 
ATOM   241  C CB  . THR A 1 48 ? -6.754  -0.436  -18.053 1.00 37.63 ? 48  THR A CB  1 
ATOM   242  O OG1 . THR A 1 48 ? -7.257  0.901   -17.952 1.00 40.91 ? 48  THR A OG1 1 
ATOM   243  C CG2 . THR A 1 48 ? -7.906  -1.411  -17.861 1.00 31.93 ? 48  THR A CG2 1 
ATOM   244  N N   . PHE A 1 49 ? -5.357  -2.742  -15.811 1.00 30.45 ? 49  PHE A N   1 
ATOM   245  C CA  . PHE A 1 49 ? -4.967  -4.132  -15.641 1.00 29.61 ? 49  PHE A CA  1 
ATOM   246  C C   . PHE A 1 49 ? -6.135  -5.031  -15.280 1.00 28.34 ? 49  PHE A C   1 
ATOM   247  O O   . PHE A 1 49 ? -7.042  -4.641  -14.545 1.00 28.98 ? 49  PHE A O   1 
ATOM   248  C CB  . PHE A 1 49 ? -3.920  -4.273  -14.525 1.00 31.50 ? 49  PHE A CB  1 
ATOM   249  C CG  . PHE A 1 49 ? -2.492  -4.194  -14.999 1.00 33.38 ? 49  PHE A CG  1 
ATOM   250  C CD1 . PHE A 1 49 ? -1.899  -2.964  -15.278 1.00 27.83 ? 49  PHE A CD1 1 
ATOM   251  C CD2 . PHE A 1 49 ? -1.734  -5.355  -15.147 1.00 27.91 ? 49  PHE A CD2 1 
ATOM   252  C CE1 . PHE A 1 49 ? -0.567  -2.890  -15.694 1.00 34.33 ? 49  PHE A CE1 1 
ATOM   253  C CE2 . PHE A 1 49 ? -0.399  -5.291  -15.565 1.00 30.31 ? 49  PHE A CE2 1 
ATOM   254  C CZ  . PHE A 1 49 ? 0.183   -4.055  -15.837 1.00 34.34 ? 49  PHE A CZ  1 
ATOM   255  N N   . ARG A 1 50 ? -6.097  -6.243  -15.810 1.00 26.11 ? 50  ARG A N   1 
ATOM   256  C CA  . ARG A 1 50 ? -7.097  -7.237  -15.502 1.00 25.45 ? 50  ARG A CA  1 
ATOM   257  C C   . ARG A 1 50 ? -6.350  -8.267  -14.679 1.00 23.77 ? 50  ARG A C   1 
ATOM   258  O O   . ARG A 1 50 ? -5.196  -8.575  -14.971 1.00 29.09 ? 50  ARG A O   1 
ATOM   259  C CB  . ARG A 1 50 ? -7.627  -7.915  -16.771 1.00 26.22 ? 50  ARG A CB  1 
ATOM   260  C CG  . ARG A 1 50 ? -8.560  -9.099  -16.476 1.00 25.95 ? 50  ARG A CG  1 
ATOM   261  C CD  . ARG A 1 50 ? -9.213  -9.636  -17.745 1.00 30.10 ? 50  ARG A CD  1 
ATOM   262  N NE  . ARG A 1 50 ? -8.213  -10.081 -18.703 1.00 45.27 ? 50  ARG A NE  1 
ATOM   263  C CZ  . ARG A 1 50 ? -8.298  -9.912  -20.018 1.00 41.54 ? 50  ARG A CZ  1 
ATOM   264  N NH1 . ARG A 1 50 ? -9.350  -9.308  -20.554 1.00 35.89 ? 50  ARG A NH1 1 
ATOM   265  N NH2 . ARG A 1 50 ? -7.308  -10.329 -20.791 1.00 39.13 ? 50  ARG A NH2 1 
ATOM   266  N N   . VAL A 1 51 ? -6.980  -8.770  -13.629 1.00 27.44 ? 51  VAL A N   1 
ATOM   267  C CA  . VAL A 1 51 ? -6.368  -9.822  -12.829 1.00 24.10 ? 51  VAL A CA  1 
ATOM   268  C C   . VAL A 1 51 ? -7.317  -11.006 -12.979 1.00 22.63 ? 51  VAL A C   1 
ATOM   269  O O   . VAL A 1 51 ? -8.526  -10.833 -13.022 1.00 22.49 ? 51  VAL A O   1 
ATOM   270  C CB  . VAL A 1 51 ? -6.262  -9.448  -11.332 1.00 22.93 ? 51  VAL A CB  1 
ATOM   271  C CG1 . VAL A 1 51 ? -7.637  -9.275  -10.735 1.00 22.41 ? 51  VAL A CG1 1 
ATOM   272  C CG2 . VAL A 1 51 ? -5.493  -10.526 -10.584 1.00 14.98 ? 51  VAL A CG2 1 
ATOM   273  N N   . THR A 1 52 ? -6.770  -12.202 -13.086 1.00 23.28 ? 52  THR A N   1 
ATOM   274  C CA  . THR A 1 52 ? -7.585  -13.398 -13.229 1.00 17.13 ? 52  THR A CA  1 
ATOM   275  C C   . THR A 1 52 ? -7.189  -14.343 -12.106 1.00 21.95 ? 52  THR A C   1 
ATOM   276  O O   . THR A 1 52 ? -6.004  -14.622 -11.896 1.00 20.28 ? 52  THR A O   1 
ATOM   277  C CB  . THR A 1 52 ? -7.324  -14.100 -14.588 1.00 19.99 ? 52  THR A CB  1 
ATOM   278  O OG1 . THR A 1 52 ? -7.576  -13.175 -15.656 1.00 24.72 ? 52  THR A OG1 1 
ATOM   279  C CG2 . THR A 1 52 ? -8.232  -15.340 -14.747 1.00 17.57 ? 52  THR A CG2 1 
ATOM   280  N N   . VAL A 1 53 ? -8.186  -14.822 -11.382 1.00 22.17 ? 53  VAL A N   1 
ATOM   281  C CA  . VAL A 1 53 ? -7.975  -15.740 -10.278 1.00 27.28 ? 53  VAL A CA  1 
ATOM   282  C C   . VAL A 1 53 ? -8.836  -16.940 -10.628 1.00 26.76 ? 53  VAL A C   1 
ATOM   283  O O   . VAL A 1 53 ? -10.020 -16.977 -10.300 1.00 25.89 ? 53  VAL A O   1 
ATOM   284  C CB  . VAL A 1 53 ? -8.455  -15.101 -8.948  1.00 34.23 ? 53  VAL A CB  1 
ATOM   285  C CG1 . VAL A 1 53 ? -8.253  -16.068 -7.785  1.00 37.59 ? 53  VAL A CG1 1 
ATOM   286  C CG2 . VAL A 1 53 ? -7.694  -13.801 -8.704  1.00 34.59 ? 53  VAL A CG2 1 
ATOM   287  N N   . GLY A 1 54 ? -8.250  -17.906 -11.324 1.00 30.26 ? 54  GLY A N   1 
ATOM   288  C CA  . GLY A 1 54 ? -9.018  -19.074 -11.720 1.00 31.54 ? 54  GLY A CA  1 
ATOM   289  C C   . GLY A 1 54 ? -10.123 -18.689 -12.690 1.00 35.75 ? 54  GLY A C   1 
ATOM   290  O O   . GLY A 1 54 ? -9.837  -18.344 -13.843 1.00 37.05 ? 54  GLY A O   1 
ATOM   291  N N   . ASP A 1 55 ? -11.373 -18.737 -12.223 1.00 39.34 ? 55  ASP A N   1 
ATOM   292  C CA  . ASP A 1 55 ? -12.551 -18.392 -13.030 1.00 42.38 ? 55  ASP A CA  1 
ATOM   293  C C   . ASP A 1 55 ? -12.942 -16.914 -12.947 1.00 41.18 ? 55  ASP A C   1 
ATOM   294  O O   . ASP A 1 55 ? -13.589 -16.383 -13.852 1.00 46.74 ? 55  ASP A O   1 
ATOM   295  C CB  . ASP A 1 55 ? -13.775 -19.196 -12.581 1.00 49.63 ? 55  ASP A CB  1 
ATOM   296  C CG  . ASP A 1 55 ? -13.728 -20.642 -13.018 1.00 59.53 ? 55  ASP A CG  1 
ATOM   297  O OD1 . ASP A 1 55 ? -13.277 -20.908 -14.154 1.00 61.40 ? 55  ASP A OD1 1 
ATOM   298  O OD2 . ASP A 1 55 ? -14.166 -21.512 -12.229 1.00 61.95 ? 55  ASP A OD2 1 
ATOM   299  N N   . THR A 1 56 ? -12.556 -16.268 -11.854 1.00 31.25 ? 56  THR A N   1 
ATOM   300  C CA  . THR A 1 56 ? -12.889 -14.870 -11.598 1.00 29.72 ? 56  THR A CA  1 
ATOM   301  C C   . THR A 1 56 ? -11.927 -13.846 -12.203 1.00 28.76 ? 56  THR A C   1 
ATOM   302  O O   . THR A 1 56 ? -10.715 -14.053 -12.224 1.00 26.89 ? 56  THR A O   1 
ATOM   303  C CB  . THR A 1 56 ? -12.945 -14.630 -10.075 1.00 30.44 ? 56  THR A CB  1 
ATOM   304  O OG1 . THR A 1 56 ? -13.837 -15.579 -9.492  1.00 36.53 ? 56  THR A OG1 1 
ATOM   305  C CG2 . THR A 1 56 ? -13.425 -13.231 -9.745  1.00 26.22 ? 56  THR A CG2 1 
ATOM   306  N N   . SER A 1 57 ? -12.470 -12.739 -12.695 1.00 25.94 ? 57  SER A N   1 
ATOM   307  C CA  . SER A 1 57 ? -11.609 -11.688 -13.229 1.00 23.87 ? 57  SER A CA  1 
ATOM   308  C C   . SER A 1 57 ? -12.242 -10.314 -13.044 1.00 23.36 ? 57  SER A C   1 
ATOM   309  O O   . SER A 1 57 ? -13.463 -10.166 -13.009 1.00 26.23 ? 57  SER A O   1 
ATOM   310  C CB  . SER A 1 57 ? -11.288 -11.932 -14.711 1.00 16.86 ? 57  SER A CB  1 
ATOM   311  O OG  . SER A 1 57 ? -12.413 -11.662 -15.526 1.00 29.96 ? 57  SER A OG  1 
ATOM   312  N N   . CYS A 1 58 ? -11.400 -9.307  -12.886 1.00 21.86 ? 58  CYS A N   1 
ATOM   313  C CA  . CYS A 1 58 ? -11.870 -7.937  -12.734 1.00 29.35 ? 58  CYS A CA  1 
ATOM   314  C C   . CYS A 1 58 ? -10.742 -7.016  -13.170 1.00 32.80 ? 58  CYS A C   1 
ATOM   315  O O   . CYS A 1 58 ? -9.590  -7.444  -13.330 1.00 27.05 ? 58  CYS A O   1 
ATOM   316  C CB  . CYS A 1 58 ? -12.288 -7.637  -11.290 1.00 25.18 ? 58  CYS A CB  1 
ATOM   317  S SG  . CYS A 1 58 ? -11.000 -7.881  -10.064 1.00 36.10 ? 58  CYS A SG  1 
ATOM   318  N N   . THR A 1 59 ? -11.077 -5.747  -13.350 1.00 34.65 ? 59  THR A N   1 
ATOM   319  C CA  . THR A 1 59 ? -10.113 -4.773  -13.817 1.00 33.71 ? 59  THR A CA  1 
ATOM   320  C C   . THR A 1 59 ? -9.872  -3.647  -12.823 1.00 33.91 ? 59  THR A C   1 
ATOM   321  O O   . THR A 1 59 ? -10.712 -3.356  -11.980 1.00 34.85 ? 59  THR A O   1 
ATOM   322  C CB  . THR A 1 59 ? -10.586 -4.221  -15.181 1.00 35.52 ? 59  THR A CB  1 
ATOM   323  O OG1 . THR A 1 59 ? -10.525 -5.274  -16.151 1.00 36.80 ? 59  THR A OG1 1 
ATOM   324  C CG2 . THR A 1 59 ? -9.729  -3.073  -15.643 1.00 37.69 ? 59  THR A CG2 1 
ATOM   325  N N   . GLY A 1 60 ? -8.702  -3.034  -12.920 1.00 33.01 ? 60  GLY A N   1 
ATOM   326  C CA  . GLY A 1 60 ? -8.350  -1.945  -12.037 1.00 31.83 ? 60  GLY A CA  1 
ATOM   327  C C   . GLY A 1 60 ? -7.472  -0.990  -12.812 1.00 35.21 ? 60  GLY A C   1 
ATOM   328  O O   . GLY A 1 60 ? -6.715  -1.407  -13.687 1.00 31.20 ? 60  GLY A O   1 
ATOM   329  N N   . GLN A 1 61 ? -7.573  0.295   -12.496 1.00 35.02 ? 61  GLN A N   1 
ATOM   330  C CA  . GLN A 1 61 ? -6.791  1.315   -13.181 1.00 39.88 ? 61  GLN A CA  1 
ATOM   331  C C   . GLN A 1 61 ? -5.952  2.094   -12.174 1.00 38.39 ? 61  GLN A C   1 
ATOM   332  O O   . GLN A 1 61 ? -6.251  2.105   -10.984 1.00 41.65 ? 61  GLN A O   1 
ATOM   333  C CB  . GLN A 1 61 ? -7.737  2.250   -13.945 1.00 44.72 ? 61  GLN A CB  1 
ATOM   334  C CG  . GLN A 1 61 ? -8.443  1.567   -15.120 1.00 57.25 ? 61  GLN A CG  1 
ATOM   335  C CD  . GLN A 1 61 ? -9.766  2.223   -15.494 1.00 66.65 ? 61  GLN A CD  1 
ATOM   336  O OE1 . GLN A 1 61 ? -10.735 2.169   -14.731 1.00 73.81 ? 61  GLN A OE1 1 
ATOM   337  N NE2 . GLN A 1 61 ? -9.813  2.842   -16.671 1.00 65.75 ? 61  GLN A NE2 1 
ATOM   338  N N   . GLY A 1 62 ? -4.892  2.733   -12.646 1.00 38.91 ? 62  GLY A N   1 
ATOM   339  C CA  . GLY A 1 62 ? -4.050  3.484   -11.740 1.00 35.02 ? 62  GLY A CA  1 
ATOM   340  C C   . GLY A 1 62 ? -2.911  4.149   -12.472 1.00 37.55 ? 62  GLY A C   1 
ATOM   341  O O   . GLY A 1 62 ? -2.633  3.802   -13.621 1.00 37.89 ? 62  GLY A O   1 
ATOM   342  N N   . PRO A 1 63 ? -2.228  5.105   -11.820 1.00 38.09 ? 63  PRO A N   1 
ATOM   343  C CA  . PRO A 1 63 ? -1.092  5.893   -12.310 1.00 42.45 ? 63  PRO A CA  1 
ATOM   344  C C   . PRO A 1 63 ? 0.142   5.078   -12.684 1.00 41.53 ? 63  PRO A C   1 
ATOM   345  O O   . PRO A 1 63 ? 0.966   5.522   -13.478 1.00 44.28 ? 63  PRO A O   1 
ATOM   346  C CB  . PRO A 1 63 ? -0.815  6.845   -11.151 1.00 42.94 ? 63  PRO A CB  1 
ATOM   347  C CG  . PRO A 1 63 ? -1.166  6.007   -9.959  1.00 41.75 ? 63  PRO A CG  1 
ATOM   348  C CD  . PRO A 1 63 ? -2.479  5.407   -10.400 1.00 44.04 ? 63  PRO A CD  1 
ATOM   349  N N   . SER A 1 64 ? 0.278   3.896   -12.094 1.00 38.89 ? 64  SER A N   1 
ATOM   350  C CA  . SER A 1 64 ? 1.410   3.032   -12.386 1.00 35.46 ? 64  SER A CA  1 
ATOM   351  C C   . SER A 1 64 ? 0.932   1.589   -12.517 1.00 32.56 ? 64  SER A C   1 
ATOM   352  O O   . SER A 1 64 ? -0.173  1.258   -12.085 1.00 32.54 ? 64  SER A O   1 
ATOM   353  C CB  . SER A 1 64 ? 2.465   3.139   -11.278 1.00 36.82 ? 64  SER A CB  1 
ATOM   354  O OG  . SER A 1 64 ? 1.949   2.738   -10.021 1.00 33.78 ? 64  SER A OG  1 
ATOM   355  N N   . LYS A 1 65 ? 1.757   0.739   -13.123 1.00 27.25 ? 65  LYS A N   1 
ATOM   356  C CA  . LYS A 1 65 ? 1.403   -0.663  -13.286 1.00 30.52 ? 65  LYS A CA  1 
ATOM   357  C C   . LYS A 1 65 ? 1.050   -1.330  -11.946 1.00 32.06 ? 65  LYS A C   1 
ATOM   358  O O   . LYS A 1 65 ? 0.035   -2.024  -11.840 1.00 30.70 ? 65  LYS A O   1 
ATOM   359  C CB  . LYS A 1 65 ? 2.539   -1.415  -13.983 1.00 27.04 ? 65  LYS A CB  1 
ATOM   360  C CG  . LYS A 1 65 ? 2.712   -0.987  -15.423 1.00 38.32 ? 65  LYS A CG  1 
ATOM   361  C CD  . LYS A 1 65 ? 3.410   -2.044  -16.266 1.00 49.43 ? 65  LYS A CD  1 
ATOM   362  C CE  . LYS A 1 65 ? 4.846   -2.257  -15.844 1.00 57.59 ? 65  LYS A CE  1 
ATOM   363  N NZ  . LYS A 1 65 ? 5.495   -3.333  -16.644 1.00 62.23 ? 65  LYS A NZ  1 
ATOM   364  N N   . LYS A 1 66 ? 1.867   -1.115  -10.921 1.00 28.96 ? 66  LYS A N   1 
ATOM   365  C CA  . LYS A 1 66 ? 1.579   -1.715  -9.625  1.00 31.46 ? 66  LYS A CA  1 
ATOM   366  C C   . LYS A 1 66 ? 0.330   -1.131  -8.988  1.00 32.43 ? 66  LYS A C   1 
ATOM   367  O O   . LYS A 1 66 ? -0.457  -1.849  -8.381  1.00 30.56 ? 66  LYS A O   1 
ATOM   368  C CB  . LYS A 1 66 ? 2.761   -1.537  -8.679  1.00 36.12 ? 66  LYS A CB  1 
ATOM   369  C CG  . LYS A 1 66 ? 3.935   -2.438  -8.995  1.00 33.59 ? 66  LYS A CG  1 
ATOM   370  C CD  . LYS A 1 66 ? 5.086   -2.131  -8.062  1.00 43.38 ? 66  LYS A CD  1 
ATOM   371  C CE  . LYS A 1 66 ? 6.345   -2.861  -8.483  1.00 46.61 ? 66  LYS A CE  1 
ATOM   372  N NZ  . LYS A 1 66 ? 7.517   -2.357  -7.729  1.00 51.08 ? 66  LYS A NZ  1 
ATOM   373  N N   . ALA A 1 67 ? 0.147   0.175   -9.125  1.00 34.42 ? 67  ALA A N   1 
ATOM   374  C CA  . ALA A 1 67 ? -1.017  0.823   -8.539  1.00 37.62 ? 67  ALA A CA  1 
ATOM   375  C C   . ALA A 1 67 ? -2.289  0.216   -9.123  1.00 35.52 ? 67  ALA A C   1 
ATOM   376  O O   . ALA A 1 67 ? -3.254  -0.044  -8.400  1.00 33.75 ? 67  ALA A O   1 
ATOM   377  C CB  . ALA A 1 67 ? -0.968  2.328   -8.802  1.00 34.67 ? 67  ALA A CB  1 
ATOM   378  N N   . ALA A 1 68 ? -2.281  -0.010  -10.434 1.00 30.96 ? 68  ALA A N   1 
ATOM   379  C CA  . ALA A 1 68 ? -3.420  -0.594  -11.123 1.00 27.17 ? 68  ALA A CA  1 
ATOM   380  C C   . ALA A 1 68 ? -3.627  -2.073  -10.719 1.00 23.61 ? 68  ALA A C   1 
ATOM   381  O O   . ALA A 1 68 ? -4.756  -2.518  -10.543 1.00 22.55 ? 68  ALA A O   1 
ATOM   382  C CB  . ALA A 1 68 ? -3.219  -0.471  -12.629 1.00 31.66 ? 68  ALA A CB  1 
ATOM   383  N N   . LYS A 1 69 ? -2.538  -2.825  -10.580 1.00 20.96 ? 69  LYS A N   1 
ATOM   384  C CA  . LYS A 1 69 ? -2.621  -4.226  -10.175 1.00 23.69 ? 69  LYS A CA  1 
ATOM   385  C C   . LYS A 1 69 ? -3.133  -4.286  -8.738  1.00 28.40 ? 69  LYS A C   1 
ATOM   386  O O   . LYS A 1 69 ? -3.788  -5.253  -8.327  1.00 24.19 ? 69  LYS A O   1 
ATOM   387  C CB  . LYS A 1 69 ? -1.246  -4.888  -10.234 1.00 23.23 ? 69  LYS A CB  1 
ATOM   388  C CG  . LYS A 1 69 ? -0.690  -5.139  -11.632 1.00 27.56 ? 69  LYS A CG  1 
ATOM   389  C CD  . LYS A 1 69 ? 0.685   -5.806  -11.504 1.00 32.15 ? 69  LYS A CD  1 
ATOM   390  C CE  . LYS A 1 69 ? 1.313   -6.110  -12.849 1.00 42.32 ? 69  LYS A CE  1 
ATOM   391  N NZ  . LYS A 1 69 ? 2.680   -6.696  -12.719 1.00 42.06 ? 69  LYS A NZ  1 
ATOM   392  N N   . HIS A 1 70 ? -2.811  -3.244  -7.977  1.00 26.21 ? 70  HIS A N   1 
ATOM   393  C CA  . HIS A 1 70 ? -3.232  -3.127  -6.587  1.00 28.58 ? 70  HIS A CA  1 
ATOM   394  C C   . HIS A 1 70 ? -4.758  -3.001  -6.525  1.00 30.03 ? 70  HIS A C   1 
ATOM   395  O O   . HIS A 1 70 ? -5.420  -3.716  -5.774  1.00 23.68 ? 70  HIS A O   1 
ATOM   396  C CB  . HIS A 1 70 ? -2.563  -1.898  -5.963  1.00 33.31 ? 70  HIS A CB  1 
ATOM   397  C CG  . HIS A 1 70 ? -3.138  -1.497  -4.644  1.00 36.02 ? 70  HIS A CG  1 
ATOM   398  N ND1 . HIS A 1 70 ? -3.281  -2.380  -3.595  1.00 42.18 ? 70  HIS A ND1 1 
ATOM   399  C CD2 . HIS A 1 70 ? -3.560  -0.296  -4.186  1.00 33.29 ? 70  HIS A CD2 1 
ATOM   400  C CE1 . HIS A 1 70 ? -3.762  -1.740  -2.546  1.00 36.05 ? 70  HIS A CE1 1 
ATOM   401  N NE2 . HIS A 1 70 ? -3.939  -0.473  -2.878  1.00 41.96 ? 70  HIS A NE2 1 
ATOM   402  N N   . LYS A 1 71 ? -5.312  -2.099  -7.332  1.00 27.87 ? 71  LYS A N   1 
ATOM   403  C CA  . LYS A 1 71 ? -6.756  -1.905  -7.359  1.00 28.85 ? 71  LYS A CA  1 
ATOM   404  C C   . LYS A 1 71 ? -7.499  -3.148  -7.821  1.00 29.33 ? 71  LYS A C   1 
ATOM   405  O O   . LYS A 1 71 ? -8.487  -3.550  -7.201  1.00 30.08 ? 71  LYS A O   1 
ATOM   406  C CB  . LYS A 1 71 ? -7.128  -0.720  -8.253  1.00 29.84 ? 71  LYS A CB  1 
ATOM   407  C CG  . LYS A 1 71 ? -7.012  0.613   -7.529  1.00 47.59 ? 71  LYS A CG  1 
ATOM   408  C CD  . LYS A 1 71 ? -7.996  0.675   -6.355  1.00 59.01 ? 71  LYS A CD  1 
ATOM   409  C CE  . LYS A 1 71 ? -7.777  1.909   -5.481  1.00 66.01 ? 71  LYS A CE  1 
ATOM   410  N NZ  . LYS A 1 71 ? -6.427  1.904   -4.839  1.00 67.52 ? 71  LYS A NZ  1 
ATOM   411  N N   . ALA A 1 72 ? -7.023  -3.760  -8.902  1.00 25.07 ? 72  ALA A N   1 
ATOM   412  C CA  . ALA A 1 72 ? -7.658  -4.961  -9.422  1.00 27.19 ? 72  ALA A CA  1 
ATOM   413  C C   . ALA A 1 72 ? -7.678  -6.047  -8.335  1.00 25.35 ? 72  ALA A C   1 
ATOM   414  O O   . ALA A 1 72 ? -8.704  -6.687  -8.109  1.00 28.44 ? 72  ALA A O   1 
ATOM   415  C CB  . ALA A 1 72 ? -6.907  -5.459  -10.682 1.00 20.11 ? 72  ALA A CB  1 
ATOM   416  N N   . ALA A 1 73 ? -6.544  -6.229  -7.656  1.00 25.93 ? 73  ALA A N   1 
ATOM   417  C CA  . ALA A 1 73 ? -6.407  -7.231  -6.596  1.00 26.65 ? 73  ALA A CA  1 
ATOM   418  C C   . ALA A 1 73 ? -7.343  -6.969  -5.423  1.00 28.85 ? 73  ALA A C   1 
ATOM   419  O O   . ALA A 1 73 ? -7.938  -7.896  -4.881  1.00 25.46 ? 73  ALA A O   1 
ATOM   420  C CB  . ALA A 1 73 ? -4.962  -7.278  -6.105  1.00 22.31 ? 73  ALA A CB  1 
ATOM   421  N N   . GLU A 1 74 ? -7.458  -5.700  -5.044  1.00 26.84 ? 74  GLU A N   1 
ATOM   422  C CA  . GLU A 1 74 ? -8.317  -5.278  -3.941  1.00 29.90 ? 74  GLU A CA  1 
ATOM   423  C C   . GLU A 1 74 ? -9.759  -5.703  -4.217  1.00 30.44 ? 74  GLU A C   1 
ATOM   424  O O   . GLU A 1 74 ? -10.432 -6.281  -3.359  1.00 25.69 ? 74  GLU A O   1 
ATOM   425  C CB  . GLU A 1 74 ? -8.242  -3.756  -3.809  1.00 39.01 ? 74  GLU A CB  1 
ATOM   426  C CG  . GLU A 1 74 ? -8.798  -3.173  -2.520  1.00 53.73 ? 74  GLU A CG  1 
ATOM   427  C CD  . GLU A 1 74 ? -8.568  -1.662  -2.421  1.00 64.49 ? 74  GLU A CD  1 
ATOM   428  O OE1 . GLU A 1 74 ? -9.198  -0.902  -3.194  1.00 67.17 ? 74  GLU A OE1 1 
ATOM   429  O OE2 . GLU A 1 74 ? -7.751  -1.234  -1.572  1.00 65.67 ? 74  GLU A OE2 1 
ATOM   430  N N   . VAL A 1 75 ? -10.217 -5.417  -5.434  1.00 25.28 ? 75  VAL A N   1 
ATOM   431  C CA  . VAL A 1 75 ? -11.570 -5.754  -5.857  1.00 24.77 ? 75  VAL A CA  1 
ATOM   432  C C   . VAL A 1 75 ? -11.801 -7.255  -5.897  1.00 28.55 ? 75  VAL A C   1 
ATOM   433  O O   . VAL A 1 75 ? -12.810 -7.752  -5.397  1.00 27.46 ? 75  VAL A O   1 
ATOM   434  C CB  . VAL A 1 75 ? -11.877 -5.200  -7.261  1.00 21.36 ? 75  VAL A CB  1 
ATOM   435  C CG1 . VAL A 1 75 ? -13.230 -5.748  -7.752  1.00 18.73 ? 75  VAL A CG1 1 
ATOM   436  C CG2 . VAL A 1 75 ? -11.904 -3.676  -7.221  1.00 15.32 ? 75  VAL A CG2 1 
ATOM   437  N N   . ALA A 1 76 ? -10.874 -7.978  -6.509  1.00 26.78 ? 76  ALA A N   1 
ATOM   438  C CA  . ALA A 1 76 ? -11.023 -9.422  -6.607  1.00 33.37 ? 76  ALA A CA  1 
ATOM   439  C C   . ALA A 1 76 ? -11.016 -10.038 -5.212  1.00 35.76 ? 76  ALA A C   1 
ATOM   440  O O   . ALA A 1 76 ? -11.689 -11.040 -4.962  1.00 33.02 ? 76  ALA A O   1 
ATOM   441  C CB  . ALA A 1 76 ? -9.903  -10.014 -7.457  1.00 25.09 ? 76  ALA A CB  1 
ATOM   442  N N   . LEU A 1 77 ? -10.264 -9.426  -4.304  1.00 35.08 ? 77  LEU A N   1 
ATOM   443  C CA  . LEU A 1 77 ? -10.169 -9.924  -2.940  1.00 39.00 ? 77  LEU A CA  1 
ATOM   444  C C   . LEU A 1 77 ? -11.511 -9.772  -2.234  1.00 39.38 ? 77  LEU A C   1 
ATOM   445  O O   . LEU A 1 77 ? -11.985 -10.704 -1.592  1.00 42.15 ? 77  LEU A O   1 
ATOM   446  C CB  . LEU A 1 77 ? -9.077  -9.163  -2.185  1.00 40.89 ? 77  LEU A CB  1 
ATOM   447  C CG  . LEU A 1 77 ? -8.515  -9.793  -0.914  1.00 41.29 ? 77  LEU A CG  1 
ATOM   448  C CD1 . LEU A 1 77 ? -8.032  -11.218 -1.181  1.00 37.17 ? 77  LEU A CD1 1 
ATOM   449  C CD2 . LEU A 1 77 ? -7.366  -8.934  -0.422  1.00 44.30 ? 77  LEU A CD2 1 
ATOM   450  N N   . LYS A 1 78 ? -12.121 -8.598  -2.362  1.00 39.92 ? 78  LYS A N   1 
ATOM   451  C CA  . LYS A 1 78 ? -13.420 -8.331  -1.749  1.00 42.70 ? 78  LYS A CA  1 
ATOM   452  C C   . LYS A 1 78 ? -14.474 -9.288  -2.284  1.00 44.77 ? 78  LYS A C   1 
ATOM   453  O O   . LYS A 1 78 ? -15.274 -9.833  -1.529  1.00 46.45 ? 78  LYS A O   1 
ATOM   454  C CB  . LYS A 1 78 ? -13.880 -6.905  -2.050  1.00 42.03 ? 78  LYS A CB  1 
ATOM   455  C CG  . LYS A 1 78 ? -13.177 -5.823  -1.271  1.00 50.79 ? 78  LYS A CG  1 
ATOM   456  C CD  . LYS A 1 78 ? -13.646 -4.443  -1.731  1.00 55.19 ? 78  LYS A CD  1 
ATOM   457  C CE  . LYS A 1 78 ? -13.217 -3.347  -0.761  1.00 53.40 ? 78  LYS A CE  1 
ATOM   458  N NZ  . LYS A 1 78 ? -11.747 -3.350  -0.516  1.00 51.55 ? 78  LYS A NZ  1 
ATOM   459  N N   . HIS A 1 79 ? -14.470 -9.484  -3.595  1.00 43.72 ? 79  HIS A N   1 
ATOM   460  C CA  . HIS A 1 79 ? -15.433 -10.363 -4.234  1.00 38.86 ? 79  HIS A CA  1 
ATOM   461  C C   . HIS A 1 79 ? -15.278 -11.809 -3.783  1.00 44.03 ? 79  HIS A C   1 
ATOM   462  O O   . HIS A 1 79 ? -16.234 -12.422 -3.302  1.00 44.23 ? 79  HIS A O   1 
ATOM   463  C CB  . HIS A 1 79 ? -15.286 -10.269 -5.751  1.00 34.02 ? 79  HIS A CB  1 
ATOM   464  C CG  . HIS A 1 79 ? -16.289 -11.077 -6.504  1.00 32.70 ? 79  HIS A CG  1 
ATOM   465  N ND1 . HIS A 1 79 ? -16.097 -12.408 -6.808  1.00 36.45 ? 79  HIS A ND1 1 
ATOM   466  C CD2 . HIS A 1 79 ? -17.503 -10.749 -7.004  1.00 28.48 ? 79  HIS A CD2 1 
ATOM   467  C CE1 . HIS A 1 79 ? -17.149 -12.862 -7.466  1.00 35.96 ? 79  HIS A CE1 1 
ATOM   468  N NE2 . HIS A 1 79 ? -18.016 -11.874 -7.598  1.00 37.58 ? 79  HIS A NE2 1 
ATOM   469  N N   . LEU A 1 80 ? -14.074 -12.350 -3.929  1.00 45.84 ? 80  LEU A N   1 
ATOM   470  C CA  . LEU A 1 80 ? -13.821 -13.731 -3.549  1.00 48.36 ? 80  LEU A CA  1 
ATOM   471  C C   . LEU A 1 80 ? -14.119 -13.992 -2.085  1.00 53.01 ? 80  LEU A C   1 
ATOM   472  O O   . LEU A 1 80 ? -14.876 -14.905 -1.745  1.00 54.27 ? 80  LEU A O   1 
ATOM   473  C CB  . LEU A 1 80 ? -12.374 -14.111 -3.859  1.00 44.62 ? 80  LEU A CB  1 
ATOM   474  C CG  . LEU A 1 80 ? -12.176 -14.886 -5.167  1.00 50.76 ? 80  LEU A CG  1 
ATOM   475  C CD1 . LEU A 1 80 ? -12.837 -16.252 -5.049  1.00 47.97 ? 80  LEU A CD1 1 
ATOM   476  C CD2 . LEU A 1 80 ? -12.765 -14.110 -6.337  1.00 44.56 ? 80  LEU A CD2 1 
ATOM   477  N N   . LYS A 1 81 ? -13.519 -13.187 -1.222  1.00 55.27 ? 81  LYS A N   1 
ATOM   478  C CA  . LYS A 1 81 ? -13.719 -13.335 0.207   1.00 59.04 ? 81  LYS A CA  1 
ATOM   479  C C   . LYS A 1 81 ? -14.628 -12.225 0.723   1.00 63.39 ? 81  LYS A C   1 
ATOM   480  O O   . LYS A 1 81 ? -14.163 -11.406 1.548   1.00 63.82 ? 81  LYS A O   1 
ATOM   481  C CB  . LYS A 1 81 ? -12.364 -13.305 0.922   1.00 59.46 ? 81  LYS A CB  1 
ATOM   482  C CG  . LYS A 1 81 ? -11.426 -14.430 0.487   1.00 60.82 ? 81  LYS A CG  1 
ATOM   483  C CD  . LYS A 1 81 ? -10.062 -14.326 1.155   1.00 64.80 ? 81  LYS A CD  1 
ATOM   484  C CE  . LYS A 1 81 ? -10.168 -14.427 2.674   1.00 63.27 ? 81  LYS A CE  1 
ATOM   485  N NZ  . LYS A 1 81 ? -8.838  -14.318 3.335   1.00 63.79 ? 81  LYS A NZ  1 
ATOM   486  N N   . GLY B 1 13 ? 9.621   -9.232  14.200  1.00 64.39 ? 13  GLY B N   1 
ATOM   487  C CA  . GLY B 1 13 ? 10.082  -7.942  14.780  1.00 66.66 ? 13  GLY B CA  1 
ATOM   488  C C   . GLY B 1 13 ? 10.047  -6.806  13.774  1.00 67.14 ? 13  GLY B C   1 
ATOM   489  O O   . GLY B 1 13 ? 11.065  -6.152  13.527  1.00 71.23 ? 13  GLY B O   1 
ATOM   490  N N   . LYS B 1 14 ? 8.877   -6.571  13.186  1.00 61.76 ? 14  LYS B N   1 
ATOM   491  C CA  . LYS B 1 14 ? 8.729   -5.501  12.210  1.00 53.77 ? 14  LYS B CA  1 
ATOM   492  C C   . LYS B 1 14 ? 8.058   -4.264  12.798  1.00 48.69 ? 14  LYS B C   1 
ATOM   493  O O   . LYS B 1 14 ? 6.992   -4.342  13.407  1.00 47.19 ? 14  LYS B O   1 
ATOM   494  C CB  . LYS B 1 14 ? 7.938   -5.993  10.992  1.00 57.54 ? 14  LYS B CB  1 
ATOM   495  C CG  . LYS B 1 14 ? 8.735   -6.890  10.051  1.00 67.05 ? 14  LYS B CG  1 
ATOM   496  C CD  . LYS B 1 14 ? 10.041  -6.219  9.622   1.00 74.00 ? 14  LYS B CD  1 
ATOM   497  C CE  . LYS B 1 14 ? 10.854  -7.100  8.678   1.00 78.31 ? 14  LYS B CE  1 
ATOM   498  N NZ  . LYS B 1 14 ? 12.210  -6.533  8.412   1.00 77.58 ? 14  LYS B NZ  1 
ATOM   499  N N   . THR B 1 15 ? 8.697   -3.119  12.602  1.00 43.06 ? 15  THR B N   1 
ATOM   500  C CA  . THR B 1 15 ? 8.191   -1.839  13.090  1.00 37.64 ? 15  THR B CA  1 
ATOM   501  C C   . THR B 1 15 ? 7.198   -1.220  12.092  1.00 31.91 ? 15  THR B C   1 
ATOM   502  O O   . THR B 1 15 ? 7.099   -1.663  10.950  1.00 35.77 ? 15  THR B O   1 
ATOM   503  C CB  . THR B 1 15 ? 9.352   -0.863  13.263  1.00 42.54 ? 15  THR B CB  1 
ATOM   504  O OG1 . THR B 1 15 ? 10.013  -0.685  11.999  1.00 37.12 ? 15  THR B OG1 1 
ATOM   505  C CG2 . THR B 1 15 ? 10.349  -1.403  14.275  1.00 42.47 ? 15  THR B CG2 1 
ATOM   506  N N   . PRO B 1 16 ? 6.443   -0.193  12.517  1.00 28.68 ? 16  PRO B N   1 
ATOM   507  C CA  . PRO B 1 16 ? 5.482   0.451   11.614  1.00 26.25 ? 16  PRO B CA  1 
ATOM   508  C C   . PRO B 1 16 ? 6.167   1.004   10.362  1.00 24.20 ? 16  PRO B C   1 
ATOM   509  O O   . PRO B 1 16 ? 5.624   0.922   9.262   1.00 28.22 ? 16  PRO B O   1 
ATOM   510  C CB  . PRO B 1 16 ? 4.883   1.561   12.478  1.00 30.34 ? 16  PRO B CB  1 
ATOM   511  C CG  . PRO B 1 16 ? 4.910   0.941   13.861  1.00 24.73 ? 16  PRO B CG  1 
ATOM   512  C CD  . PRO B 1 16 ? 6.307   0.339   13.889  1.00 26.32 ? 16  PRO B CD  1 
ATOM   513  N N   . ILE B 1 17 ? 7.360   1.567   10.538  1.00 22.52 ? 17  ILE B N   1 
ATOM   514  C CA  . ILE B 1 17 ? 8.114   2.111   9.417   1.00 23.25 ? 17  ILE B CA  1 
ATOM   515  C C   . ILE B 1 17 ? 8.494   1.029   8.399   1.00 26.26 ? 17  ILE B C   1 
ATOM   516  O O   . ILE B 1 17 ? 8.295   1.210   7.196   1.00 25.95 ? 17  ILE B O   1 
ATOM   517  C CB  . ILE B 1 17 ? 9.388   2.825   9.898   1.00 23.56 ? 17  ILE B CB  1 
ATOM   518  C CG1 . ILE B 1 17 ? 9.000   4.148   10.578  1.00 27.87 ? 17  ILE B CG1 1 
ATOM   519  C CG2 . ILE B 1 17 ? 10.336  3.069   8.722   1.00 27.21 ? 17  ILE B CG2 1 
ATOM   520  C CD1 . ILE B 1 17 ? 10.190  4.935   11.116  1.00 28.69 ? 17  ILE B CD1 1 
ATOM   521  N N   . SER B 1 18 ? 9.036   -0.092  8.870   1.00 27.44 ? 18  SER B N   1 
ATOM   522  C CA  . SER B 1 18 ? 9.426   -1.169  7.960   1.00 31.79 ? 18  SER B CA  1 
ATOM   523  C C   . SER B 1 18 ? 8.199   -1.883  7.367   1.00 30.24 ? 18  SER B C   1 
ATOM   524  O O   . SER B 1 18 ? 8.226   -2.350  6.226   1.00 30.10 ? 18  SER B O   1 
ATOM   525  C CB  . SER B 1 18 ? 10.336  -2.169  8.683   1.00 34.27 ? 18  SER B CB  1 
ATOM   526  O OG  . SER B 1 18 ? 9.699   -2.696  9.830   1.00 45.69 ? 18  SER B OG  1 
ATOM   527  N N   . LEU B 1 19 ? 7.124   -1.957  8.142   1.00 28.18 ? 19  LEU B N   1 
ATOM   528  C CA  . LEU B 1 19 ? 5.895   -2.578  7.664   1.00 31.36 ? 19  LEU B CA  1 
ATOM   529  C C   . LEU B 1 19 ? 5.318   -1.743  6.530   1.00 32.63 ? 19  LEU B C   1 
ATOM   530  O O   . LEU B 1 19 ? 4.968   -2.276  5.479   1.00 32.89 ? 19  LEU B O   1 
ATOM   531  C CB  . LEU B 1 19 ? 4.869   -2.677  8.790   1.00 36.80 ? 19  LEU B CB  1 
ATOM   532  C CG  . LEU B 1 19 ? 5.171   -3.774  9.804   1.00 42.21 ? 19  LEU B CG  1 
ATOM   533  C CD1 . LEU B 1 19 ? 4.211   -3.682  10.975  1.00 43.44 ? 19  LEU B CD1 1 
ATOM   534  C CD2 . LEU B 1 19 ? 5.064   -5.126  9.101   1.00 38.28 ? 19  LEU B CD2 1 
ATOM   535  N N   . LEU B 1 20 ? 5.209   -0.433  6.752   1.00 27.39 ? 20  LEU B N   1 
ATOM   536  C CA  . LEU B 1 20 ? 4.685   0.460   5.727   1.00 30.36 ? 20  LEU B CA  1 
ATOM   537  C C   . LEU B 1 20 ? 5.619   0.488   4.506   1.00 27.41 ? 20  LEU B C   1 
ATOM   538  O O   . LEU B 1 20 ? 5.163   0.557   3.366   1.00 25.39 ? 20  LEU B O   1 
ATOM   539  C CB  . LEU B 1 20 ? 4.492   1.872   6.302   1.00 27.34 ? 20  LEU B CB  1 
ATOM   540  C CG  . LEU B 1 20 ? 3.808   2.885   5.378   1.00 26.65 ? 20  LEU B CG  1 
ATOM   541  C CD1 . LEU B 1 20 ? 2.427   2.382   4.998   1.00 17.91 ? 20  LEU B CD1 1 
ATOM   542  C CD2 . LEU B 1 20 ? 3.708   4.236   6.081   1.00 24.49 ? 20  LEU B CD2 1 
ATOM   543  N N   . GLN B 1 21 ? 6.927   0.439   4.748   1.00 24.22 ? 21  GLN B N   1 
ATOM   544  C CA  . GLN B 1 21 ? 7.909   0.422   3.663   1.00 27.03 ? 21  GLN B CA  1 
ATOM   545  C C   . GLN B 1 21 ? 7.621   -0.786  2.756   1.00 32.67 ? 21  GLN B C   1 
ATOM   546  O O   . GLN B 1 21 ? 7.507   -0.653  1.536   1.00 28.81 ? 21  GLN B O   1 
ATOM   547  C CB  . GLN B 1 21 ? 9.326   0.316   4.246   1.00 20.69 ? 21  GLN B CB  1 
ATOM   548  C CG  . GLN B 1 21 ? 10.451  -0.016  3.243   1.00 36.42 ? 21  GLN B CG  1 
ATOM   549  C CD  . GLN B 1 21 ? 10.629  1.027   2.135   1.00 47.18 ? 21  GLN B CD  1 
ATOM   550  O OE1 . GLN B 1 21 ? 10.308  2.207   2.320   1.00 45.06 ? 21  GLN B OE1 1 
ATOM   551  N NE2 . GLN B 1 21 ? 11.163  0.596   0.982   1.00 41.64 ? 21  GLN B NE2 1 
ATOM   552  N N   . GLU B 1 22 ? 7.499   -1.962  3.369   1.00 34.40 ? 22  GLU B N   1 
ATOM   553  C CA  . GLU B 1 22 ? 7.225   -3.195  2.637   1.00 33.88 ? 22  GLU B CA  1 
ATOM   554  C C   . GLU B 1 22 ? 5.885   -3.080  1.932   1.00 32.84 ? 22  GLU B C   1 
ATOM   555  O O   . GLU B 1 22 ? 5.770   -3.408  0.755   1.00 26.58 ? 22  GLU B O   1 
ATOM   556  C CB  . GLU B 1 22 ? 7.220   -4.381  3.603   1.00 35.81 ? 22  GLU B CB  1 
ATOM   557  C CG  . GLU B 1 22 ? 8.581   -4.616  4.272   1.00 53.61 ? 22  GLU B CG  1 
ATOM   558  C CD  . GLU B 1 22 ? 8.541   -5.657  5.387   1.00 62.29 ? 22  GLU B CD  1 
ATOM   559  O OE1 . GLU B 1 22 ? 7.964   -6.743  5.167   1.00 69.17 ? 22  GLU B OE1 1 
ATOM   560  O OE2 . GLU B 1 22 ? 9.095   -5.395  6.481   1.00 63.81 ? 22  GLU B OE2 1 
ATOM   561  N N   . TYR B 1 23 ? 4.883   -2.583  2.653   1.00 32.46 ? 23  TYR B N   1 
ATOM   562  C CA  . TYR B 1 23 ? 3.546   -2.416  2.098   1.00 30.25 ? 23  TYR B CA  1 
ATOM   563  C C   . TYR B 1 23 ? 3.512   -1.440  0.904   1.00 35.45 ? 23  TYR B C   1 
ATOM   564  O O   . TYR B 1 23 ? 3.037   -1.783  -0.182  1.00 33.40 ? 23  TYR B O   1 
ATOM   565  C CB  . TYR B 1 23 ? 2.594   -1.928  3.196   1.00 29.33 ? 23  TYR B CB  1 
ATOM   566  C CG  . TYR B 1 23 ? 1.149   -1.806  2.764   1.00 30.71 ? 23  TYR B CG  1 
ATOM   567  C CD1 . TYR B 1 23 ? 0.200   -2.753  3.148   1.00 34.28 ? 23  TYR B CD1 1 
ATOM   568  C CD2 . TYR B 1 23 ? 0.732   -0.752  1.960   1.00 26.45 ? 23  TYR B CD2 1 
ATOM   569  C CE1 . TYR B 1 23 ? -1.135  -2.649  2.735   1.00 35.60 ? 23  TYR B CE1 1 
ATOM   570  C CE2 . TYR B 1 23 ? -0.587  -0.634  1.546   1.00 23.54 ? 23  TYR B CE2 1 
ATOM   571  C CZ  . TYR B 1 23 ? -1.517  -1.579  1.933   1.00 37.13 ? 23  TYR B CZ  1 
ATOM   572  O OH  . TYR B 1 23 ? -2.828  -1.446  1.515   1.00 45.56 ? 23  TYR B OH  1 
ATOM   573  N N   . GLY B 1 24 ? 4.020   -0.227  1.105   1.00 31.03 ? 24  GLY B N   1 
ATOM   574  C CA  . GLY B 1 24 ? 4.002   0.774   0.052   1.00 28.35 ? 24  GLY B CA  1 
ATOM   575  C C   . GLY B 1 24 ? 4.748   0.424   -1.223  1.00 29.73 ? 24  GLY B C   1 
ATOM   576  O O   . GLY B 1 24 ? 4.224   0.570   -2.333  1.00 25.68 ? 24  GLY B O   1 
ATOM   577  N N   . THR B 1 25 ? 5.978   -0.045  -1.071  1.00 31.85 ? 25  THR B N   1 
ATOM   578  C CA  . THR B 1 25 ? 6.780   -0.385  -2.231  1.00 37.26 ? 25  THR B CA  1 
ATOM   579  C C   . THR B 1 25 ? 6.135   -1.467  -3.099  1.00 39.72 ? 25  THR B C   1 
ATOM   580  O O   . THR B 1 25 ? 6.296   -1.465  -4.321  1.00 38.21 ? 25  THR B O   1 
ATOM   581  C CB  . THR B 1 25 ? 8.201   -0.825  -1.814  1.00 39.57 ? 25  THR B CB  1 
ATOM   582  O OG1 . THR B 1 25 ? 8.968   -1.121  -2.987  1.00 48.66 ? 25  THR B OG1 1 
ATOM   583  C CG2 . THR B 1 25 ? 8.148   -2.049  -0.936  1.00 40.37 ? 25  THR B CG2 1 
ATOM   584  N N   . ARG B 1 26 ? 5.393   -2.380  -2.481  1.00 35.93 ? 26  ARG B N   1 
ATOM   585  C CA  . ARG B 1 26 ? 4.755   -3.444  -3.241  1.00 35.71 ? 26  ARG B CA  1 
ATOM   586  C C   . ARG B 1 26 ? 3.676   -2.922  -4.190  1.00 39.34 ? 26  ARG B C   1 
ATOM   587  O O   . ARG B 1 26 ? 3.484   -3.472  -5.279  1.00 38.78 ? 26  ARG B O   1 
ATOM   588  C CB  . ARG B 1 26 ? 4.133   -4.466  -2.299  1.00 36.99 ? 26  ARG B CB  1 
ATOM   589  C CG  . ARG B 1 26 ? 3.715   -5.757  -2.978  1.00 37.82 ? 26  ARG B CG  1 
ATOM   590  C CD  . ARG B 1 26 ? 4.925   -6.631  -3.280  1.00 45.17 ? 26  ARG B CD  1 
ATOM   591  N NE  . ARG B 1 26 ? 4.540   -7.976  -3.707  1.00 45.93 ? 26  ARG B NE  1 
ATOM   592  C CZ  . ARG B 1 26 ? 4.041   -8.262  -4.903  1.00 54.14 ? 26  ARG B CZ  1 
ATOM   593  N NH1 . ARG B 1 26 ? 3.870   -7.288  -5.794  1.00 56.23 ? 26  ARG B NH1 1 
ATOM   594  N NH2 . ARG B 1 26 ? 3.713   -9.518  -5.207  1.00 55.60 ? 26  ARG B NH2 1 
ATOM   595  N N   . ILE B 1 27 ? 2.976   -1.866  -3.777  1.00 34.55 ? 27  ILE B N   1 
ATOM   596  C CA  . ILE B 1 27 ? 1.910   -1.282  -4.590  1.00 31.15 ? 27  ILE B CA  1 
ATOM   597  C C   . ILE B 1 27 ? 2.349   -0.046  -5.366  1.00 28.01 ? 27  ILE B C   1 
ATOM   598  O O   . ILE B 1 27 ? 1.513   0.712   -5.856  1.00 30.13 ? 27  ILE B O   1 
ATOM   599  C CB  . ILE B 1 27 ? 0.680   -0.889  -3.732  1.00 27.25 ? 27  ILE B CB  1 
ATOM   600  C CG1 . ILE B 1 27 ? 1.087   0.125   -2.657  1.00 35.53 ? 27  ILE B CG1 1 
ATOM   601  C CG2 . ILE B 1 27 ? 0.058   -2.133  -3.113  1.00 34.29 ? 27  ILE B CG2 1 
ATOM   602  C CD1 . ILE B 1 27 ? -0.094  0.743   -1.917  1.00 28.92 ? 27  ILE B CD1 1 
ATOM   603  N N   . GLY B 1 28 ? 3.660   0.163   -5.454  1.00 24.86 ? 28  GLY B N   1 
ATOM   604  C CA  . GLY B 1 28 ? 4.182   1.300   -6.193  1.00 21.24 ? 28  GLY B CA  1 
ATOM   605  C C   . GLY B 1 28 ? 4.016   2.621   -5.475  1.00 27.04 ? 28  GLY B C   1 
ATOM   606  O O   . GLY B 1 28 ? 3.933   3.671   -6.107  1.00 29.12 ? 28  GLY B O   1 
ATOM   607  N N   . LYS B 1 29 ? 3.981   2.576   -4.148  1.00 24.28 ? 29  LYS B N   1 
ATOM   608  C CA  . LYS B 1 29 ? 3.818   3.788   -3.359  1.00 25.79 ? 29  LYS B CA  1 
ATOM   609  C C   . LYS B 1 29 ? 4.736   3.779   -2.146  1.00 25.51 ? 29  LYS B C   1 
ATOM   610  O O   . LYS B 1 29 ? 4.280   3.712   -1.009  1.00 24.12 ? 29  LYS B O   1 
ATOM   611  C CB  . LYS B 1 29 ? 2.353   3.921   -2.911  1.00 30.95 ? 29  LYS B CB  1 
ATOM   612  C CG  . LYS B 1 29 ? 1.365   4.097   -4.060  1.00 34.29 ? 29  LYS B CG  1 
ATOM   613  C CD  . LYS B 1 29 ? -0.084  3.989   -3.577  1.00 40.63 ? 29  LYS B CD  1 
ATOM   614  C CE  . LYS B 1 29 ? -1.053  3.970   -4.754  1.00 40.30 ? 29  LYS B CE  1 
ATOM   615  N NZ  . LYS B 1 29 ? -2.451  3.795   -4.301  1.00 42.26 ? 29  LYS B NZ  1 
ATOM   616  N N   . THR B 1 30 ? 6.039   3.824   -2.390  1.00 27.16 ? 30  THR B N   1 
ATOM   617  C CA  . THR B 1 30 ? 6.996   3.829   -1.303  1.00 25.66 ? 30  THR B CA  1 
ATOM   618  C C   . THR B 1 30 ? 6.733   5.067   -0.434  1.00 26.49 ? 30  THR B C   1 
ATOM   619  O O   . THR B 1 30 ? 6.562   6.168   -0.955  1.00 29.68 ? 30  THR B O   1 
ATOM   620  C CB  . THR B 1 30 ? 8.423   3.843   -1.866  1.00 27.43 ? 30  THR B CB  1 
ATOM   621  O OG1 . THR B 1 30 ? 8.592   2.698   -2.714  1.00 30.57 ? 30  THR B OG1 1 
ATOM   622  C CG2 . THR B 1 30 ? 9.452   3.800   -0.748  1.00 24.78 ? 30  THR B CG2 1 
ATOM   623  N N   . PRO B 1 31 ? 6.671   4.893   0.900   1.00 22.96 ? 31  PRO B N   1 
ATOM   624  C CA  . PRO B 1 31 ? 6.422   5.992   1.847   1.00 22.65 ? 31  PRO B CA  1 
ATOM   625  C C   . PRO B 1 31 ? 7.479   7.079   1.777   1.00 24.96 ? 31  PRO B C   1 
ATOM   626  O O   . PRO B 1 31 ? 8.678   6.792   1.693   1.00 24.14 ? 31  PRO B O   1 
ATOM   627  C CB  . PRO B 1 31 ? 6.444   5.310   3.216   1.00 24.38 ? 31  PRO B CB  1 
ATOM   628  C CG  . PRO B 1 31 ? 6.189   3.851   2.912   1.00 26.91 ? 31  PRO B CG  1 
ATOM   629  C CD  . PRO B 1 31 ? 6.915   3.626   1.617   1.00 23.96 ? 31  PRO B CD  1 
ATOM   630  N N   . VAL B 1 32 ? 7.035   8.331   1.810   1.00 22.88 ? 32  VAL B N   1 
ATOM   631  C CA  . VAL B 1 32 ? 7.953   9.460   1.786   1.00 19.53 ? 32  VAL B CA  1 
ATOM   632  C C   . VAL B 1 32 ? 7.610   10.294  2.998   1.00 19.44 ? 32  VAL B C   1 
ATOM   633  O O   . VAL B 1 32 ? 6.451   10.623  3.204   1.00 16.93 ? 32  VAL B O   1 
ATOM   634  C CB  . VAL B 1 32 ? 7.777   10.314  0.522   1.00 25.62 ? 32  VAL B CB  1 
ATOM   635  C CG1 . VAL B 1 32 ? 8.652   11.555  0.622   1.00 17.55 ? 32  VAL B CG1 1 
ATOM   636  C CG2 . VAL B 1 32 ? 8.124   9.489   -0.723  1.00 25.38 ? 32  VAL B CG2 1 
ATOM   637  N N   . TYR B 1 33 ? 8.614   10.641  3.791   1.00 18.95 ? 33  TYR B N   1 
ATOM   638  C CA  . TYR B 1 33 ? 8.394   11.412  5.016   1.00 22.40 ? 33  TYR B CA  1 
ATOM   639  C C   . TYR B 1 33 ? 8.824   12.878  4.939   1.00 19.78 ? 33  TYR B C   1 
ATOM   640  O O   . TYR B 1 33 ? 9.894   13.184  4.437   1.00 21.29 ? 33  TYR B O   1 
ATOM   641  C CB  . TYR B 1 33 ? 9.127   10.730  6.175   1.00 18.43 ? 33  TYR B CB  1 
ATOM   642  C CG  . TYR B 1 33 ? 8.630   9.326   6.472   1.00 23.01 ? 33  TYR B CG  1 
ATOM   643  C CD1 . TYR B 1 33 ? 7.654   9.101   7.444   1.00 19.03 ? 33  TYR B CD1 1 
ATOM   644  C CD2 . TYR B 1 33 ? 9.124   8.221   5.761   1.00 20.46 ? 33  TYR B CD2 1 
ATOM   645  C CE1 . TYR B 1 33 ? 7.179   7.811   7.708   1.00 22.70 ? 33  TYR B CE1 1 
ATOM   646  C CE2 . TYR B 1 33 ? 8.651   6.930   6.006   1.00 18.82 ? 33  TYR B CE2 1 
ATOM   647  C CZ  . TYR B 1 33 ? 7.681   6.730   6.981   1.00 24.78 ? 33  TYR B CZ  1 
ATOM   648  O OH  . TYR B 1 33 ? 7.223   5.455   7.231   1.00 24.38 ? 33  TYR B OH  1 
ATOM   649  N N   . ASP B 1 34 ? 7.982   13.777  5.446   1.00 19.84 ? 34  ASP B N   1 
ATOM   650  C CA  . ASP B 1 34 ? 8.290   15.211  5.457   1.00 18.82 ? 34  ASP B CA  1 
ATOM   651  C C   . ASP B 1 34 ? 8.303   15.729  6.897   1.00 19.88 ? 34  ASP B C   1 
ATOM   652  O O   . ASP B 1 34 ? 7.322   15.584  7.628   1.00 16.47 ? 34  ASP B O   1 
ATOM   653  C CB  . ASP B 1 34 ? 7.245   16.018  4.670   1.00 21.84 ? 34  ASP B CB  1 
ATOM   654  C CG  . ASP B 1 34 ? 7.404   15.889  3.159   1.00 33.28 ? 34  ASP B CG  1 
ATOM   655  O OD1 . ASP B 1 34 ? 8.449   16.321  2.620   1.00 39.52 ? 34  ASP B OD1 1 
ATOM   656  O OD2 . ASP B 1 34 ? 6.474   15.363  2.510   1.00 40.34 ? 34  ASP B OD2 1 
ATOM   657  N N   . LEU B 1 35 ? 9.425   16.312  7.300   1.00 24.43 ? 35  LEU B N   1 
ATOM   658  C CA  . LEU B 1 35 ? 9.549   16.883  8.634   1.00 28.23 ? 35  LEU B CA  1 
ATOM   659  C C   . LEU B 1 35 ? 8.784   18.204  8.602   1.00 30.17 ? 35  LEU B C   1 
ATOM   660  O O   . LEU B 1 35 ? 9.175   19.136  7.891   1.00 30.06 ? 35  LEU B O   1 
ATOM   661  C CB  . LEU B 1 35 ? 11.017  17.144  8.964   1.00 28.59 ? 35  LEU B CB  1 
ATOM   662  C CG  . LEU B 1 35 ? 11.276  18.085  10.144  1.00 35.88 ? 35  LEU B CG  1 
ATOM   663  C CD1 . LEU B 1 35 ? 10.682  17.508  11.407  1.00 30.20 ? 35  LEU B CD1 1 
ATOM   664  C CD2 . LEU B 1 35 ? 12.774  18.295  10.301  1.00 33.87 ? 35  LEU B CD2 1 
ATOM   665  N N   . LEU B 1 36 ? 7.692   18.277  9.359   1.00 29.39 ? 36  LEU B N   1 
ATOM   666  C CA  . LEU B 1 36 ? 6.869   19.480  9.399   1.00 31.37 ? 36  LEU B CA  1 
ATOM   667  C C   . LEU B 1 36 ? 7.253   20.467  10.505  1.00 35.41 ? 36  LEU B C   1 
ATOM   668  O O   . LEU B 1 36 ? 7.299   21.676  10.269  1.00 37.33 ? 36  LEU B O   1 
ATOM   669  C CB  . LEU B 1 36 ? 5.393   19.107  9.560   1.00 25.33 ? 36  LEU B CB  1 
ATOM   670  C CG  . LEU B 1 36 ? 4.791   18.123  8.555   1.00 29.12 ? 36  LEU B CG  1 
ATOM   671  C CD1 . LEU B 1 36 ? 3.276   18.136  8.725   1.00 26.16 ? 36  LEU B CD1 1 
ATOM   672  C CD2 . LEU B 1 36 ? 5.171   18.512  7.125   1.00 24.58 ? 36  LEU B CD2 1 
ATOM   673  N N   . LYS B 1 37 ? 7.513   19.957  11.707  1.00 34.31 ? 37  LYS B N   1 
ATOM   674  C CA  . LYS B 1 37 ? 7.865   20.804  12.844  1.00 38.30 ? 37  LYS B CA  1 
ATOM   675  C C   . LYS B 1 37 ? 8.837   20.123  13.788  1.00 43.83 ? 37  LYS B C   1 
ATOM   676  O O   . LYS B 1 37 ? 8.931   18.896  13.832  1.00 39.43 ? 37  LYS B O   1 
ATOM   677  C CB  . LYS B 1 37 ? 6.621   21.185  13.650  1.00 36.49 ? 37  LYS B CB  1 
ATOM   678  C CG  . LYS B 1 37 ? 5.575   21.934  12.873  1.00 48.45 ? 37  LYS B CG  1 
ATOM   679  C CD  . LYS B 1 37 ? 4.393   22.268  13.747  1.00 55.13 ? 37  LYS B CD  1 
ATOM   680  C CE  . LYS B 1 37 ? 3.274   22.832  12.901  1.00 58.39 ? 37  LYS B CE  1 
ATOM   681  N NZ  . LYS B 1 37 ? 2.948   21.890  11.792  1.00 64.73 ? 37  LYS B NZ  1 
ATOM   682  N N   . ALA B 1 38 ? 9.532   20.943  14.568  1.00 47.70 ? 38  ALA B N   1 
ATOM   683  C CA  . ALA B 1 38 ? 10.507  20.471  15.537  1.00 48.56 ? 38  ALA B CA  1 
ATOM   684  C C   . ALA B 1 38 ? 10.567  21.453  16.700  1.00 53.70 ? 38  ALA B C   1 
ATOM   685  O O   . ALA B 1 38 ? 11.231  22.477  16.600  1.00 60.97 ? 38  ALA B O   1 
ATOM   686  C CB  . ALA B 1 38 ? 11.881  20.358  14.872  1.00 41.71 ? 38  ALA B CB  1 
ATOM   687  N N   . GLU B 1 39 ? 9.864   21.145  17.791  1.00 62.98 ? 39  GLU B N   1 
ATOM   688  C CA  . GLU B 1 39 ? 9.846   22.001  18.985  1.00 67.14 ? 39  GLU B CA  1 
ATOM   689  C C   . GLU B 1 39 ? 10.671  21.379  20.125  1.00 68.83 ? 39  GLU B C   1 
ATOM   690  O O   . GLU B 1 39 ? 11.097  20.225  20.035  1.00 68.28 ? 39  GLU B O   1 
ATOM   691  C CB  . GLU B 1 39 ? 8.406   22.215  19.468  1.00 70.50 ? 39  GLU B CB  1 
ATOM   692  C CG  . GLU B 1 39 ? 8.289   23.171  20.653  1.00 78.38 ? 39  GLU B CG  1 
ATOM   693  C CD  . GLU B 1 39 ? 7.263   22.726  21.682  1.00 80.52 ? 39  GLU B CD  1 
ATOM   694  O OE1 . GLU B 1 39 ? 7.419   21.618  22.240  1.00 80.06 ? 39  GLU B OE1 1 
ATOM   695  O OE2 . GLU B 1 39 ? 6.304   23.485  21.937  1.00 81.47 ? 39  GLU B OE2 1 
ATOM   696  N N   . GLY B 1 40 ? 10.895  22.147  21.192  1.00 71.13 ? 40  GLY B N   1 
ATOM   697  C CA  . GLY B 1 40 ? 11.657  21.641  22.322  1.00 72.93 ? 40  GLY B CA  1 
ATOM   698  C C   . GLY B 1 40 ? 12.620  22.648  22.925  1.00 75.74 ? 40  GLY B C   1 
ATOM   699  O O   . GLY B 1 40 ? 13.615  22.278  23.555  1.00 76.38 ? 40  GLY B O   1 
ATOM   700  N N   . GLN B 1 44 ? 11.398  20.200  25.899  1.00 68.62 ? 44  GLN B N   1 
ATOM   701  C CA  . GLN B 1 44 ? 10.977  18.866  25.473  1.00 68.44 ? 44  GLN B CA  1 
ATOM   702  C C   . GLN B 1 44 ? 10.799  18.771  23.963  1.00 62.97 ? 44  GLN B C   1 
ATOM   703  O O   . GLN B 1 44 ? 9.844   19.312  23.413  1.00 64.21 ? 44  GLN B O   1 
ATOM   704  C CB  . GLN B 1 44 ? 9.661   18.479  26.156  1.00 70.49 ? 44  GLN B CB  1 
ATOM   705  C CG  . GLN B 1 44 ? 9.805   18.107  27.617  1.00 79.23 ? 44  GLN B CG  1 
ATOM   706  C CD  . GLN B 1 44 ? 10.666  16.873  27.821  1.00 81.84 ? 44  GLN B CD  1 
ATOM   707  O OE1 . GLN B 1 44 ? 11.859  16.874  27.513  1.00 81.98 ? 44  GLN B OE1 1 
ATOM   708  N NE2 . GLN B 1 44 ? 10.062  15.811  28.341  1.00 81.20 ? 44  GLN B NE2 1 
ATOM   709  N N   . PRO B 1 45 ? 11.714  18.069  23.275  1.00 59.86 ? 45  PRO B N   1 
ATOM   710  C CA  . PRO B 1 45 ? 11.638  17.915  21.818  1.00 56.69 ? 45  PRO B CA  1 
ATOM   711  C C   . PRO B 1 45 ? 10.306  17.319  21.378  1.00 52.13 ? 45  PRO B C   1 
ATOM   712  O O   . PRO B 1 45 ? 9.771   16.418  22.026  1.00 54.03 ? 45  PRO B O   1 
ATOM   713  C CB  . PRO B 1 45 ? 12.808  16.985  21.505  1.00 55.43 ? 45  PRO B CB  1 
ATOM   714  C CG  . PRO B 1 45 ? 13.788  17.316  22.577  1.00 59.95 ? 45  PRO B CG  1 
ATOM   715  C CD  . PRO B 1 45 ? 12.906  17.388  23.803  1.00 59.90 ? 45  PRO B CD  1 
ATOM   716  N N   . ASN B 1 46 ? 9.774   17.841  20.281  1.00 46.37 ? 46  ASN B N   1 
ATOM   717  C CA  . ASN B 1 46 ? 8.511   17.377  19.730  1.00 43.23 ? 46  ASN B CA  1 
ATOM   718  C C   . ASN B 1 46 ? 8.630   17.512  18.218  1.00 39.70 ? 46  ASN B C   1 
ATOM   719  O O   . ASN B 1 46 ? 8.716   18.620  17.696  1.00 44.36 ? 46  ASN B O   1 
ATOM   720  C CB  . ASN B 1 46 ? 7.352   18.244  20.241  1.00 49.09 ? 46  ASN B CB  1 
ATOM   721  C CG  . ASN B 1 46 ? 5.979   17.714  19.823  1.00 59.20 ? 46  ASN B CG  1 
ATOM   722  O OD1 . ASN B 1 46 ? 5.003   18.467  19.774  1.00 64.48 ? 46  ASN B OD1 1 
ATOM   723  N ND2 . ASN B 1 46 ? 5.895   16.420  19.540  1.00 60.11 ? 46  ASN B ND2 1 
ATOM   724  N N   . PHE B 1 47 ? 8.656   16.381  17.523  1.00 29.68 ? 47  PHE B N   1 
ATOM   725  C CA  . PHE B 1 47 ? 8.757   16.385  16.071  1.00 27.50 ? 47  PHE B CA  1 
ATOM   726  C C   . PHE B 1 47 ? 7.428   15.998  15.455  1.00 24.74 ? 47  PHE B C   1 
ATOM   727  O O   . PHE B 1 47 ? 6.714   15.147  15.977  1.00 26.75 ? 47  PHE B O   1 
ATOM   728  C CB  . PHE B 1 47 ? 9.827   15.398  15.609  1.00 26.37 ? 47  PHE B CB  1 
ATOM   729  C CG  . PHE B 1 47 ? 11.200  15.729  16.098  1.00 28.03 ? 47  PHE B CG  1 
ATOM   730  C CD1 . PHE B 1 47 ? 11.997  16.646  15.413  1.00 25.17 ? 47  PHE B CD1 1 
ATOM   731  C CD2 . PHE B 1 47 ? 11.689  15.151  17.268  1.00 27.40 ? 47  PHE B CD2 1 
ATOM   732  C CE1 . PHE B 1 47 ? 13.262  16.980  15.889  1.00 31.98 ? 47  PHE B CE1 1 
ATOM   733  C CE2 . PHE B 1 47 ? 12.944  15.475  17.752  1.00 28.21 ? 47  PHE B CE2 1 
ATOM   734  C CZ  . PHE B 1 47 ? 13.737  16.393  17.062  1.00 30.08 ? 47  PHE B CZ  1 
ATOM   735  N N   . THR B 1 48 ? 7.103   16.643  14.345  1.00 28.08 ? 48  THR B N   1 
ATOM   736  C CA  . THR B 1 48 ? 5.873   16.373  13.618  1.00 27.08 ? 48  THR B CA  1 
ATOM   737  C C   . THR B 1 48 ? 6.271   15.986  12.188  1.00 29.50 ? 48  THR B C   1 
ATOM   738  O O   . THR B 1 48 ? 6.891   16.774  11.468  1.00 23.96 ? 48  THR B O   1 
ATOM   739  C CB  . THR B 1 48 ? 4.955   17.622  13.611  1.00 31.13 ? 48  THR B CB  1 
ATOM   740  O OG1 . THR B 1 48 ? 4.589   17.951  14.959  1.00 35.76 ? 48  THR B OG1 1 
ATOM   741  C CG2 . THR B 1 48 ? 3.683   17.362  12.811  1.00 28.24 ? 48  THR B CG2 1 
ATOM   742  N N   . PHE B 1 49 ? 5.938   14.754  11.806  1.00 24.63 ? 49  PHE B N   1 
ATOM   743  C CA  . PHE B 1 49 ? 6.236   14.225  10.477  1.00 21.96 ? 49  PHE B CA  1 
ATOM   744  C C   . PHE B 1 49 ? 5.003   13.793  9.698   1.00 21.88 ? 49  PHE B C   1 
ATOM   745  O O   . PHE B 1 49 ? 4.059   13.226  10.248  1.00 23.99 ? 49  PHE B O   1 
ATOM   746  C CB  . PHE B 1 49 ? 7.155   12.999  10.560  1.00 26.32 ? 49  PHE B CB  1 
ATOM   747  C CG  . PHE B 1 49 ? 8.618   13.324  10.541  1.00 30.97 ? 49  PHE B CG  1 
ATOM   748  C CD1 . PHE B 1 49 ? 9.288   13.660  11.714  1.00 24.92 ? 49  PHE B CD1 1 
ATOM   749  C CD2 . PHE B 1 49 ? 9.329   13.303  9.343   1.00 28.24 ? 49  PHE B CD2 1 
ATOM   750  C CE1 . PHE B 1 49 ? 10.642  13.969  11.695  1.00 30.50 ? 49  PHE B CE1 1 
ATOM   751  C CE2 . PHE B 1 49 ? 10.689  13.613  9.315   1.00 26.77 ? 49  PHE B CE2 1 
ATOM   752  C CZ  . PHE B 1 49 ? 11.346  13.947  10.493  1.00 24.83 ? 49  PHE B CZ  1 
ATOM   753  N N   . ARG B 1 50 ? 5.026   14.053  8.400   1.00 20.09 ? 50  ARG B N   1 
ATOM   754  C CA  . ARG B 1 50 ? 3.945   13.607  7.551   1.00 19.27 ? 50  ARG B CA  1 
ATOM   755  C C   . ARG B 1 50 ? 4.486   12.437  6.745   1.00 20.44 ? 50  ARG B C   1 
ATOM   756  O O   . ARG B 1 50 ? 5.646   12.442  6.366   1.00 19.04 ? 50  ARG B O   1 
ATOM   757  C CB  . ARG B 1 50 ? 3.527   14.696  6.575   1.00 18.19 ? 50  ARG B CB  1 
ATOM   758  C CG  . ARG B 1 50 ? 2.396   14.226  5.672   1.00 27.37 ? 50  ARG B CG  1 
ATOM   759  C CD  . ARG B 1 50 ? 1.851   15.357  4.842   1.00 23.01 ? 50  ARG B CD  1 
ATOM   760  N NE  . ARG B 1 50 ? 2.842   15.835  3.904   1.00 30.59 ? 50  ARG B NE  1 
ATOM   761  C CZ  . ARG B 1 50 ? 3.118   17.118  3.713   1.00 32.59 ? 50  ARG B CZ  1 
ATOM   762  N NH1 . ARG B 1 50 ? 2.468   18.051  4.401   1.00 28.84 ? 50  ARG B NH1 1 
ATOM   763  N NH2 . ARG B 1 50 ? 4.053   17.462  2.839   1.00 37.02 ? 50  ARG B NH2 1 
ATOM   764  N N   . VAL B 1 51 ? 3.672   11.418  6.508   1.00 20.87 ? 51  VAL B N   1 
ATOM   765  C CA  . VAL B 1 51 ? 4.128   10.326  5.663   1.00 14.94 ? 51  VAL B CA  1 
ATOM   766  C C   . VAL B 1 51 ? 3.175   10.355  4.485   1.00 19.29 ? 51  VAL B C   1 
ATOM   767  O O   . VAL B 1 51 ? 1.985   10.637  4.652   1.00 21.05 ? 51  VAL B O   1 
ATOM   768  C CB  . VAL B 1 51 ? 4.053   8.950   6.357   1.00 18.74 ? 51  VAL B CB  1 
ATOM   769  C CG1 . VAL B 1 51 ? 2.608   8.592   6.685   1.00 17.59 ? 51  VAL B CG1 1 
ATOM   770  C CG2 . VAL B 1 51 ? 4.696   7.897   5.453   1.00 16.70 ? 51  VAL B CG2 1 
ATOM   771  N N   . THR B 1 52 ? 3.693   10.114  3.293   1.00 23.06 ? 52  THR B N   1 
ATOM   772  C CA  . THR B 1 52 ? 2.854   10.118  2.103   1.00 20.46 ? 52  THR B CA  1 
ATOM   773  C C   . THR B 1 52 ? 2.967   8.761   1.422   1.00 22.82 ? 52  THR B C   1 
ATOM   774  O O   . THR B 1 52 ? 4.068   8.259   1.226   1.00 19.53 ? 52  THR B O   1 
ATOM   775  C CB  . THR B 1 52 ? 3.278   11.242  1.118   1.00 24.41 ? 52  THR B CB  1 
ATOM   776  O OG1 . THR B 1 52 ? 2.975   12.516  1.696   1.00 20.86 ? 52  THR B OG1 1 
ATOM   777  C CG2 . THR B 1 52 ? 2.537   11.117  -0.221  1.00 19.58 ? 52  THR B CG2 1 
ATOM   778  N N   . VAL B 1 53 ? 1.823   8.166   1.092   1.00 21.78 ? 53  VAL B N   1 
ATOM   779  C CA  . VAL B 1 53 ? 1.772   6.866   0.425   1.00 26.66 ? 53  VAL B CA  1 
ATOM   780  C C   . VAL B 1 53 ? 0.857   7.028   -0.779  1.00 22.04 ? 53  VAL B C   1 
ATOM   781  O O   . VAL B 1 53 ? -0.351  6.839   -0.692  1.00 25.21 ? 53  VAL B O   1 
ATOM   782  C CB  . VAL B 1 53 ? 1.207   5.776   1.363   1.00 27.38 ? 53  VAL B CB  1 
ATOM   783  C CG1 . VAL B 1 53 ? 1.143   4.424   0.636   1.00 27.58 ? 53  VAL B CG1 1 
ATOM   784  C CG2 . VAL B 1 53 ? 2.091   5.663   2.593   1.00 25.53 ? 53  VAL B CG2 1 
ATOM   785  N N   . GLY B 1 54 ? 1.433   7.407   -1.908  1.00 25.98 ? 54  GLY B N   1 
ATOM   786  C CA  . GLY B 1 54 ? 0.606   7.617   -3.075  1.00 22.29 ? 54  GLY B CA  1 
ATOM   787  C C   . GLY B 1 54 ? -0.281  8.815   -2.815  1.00 23.88 ? 54  GLY B C   1 
ATOM   788  O O   . GLY B 1 54 ? 0.218   9.913   -2.603  1.00 26.39 ? 54  GLY B O   1 
ATOM   789  N N   . ASP B 1 55 ? -1.593  8.609   -2.813  1.00 27.90 ? 55  ASP B N   1 
ATOM   790  C CA  . ASP B 1 55 ? -2.540  9.698   -2.588  1.00 27.92 ? 55  ASP B CA  1 
ATOM   791  C C   . ASP B 1 55 ? -2.841  9.929   -1.121  1.00 24.25 ? 55  ASP B C   1 
ATOM   792  O O   . ASP B 1 55 ? -3.467  10.917  -0.764  1.00 27.31 ? 55  ASP B O   1 
ATOM   793  C CB  . ASP B 1 55 ? -3.879  9.393   -3.255  1.00 34.71 ? 55  ASP B CB  1 
ATOM   794  C CG  . ASP B 1 55 ? -3.747  9.081   -4.725  1.00 49.69 ? 55  ASP B CG  1 
ATOM   795  O OD1 . ASP B 1 55 ? -3.320  9.982   -5.486  1.00 46.72 ? 55  ASP B OD1 1 
ATOM   796  O OD2 . ASP B 1 55 ? -4.078  7.935   -5.111  1.00 52.48 ? 55  ASP B OD2 1 
ATOM   797  N N   . THR B 1 56 ? -2.407  9.013   -0.275  1.00 24.64 ? 56  THR B N   1 
ATOM   798  C CA  . THR B 1 56 ? -2.706  9.094   1.140   1.00 21.57 ? 56  THR B CA  1 
ATOM   799  C C   . THR B 1 56 ? -1.608  9.723   1.970   1.00 25.27 ? 56  THR B C   1 
ATOM   800  O O   . THR B 1 56 ? -0.429  9.514   1.715   1.00 26.01 ? 56  THR B O   1 
ATOM   801  C CB  . THR B 1 56 ? -3.005  7.678   1.680   1.00 25.54 ? 56  THR B CB  1 
ATOM   802  O OG1 . THR B 1 56 ? -4.095  7.126   0.935   1.00 29.55 ? 56  THR B OG1 1 
ATOM   803  C CG2 . THR B 1 56 ? -3.360  7.707   3.180   1.00 22.81 ? 56  THR B CG2 1 
ATOM   804  N N   . SER B 1 57 ? -1.999  10.487  2.981   1.00 20.40 ? 57  SER B N   1 
ATOM   805  C CA  . SER B 1 57 ? -1.011  11.108  3.845   1.00 22.29 ? 57  SER B CA  1 
ATOM   806  C C   . SER B 1 57 ? -1.591  11.408  5.221   1.00 18.86 ? 57  SER B C   1 
ATOM   807  O O   . SER B 1 57 ? -2.781  11.632  5.375   1.00 18.57 ? 57  SER B O   1 
ATOM   808  C CB  . SER B 1 57 ? -0.468  12.391  3.202   1.00 19.70 ? 57  SER B CB  1 
ATOM   809  O OG  . SER B 1 57 ? -1.476  13.375  3.071   1.00 24.35 ? 57  SER B OG  1 
ATOM   810  N N   . CYS B 1 58 ? -0.738  11.379  6.230   1.00 23.26 ? 58  CYS B N   1 
ATOM   811  C CA  . CYS B 1 58 ? -1.148  11.660  7.587   1.00 26.06 ? 58  CYS B CA  1 
ATOM   812  C C   . CYS B 1 58 ? 0.083   12.104  8.344   1.00 21.22 ? 58  CYS B C   1 
ATOM   813  O O   . CYS B 1 58 ? 1.201   11.970  7.859   1.00 24.42 ? 58  CYS B O   1 
ATOM   814  C CB  . CYS B 1 58 ? -1.772  10.426  8.252   1.00 27.55 ? 58  CYS B CB  1 
ATOM   815  S SG  . CYS B 1 58 ? -0.697  8.965   8.329   1.00 31.23 ? 58  CYS B SG  1 
ATOM   816  N N   . THR B 1 59 ? -0.140  12.606  9.545   1.00 25.64 ? 59  THR B N   1 
ATOM   817  C CA  . THR B 1 59 ? 0.929   13.132  10.372  1.00 29.00 ? 59  THR B CA  1 
ATOM   818  C C   . THR B 1 59 ? 1.053   12.426  11.717  1.00 30.88 ? 59  THR B C   1 
ATOM   819  O O   . THR B 1 59 ? 0.067   11.949  12.278  1.00 32.05 ? 59  THR B O   1 
ATOM   820  C CB  . THR B 1 59 ? 0.697   14.649  10.581  1.00 23.97 ? 59  THR B CB  1 
ATOM   821  O OG1 . THR B 1 59 ? 0.792   15.309  9.313   1.00 24.13 ? 59  THR B OG1 1 
ATOM   822  C CG2 . THR B 1 59 ? 1.719   15.245  11.539  1.00 29.03 ? 59  THR B CG2 1 
ATOM   823  N N   . GLY B 1 60 ? 2.282   12.351  12.215  1.00 31.64 ? 60  GLY B N   1 
ATOM   824  C CA  . GLY B 1 60 ? 2.530   11.724  13.495  1.00 29.08 ? 60  GLY B CA  1 
ATOM   825  C C   . GLY B 1 60 ? 3.451   12.620  14.287  1.00 30.43 ? 60  GLY B C   1 
ATOM   826  O O   . GLY B 1 60 ? 4.215   13.403  13.715  1.00 30.52 ? 60  GLY B O   1 
ATOM   827  N N   . GLN B 1 61 ? 3.382   12.522  15.607  1.00 30.49 ? 61  GLN B N   1 
ATOM   828  C CA  . GLN B 1 61 ? 4.229   13.335  16.454  1.00 30.77 ? 61  GLN B CA  1 
ATOM   829  C C   . GLN B 1 61 ? 4.988   12.430  17.402  1.00 30.80 ? 61  GLN B C   1 
ATOM   830  O O   . GLN B 1 61 ? 4.502   11.367  17.771  1.00 30.50 ? 61  GLN B O   1 
ATOM   831  C CB  . GLN B 1 61 ? 3.384   14.345  17.222  1.00 35.31 ? 61  GLN B CB  1 
ATOM   832  C CG  . GLN B 1 61 ? 2.733   15.361  16.303  1.00 46.97 ? 61  GLN B CG  1 
ATOM   833  C CD  . GLN B 1 61 ? 2.035   16.471  17.055  1.00 59.16 ? 61  GLN B CD  1 
ATOM   834  O OE1 . GLN B 1 61 ? 1.081   16.234  17.803  1.00 63.71 ? 61  GLN B OE1 1 
ATOM   835  N NE2 . GLN B 1 61 ? 2.508   17.699  16.861  1.00 61.04 ? 61  GLN B NE2 1 
ATOM   836  N N   . GLY B 1 62 ? 6.191   12.843  17.780  1.00 26.54 ? 62  GLY B N   1 
ATOM   837  C CA  . GLY B 1 62 ? 6.984   12.027  18.671  1.00 29.40 ? 62  GLY B CA  1 
ATOM   838  C C   . GLY B 1 62 ? 8.151   12.776  19.279  1.00 27.56 ? 62  GLY B C   1 
ATOM   839  O O   . GLY B 1 62 ? 8.553   13.824  18.776  1.00 30.91 ? 62  GLY B O   1 
ATOM   840  N N   . PRO B 1 63 ? 8.716   12.248  20.375  1.00 27.73 ? 63  PRO B N   1 
ATOM   841  C CA  . PRO B 1 63 ? 9.847   12.835  21.096  1.00 24.65 ? 63  PRO B CA  1 
ATOM   842  C C   . PRO B 1 63 ? 11.162  12.775  20.317  1.00 28.06 ? 63  PRO B C   1 
ATOM   843  O O   . PRO B 1 63 ? 12.178  13.274  20.785  1.00 28.64 ? 63  PRO B O   1 
ATOM   844  C CB  . PRO B 1 63 ? 9.894   12.006  22.371  1.00 26.97 ? 63  PRO B CB  1 
ATOM   845  C CG  . PRO B 1 63 ? 9.532   10.635  21.854  1.00 32.99 ? 63  PRO B CG  1 
ATOM   846  C CD  . PRO B 1 63 ? 8.341   10.946  20.964  1.00 23.95 ? 63  PRO B CD  1 
ATOM   847  N N   . SER B 1 64 ? 11.141  12.149  19.142  1.00 27.79 ? 64  SER B N   1 
ATOM   848  C CA  . SER B 1 64 ? 12.326  12.040  18.294  1.00 23.99 ? 64  SER B CA  1 
ATOM   849  C C   . SER B 1 64 ? 11.836  11.962  16.862  1.00 24.66 ? 64  SER B C   1 
ATOM   850  O O   . SER B 1 64 ? 10.673  11.634  16.610  1.00 20.18 ? 64  SER B O   1 
ATOM   851  C CB  . SER B 1 64 ? 13.137  10.777  18.612  1.00 31.01 ? 64  SER B CB  1 
ATOM   852  O OG  . SER B 1 64 ? 12.444  9.605   18.215  1.00 34.04 ? 64  SER B OG  1 
ATOM   853  N N   . LYS B 1 65 ? 12.721  12.262  15.923  1.00 25.55 ? 65  LYS B N   1 
ATOM   854  C CA  . LYS B 1 65 ? 12.344  12.245  14.528  1.00 29.19 ? 65  LYS B CA  1 
ATOM   855  C C   . LYS B 1 65 ? 11.933  10.854  14.143  1.00 27.14 ? 65  LYS B C   1 
ATOM   856  O O   . LYS B 1 65 ? 10.931  10.672  13.469  1.00 28.10 ? 65  LYS B O   1 
ATOM   857  C CB  . LYS B 1 65 ? 13.497  12.736  13.654  1.00 28.49 ? 65  LYS B CB  1 
ATOM   858  C CG  . LYS B 1 65 ? 13.850  14.186  13.937  1.00 31.88 ? 65  LYS B CG  1 
ATOM   859  C CD  . LYS B 1 65 ? 14.699  14.825  12.840  1.00 38.16 ? 65  LYS B CD  1 
ATOM   860  C CE  . LYS B 1 65 ? 16.063  14.176  12.705  1.00 40.19 ? 65  LYS B CE  1 
ATOM   861  N NZ  . LYS B 1 65 ? 16.963  14.964  11.811  1.00 55.79 ? 65  LYS B NZ  1 
ATOM   862  N N   . LYS B 1 66 ? 12.686  9.863   14.597  1.00 30.59 ? 66  LYS B N   1 
ATOM   863  C CA  . LYS B 1 66 ? 12.343  8.496   14.262  1.00 29.43 ? 66  LYS B CA  1 
ATOM   864  C C   . LYS B 1 66 ? 11.021  8.082   14.909  1.00 34.01 ? 66  LYS B C   1 
ATOM   865  O O   . LYS B 1 66 ? 10.248  7.344   14.302  1.00 32.80 ? 66  LYS B O   1 
ATOM   866  C CB  . LYS B 1 66 ? 13.448  7.536   14.698  1.00 31.20 ? 66  LYS B CB  1 
ATOM   867  C CG  . LYS B 1 66 ? 13.188  6.104   14.242  1.00 38.79 ? 66  LYS B CG  1 
ATOM   868  C CD  . LYS B 1 66 ? 14.220  5.130   14.778  1.00 48.21 ? 66  LYS B CD  1 
ATOM   869  C CE  . LYS B 1 66 ? 15.628  5.482   14.321  1.00 53.07 ? 66  LYS B CE  1 
ATOM   870  N NZ  . LYS B 1 66 ? 16.622  4.463   14.779  1.00 57.61 ? 66  LYS B NZ  1 
ATOM   871  N N   . ALA B 1 67 ? 10.760  8.555   16.131  1.00 28.78 ? 67  ALA B N   1 
ATOM   872  C CA  . ALA B 1 67 ? 9.528   8.204   16.821  1.00 27.17 ? 67  ALA B CA  1 
ATOM   873  C C   . ALA B 1 67 ? 8.313   8.830   16.143  1.00 27.95 ? 67  ALA B C   1 
ATOM   874  O O   . ALA B 1 67 ? 7.255   8.213   16.069  1.00 27.96 ? 67  ALA B O   1 
ATOM   875  C CB  . ALA B 1 67 ? 9.591   8.627   18.290  1.00 24.46 ? 67  ALA B CB  1 
ATOM   876  N N   . ALA B 1 68 ? 8.465   10.051  15.639  1.00 24.45 ? 68  ALA B N   1 
ATOM   877  C CA  . ALA B 1 68 ? 7.358   10.722  14.961  1.00 19.51 ? 68  ALA B CA  1 
ATOM   878  C C   . ALA B 1 68 ? 7.037   10.016  13.644  1.00 17.42 ? 68  ALA B C   1 
ATOM   879  O O   . ALA B 1 68 ? 5.886   9.972   13.236  1.00 16.24 ? 68  ALA B O   1 
ATOM   880  C CB  . ALA B 1 68 ? 7.699   12.188  14.698  1.00 24.35 ? 68  ALA B CB  1 
ATOM   881  N N   . LYS B 1 69 ? 8.054   9.470   12.979  1.00 21.44 ? 69  LYS B N   1 
ATOM   882  C CA  . LYS B 1 69 ? 7.845   8.755   11.714  1.00 26.27 ? 69  LYS B CA  1 
ATOM   883  C C   . LYS B 1 69 ? 7.109   7.437   11.950  1.00 25.89 ? 69  LYS B C   1 
ATOM   884  O O   . LYS B 1 69 ? 6.244   7.054   11.162  1.00 24.28 ? 69  LYS B O   1 
ATOM   885  C CB  . LYS B 1 69 ? 9.181   8.490   11.006  1.00 21.76 ? 69  LYS B CB  1 
ATOM   886  C CG  . LYS B 1 69 ? 9.936   9.770   10.685  1.00 26.03 ? 69  LYS B CG  1 
ATOM   887  C CD  . LYS B 1 69 ? 10.981  9.591   9.587   1.00 31.85 ? 69  LYS B CD  1 
ATOM   888  C CE  . LYS B 1 69 ? 12.131  8.699   10.006  1.00 44.72 ? 69  LYS B CE  1 
ATOM   889  N NZ  . LYS B 1 69 ? 13.197  8.634   8.951   1.00 48.16 ? 69  LYS B NZ  1 
ATOM   890  N N   . HIS B 1 70 ? 7.453   6.740   13.032  1.00 26.56 ? 70  HIS B N   1 
ATOM   891  C CA  . HIS B 1 70 ? 6.780   5.485   13.362  1.00 27.00 ? 70  HIS B CA  1 
ATOM   892  C C   . HIS B 1 70 ? 5.320   5.752   13.673  1.00 24.51 ? 70  HIS B C   1 
ATOM   893  O O   . HIS B 1 70 ? 4.444   4.981   13.286  1.00 29.40 ? 70  HIS B O   1 
ATOM   894  C CB  . HIS B 1 70 ? 7.448   4.801   14.559  1.00 30.60 ? 70  HIS B CB  1 
ATOM   895  C CG  . HIS B 1 70 ? 8.629   3.962   14.182  1.00 41.65 ? 70  HIS B CG  1 
ATOM   896  N ND1 . HIS B 1 70 ? 8.510   2.788   13.465  1.00 38.99 ? 70  HIS B ND1 1 
ATOM   897  C CD2 . HIS B 1 70 ? 9.957   4.150   14.379  1.00 43.61 ? 70  HIS B CD2 1 
ATOM   898  C CE1 . HIS B 1 70 ? 9.713   2.291   13.237  1.00 39.49 ? 70  HIS B CE1 1 
ATOM   899  N NE2 . HIS B 1 70 ? 10.609  3.098   13.779  1.00 46.35 ? 70  HIS B NE2 1 
ATOM   900  N N   . LYS B 1 71 ? 5.054   6.850   14.368  1.00 24.82 ? 71  LYS B N   1 
ATOM   901  C CA  . LYS B 1 71 ? 3.685   7.205   14.699  1.00 24.07 ? 71  LYS B CA  1 
ATOM   902  C C   . LYS B 1 71 ? 2.893   7.451   13.404  1.00 23.50 ? 71  LYS B C   1 
ATOM   903  O O   . LYS B 1 71 ? 1.791   6.926   13.236  1.00 19.63 ? 71  LYS B O   1 
ATOM   904  C CB  . LYS B 1 71 ? 3.665   8.455   15.577  1.00 29.89 ? 71  LYS B CB  1 
ATOM   905  C CG  . LYS B 1 71 ? 2.276   8.866   16.041  1.00 29.24 ? 71  LYS B CG  1 
ATOM   906  C CD  . LYS B 1 71 ? 1.679   7.815   16.950  1.00 39.28 ? 71  LYS B CD  1 
ATOM   907  C CE  . LYS B 1 71 ? 0.441   8.336   17.676  1.00 45.90 ? 71  LYS B CE  1 
ATOM   908  N NZ  . LYS B 1 71 ? -0.706  8.606   16.762  1.00 46.45 ? 71  LYS B NZ  1 
ATOM   909  N N   . ALA B 1 72 ? 3.467   8.240   12.493  1.00 21.57 ? 72  ALA B N   1 
ATOM   910  C CA  . ALA B 1 72 ? 2.827   8.550   11.212  1.00 20.78 ? 72  ALA B CA  1 
ATOM   911  C C   . ALA B 1 72 ? 2.587   7.282   10.365  1.00 27.94 ? 72  ALA B C   1 
ATOM   912  O O   . ALA B 1 72 ? 1.534   7.143   9.737   1.00 27.48 ? 72  ALA B O   1 
ATOM   913  C CB  . ALA B 1 72 ? 3.690   9.550   10.427  1.00 17.25 ? 72  ALA B CB  1 
ATOM   914  N N   . ALA B 1 73 ? 3.561   6.369   10.352  1.00 25.20 ? 73  ALA B N   1 
ATOM   915  C CA  . ALA B 1 73 ? 3.446   5.118   9.588   1.00 24.32 ? 73  ALA B CA  1 
ATOM   916  C C   . ALA B 1 73 ? 2.332   4.250   10.135  1.00 25.10 ? 73  ALA B C   1 
ATOM   917  O O   . ALA B 1 73 ? 1.571   3.640   9.389   1.00 28.39 ? 73  ALA B O   1 
ATOM   918  C CB  . ALA B 1 73 ? 4.763   4.341   9.638   1.00 18.36 ? 73  ALA B CB  1 
ATOM   919  N N   . GLU B 1 74 ? 2.269   4.183   11.456  1.00 28.81 ? 74  GLU B N   1 
ATOM   920  C CA  . GLU B 1 74 ? 1.271   3.399   12.157  1.00 32.14 ? 74  GLU B CA  1 
ATOM   921  C C   . GLU B 1 74 ? -0.136  3.875   11.794  1.00 30.23 ? 74  GLU B C   1 
ATOM   922  O O   . GLU B 1 74 ? -1.022  3.068   11.517  1.00 30.53 ? 74  GLU B O   1 
ATOM   923  C CB  . GLU B 1 74 ? 1.511   3.538   13.659  1.00 40.75 ? 74  GLU B CB  1 
ATOM   924  C CG  . GLU B 1 74 ? 0.688   2.631   14.532  1.00 52.88 ? 74  GLU B CG  1 
ATOM   925  C CD  . GLU B 1 74 ? 1.124   2.697   15.992  1.00 64.30 ? 74  GLU B CD  1 
ATOM   926  O OE1 . GLU B 1 74 ? 1.022   3.781   16.615  1.00 59.57 ? 74  GLU B OE1 1 
ATOM   927  O OE2 . GLU B 1 74 ? 1.581   1.658   16.517  1.00 69.70 ? 74  GLU B OE2 1 
ATOM   928  N N   . VAL B 1 75 ? -0.338  5.188   11.799  1.00 31.73 ? 75  VAL B N   1 
ATOM   929  C CA  . VAL B 1 75 ? -1.640  5.752   11.451  1.00 24.02 ? 75  VAL B CA  1 
ATOM   930  C C   . VAL B 1 75 ? -1.946  5.381   9.999   1.00 27.24 ? 75  VAL B C   1 
ATOM   931  O O   . VAL B 1 75 ? -3.056  4.975   9.667   1.00 27.30 ? 75  VAL B O   1 
ATOM   932  C CB  . VAL B 1 75 ? -1.648  7.305   11.611  1.00 21.45 ? 75  VAL B CB  1 
ATOM   933  C CG1 . VAL B 1 75 ? -2.930  7.884   11.050  1.00 20.69 ? 75  VAL B CG1 1 
ATOM   934  C CG2 . VAL B 1 75 ? -1.527  7.686   13.103  1.00 12.35 ? 75  VAL B CG2 1 
ATOM   935  N N   . ALA B 1 76 ? -0.941  5.504   9.144   1.00 23.20 ? 76  ALA B N   1 
ATOM   936  C CA  . ALA B 1 76 ? -1.094  5.185   7.733   1.00 29.27 ? 76  ALA B CA  1 
ATOM   937  C C   . ALA B 1 76 ? -1.438  3.710   7.510   1.00 31.28 ? 76  ALA B C   1 
ATOM   938  O O   . ALA B 1 76 ? -2.277  3.391   6.669   1.00 33.96 ? 76  ALA B O   1 
ATOM   939  C CB  . ALA B 1 76 ? 0.184   5.549   6.978   1.00 26.27 ? 76  ALA B CB  1 
ATOM   940  N N   . LEU B 1 77 ? -0.793  2.812   8.249   1.00 31.25 ? 77  LEU B N   1 
ATOM   941  C CA  . LEU B 1 77 ? -1.073  1.387   8.091   1.00 35.35 ? 77  LEU B CA  1 
ATOM   942  C C   . LEU B 1 77 ? -2.522  1.090   8.456   1.00 37.22 ? 77  LEU B C   1 
ATOM   943  O O   . LEU B 1 77 ? -3.227  0.392   7.722   1.00 38.70 ? 77  LEU B O   1 
ATOM   944  C CB  . LEU B 1 77 ? -0.140  0.547   8.968   1.00 28.91 ? 77  LEU B CB  1 
ATOM   945  C CG  . LEU B 1 77 ? 1.282   0.405   8.426   1.00 39.31 ? 77  LEU B CG  1 
ATOM   946  C CD1 . LEU B 1 77 ? 2.230   -0.079  9.520   1.00 38.18 ? 77  LEU B CD1 1 
ATOM   947  C CD2 . LEU B 1 77 ? 1.261   -0.548  7.238   1.00 38.46 ? 77  LEU B CD2 1 
ATOM   948  N N   . LYS B 1 78 ? -2.959  1.629   9.589   1.00 33.31 ? 78  LYS B N   1 
ATOM   949  C CA  . LYS B 1 78 ? -4.317  1.428   10.067  1.00 34.26 ? 78  LYS B CA  1 
ATOM   950  C C   . LYS B 1 78 ? -5.338  1.882   9.039   1.00 39.69 ? 78  LYS B C   1 
ATOM   951  O O   . LYS B 1 78 ? -6.334  1.204   8.788   1.00 38.13 ? 78  LYS B O   1 
ATOM   952  C CB  . LYS B 1 78 ? -4.539  2.207   11.361  1.00 39.58 ? 78  LYS B CB  1 
ATOM   953  C CG  . LYS B 1 78 ? -4.273  1.440   12.626  1.00 42.33 ? 78  LYS B CG  1 
ATOM   954  C CD  . LYS B 1 78 ? -4.301  2.368   13.844  1.00 53.00 ? 78  LYS B CD  1 
ATOM   955  C CE  . LYS B 1 78 ? -5.428  3.397   13.767  1.00 52.06 ? 78  LYS B CE  1 
ATOM   956  N NZ  . LYS B 1 78 ? -6.754  2.787   13.492  1.00 55.59 ? 78  LYS B NZ  1 
ATOM   957  N N   . HIS B 1 79 ? -5.091  3.039   8.444   1.00 36.78 ? 79  HIS B N   1 
ATOM   958  C CA  . HIS B 1 79 ? -6.016  3.567   7.465   1.00 31.96 ? 79  HIS B CA  1 
ATOM   959  C C   . HIS B 1 79 ? -6.050  2.762   6.169   1.00 36.97 ? 79  HIS B C   1 
ATOM   960  O O   . HIS B 1 79 ? -7.113  2.328   5.736   1.00 41.41 ? 79  HIS B O   1 
ATOM   961  C CB  . HIS B 1 79 ? -5.679  5.026   7.176   1.00 30.72 ? 79  HIS B CB  1 
ATOM   962  C CG  . HIS B 1 79 ? -6.560  5.651   6.145   1.00 31.78 ? 79  HIS B CG  1 
ATOM   963  N ND1 . HIS B 1 79 ? -6.245  5.659   4.803   1.00 31.89 ? 79  HIS B ND1 1 
ATOM   964  C CD2 . HIS B 1 79 ? -7.757  6.273   6.256   1.00 21.29 ? 79  HIS B CD2 1 
ATOM   965  C CE1 . HIS B 1 79 ? -7.207  6.265   4.131   1.00 31.45 ? 79  HIS B CE1 1 
ATOM   966  N NE2 . HIS B 1 79 ? -8.136  6.647   4.989   1.00 36.05 ? 79  HIS B NE2 1 
ATOM   967  N N   . LEU B 1 80 ? -4.892  2.564   5.551   1.00 37.59 ? 80  LEU B N   1 
ATOM   968  C CA  . LEU B 1 80 ? -4.811  1.815   4.302   1.00 41.68 ? 80  LEU B CA  1 
ATOM   969  C C   . LEU B 1 80 ? -5.437  0.423   4.405   1.00 43.65 ? 80  LEU B C   1 
ATOM   970  O O   . LEU B 1 80 ? -6.007  -0.084  3.440   1.00 39.09 ? 80  LEU B O   1 
ATOM   971  C CB  . LEU B 1 80 ? -3.353  1.701   3.861   1.00 38.03 ? 80  LEU B CB  1 
ATOM   972  C CG  . LEU B 1 80 ? -2.728  3.036   3.459   1.00 41.76 ? 80  LEU B CG  1 
ATOM   973  C CD1 . LEU B 1 80 ? -1.226  2.890   3.392   1.00 33.32 ? 80  LEU B CD1 1 
ATOM   974  C CD2 . LEU B 1 80 ? -3.308  3.498   2.123   1.00 34.10 ? 80  LEU B CD2 1 
ATOM   975  N N   . LYS B 1 81 ? -5.333  -0.199  5.572   1.00 47.32 ? 81  LYS B N   1 
ATOM   976  C CA  . LYS B 1 81 ? -5.918  -1.513  5.752   1.00 57.33 ? 81  LYS B CA  1 
ATOM   977  C C   . LYS B 1 81 ? -7.426  -1.367  5.967   1.00 64.32 ? 81  LYS B C   1 
ATOM   978  O O   . LYS B 1 81 ? -8.175  -1.523  4.977   1.00 71.54 ? 81  LYS B O   1 
ATOM   979  C CB  . LYS B 1 81 ? -5.271  -2.204  6.947   1.00 59.10 ? 81  LYS B CB  1 
ATOM   980  C CG  . LYS B 1 81 ? -3.772  -2.336  6.801   1.00 63.74 ? 81  LYS B CG  1 
ATOM   981  C CD  . LYS B 1 81 ? -3.144  -2.962  8.027   1.00 74.04 ? 81  LYS B CD  1 
ATOM   982  C CE  . LYS B 1 81 ? -1.635  -3.094  7.854   1.00 80.59 ? 81  LYS B CE  1 
ATOM   983  N NZ  . LYS B 1 81 ? -0.973  -3.731  9.034   1.00 80.46 ? 81  LYS B NZ  1 
HETATM 984  C C1  . MLI C 2 .  ? 1.737   -8.866  -9.483  1.00 56.77 ? 101 MLI B C1  1 
HETATM 985  C C2  . MLI C 2 .  ? 2.867   -8.238  -8.667  1.00 56.18 ? 101 MLI B C2  1 
HETATM 986  C C3  . MLI C 2 .  ? 2.332   -9.763  -10.572 1.00 51.29 ? 101 MLI B C3  1 
HETATM 987  O O6  . MLI C 2 .  ? 3.232   -8.855  -7.643  1.00 50.96 ? 101 MLI B O6  1 
HETATM 988  O O7  . MLI C 2 .  ? 3.338   -7.159  -9.087  1.00 51.70 ? 101 MLI B O7  1 
HETATM 989  O O8  . MLI C 2 .  ? 2.362   -10.991 -10.342 1.00 54.18 ? 101 MLI B O8  1 
HETATM 990  O O9  . MLI C 2 .  ? 2.740   -9.199  -11.610 1.00 52.80 ? 101 MLI B O9  1 
HETATM 991  O O   . HOH D 3 .  ? -1.639  -10.835 -6.642  1.00 21.28 ? 91  HOH A O   1 
HETATM 992  O O   . HOH D 3 .  ? -2.610  -22.112 -9.737  1.00 33.15 ? 92  HOH A O   1 
HETATM 993  O O   . HOH D 3 .  ? -5.670  -11.304 -16.041 1.00 19.02 ? 93  HOH A O   1 
HETATM 994  O O   . HOH D 3 .  ? -3.548  -19.421 -11.898 1.00 37.35 ? 94  HOH A O   1 
HETATM 995  O O   . HOH D 3 .  ? -5.605  -17.473 -12.513 1.00 30.50 ? 95  HOH A O   1 
HETATM 996  O O   . HOH D 3 .  ? 1.841   4.394   -8.139  1.00 46.60 ? 96  HOH A O   1 
HETATM 997  O O   . HOH D 3 .  ? 0.555   -14.138 -9.045  1.00 26.18 ? 97  HOH A O   1 
HETATM 998  O O   . HOH D 3 .  ? -15.271 -6.641  -5.274  1.00 40.36 ? 98  HOH A O   1 
HETATM 999  O O   . HOH D 3 .  ? -6.275  -9.322  -23.135 1.00 47.90 ? 99  HOH A O   1 
HETATM 1000 O O   . HOH D 3 .  ? 7.655   -5.010  -6.138  1.00 39.44 ? 100 HOH A O   1 
HETATM 1001 O O   . HOH D 3 .  ? 0.225   -9.325  8.365   1.00 40.87 ? 101 HOH A O   1 
HETATM 1002 O O   . HOH D 3 .  ? -2.687  -7.733  -22.365 1.00 40.76 ? 102 HOH A O   1 
HETATM 1003 O O   . HOH D 3 .  ? -12.766 -19.387 -4.891  1.00 48.53 ? 103 HOH A O   1 
HETATM 1004 O O   . HOH E 3 .  ? 7.635   9.140   -4.487  1.00 31.08 ? 91  HOH B O   1 
HETATM 1005 O O   . HOH E 3 .  ? 10.483  5.114   2.595   1.00 25.93 ? 92  HOH B O   1 
HETATM 1006 O O   . HOH E 3 .  ? -0.419  18.214  6.352   1.00 34.97 ? 93  HOH B O   1 
HETATM 1007 O O   . HOH E 3 .  ? -1.153  15.338  5.985   1.00 37.95 ? 94  HOH B O   1 
HETATM 1008 O O   . HOH E 3 .  ? 6.253   19.127  16.775  1.00 37.51 ? 95  HOH B O   1 
HETATM 1009 O O   . HOH E 3 .  ? -0.041  21.814  10.007  1.00 43.05 ? 96  HOH B O   1 
HETATM 1010 O O   . HOH E 3 .  ? 8.255   3.302   5.950   1.00 27.02 ? 97  HOH B O   1 
HETATM 1011 O O   . HOH E 3 .  ? 5.357   13.242  3.304   1.00 18.16 ? 98  HOH B O   1 
HETATM 1012 O O   . HOH E 3 .  ? 7.603   3.335   -5.188  1.00 35.41 ? 99  HOH B O   1 
HETATM 1013 O O   . HOH E 3 .  ? -2.740  5.018   -1.340  1.00 47.16 ? 100 HOH B O   1 
HETATM 1014 O O   . HOH E 3 .  ? 4.413   8.332   -1.569  1.00 28.56 ? 102 HOH B O   1 
HETATM 1015 O O   . HOH E 3 .  ? 15.677  12.948  16.421  1.00 29.16 ? 103 HOH B O   1 
HETATM 1016 O O   . HOH E 3 .  ? 0.517   12.230  16.733  1.00 35.10 ? 104 HOH B O   1 
HETATM 1017 O O   . HOH E 3 .  ? -8.742  2.001   16.222  1.00 50.44 ? 105 HOH B O   1 
HETATM 1018 O O   . HOH E 3 .  ? -0.097  17.996  9.313   1.00 37.89 ? 106 HOH B O   1 
HETATM 1019 O O   . HOH E 3 .  ? 15.415  10.334  15.596  1.00 29.14 ? 107 HOH B O   1 
HETATM 1020 O O   . HOH E 3 .  ? -2.228  13.179  0.536   1.00 43.30 ? 108 HOH B O   1 
HETATM 1021 O O   . HOH E 3 .  ? 6.511   6.713   -3.543  1.00 38.34 ? 109 HOH B O   1 
HETATM 1022 O O   . HOH E 3 .  ? 0.751   -11.684 -7.873  1.00 38.90 ? 110 HOH B O   1 
HETATM 1023 O O   . HOH E 3 .  ? 0.266   19.672  11.393  1.00 35.08 ? 111 HOH B O   1 
# 
loop_
_pdbx_poly_seq_scheme.asym_id 
_pdbx_poly_seq_scheme.entity_id 
_pdbx_poly_seq_scheme.seq_id 
_pdbx_poly_seq_scheme.mon_id 
_pdbx_poly_seq_scheme.ndb_seq_num 
_pdbx_poly_seq_scheme.pdb_seq_num 
_pdbx_poly_seq_scheme.auth_seq_num 
_pdbx_poly_seq_scheme.pdb_mon_id 
_pdbx_poly_seq_scheme.auth_mon_id 
_pdbx_poly_seq_scheme.pdb_strand_id 
_pdbx_poly_seq_scheme.pdb_ins_code 
_pdbx_poly_seq_scheme.hetero 
A 1 1  GLY 1  1  ?  ?   ?   A . n 
A 1 2  PRO 2  2  ?  ?   ?   A . n 
A 1 3  LEU 3  3  ?  ?   ?   A . n 
A 1 4  GLY 4  4  ?  ?   ?   A . n 
A 1 5  SER 5  5  ?  ?   ?   A . n 
A 1 6  HIS 6  6  ?  ?   ?   A . n 
A 1 7  MET 7  7  ?  ?   ?   A . n 
A 1 8  LEU 8  8  ?  ?   ?   A . n 
A 1 9  ALA 9  9  ?  ?   ?   A . n 
A 1 10 ALA 10 10 ?  ?   ?   A . n 
A 1 11 ASN 11 11 ?  ?   ?   A . n 
A 1 12 PRO 12 12 ?  ?   ?   A . n 
A 1 13 GLY 13 13 13 GLY GLY A . n 
A 1 14 LYS 14 14 14 LYS LYS A . n 
A 1 15 THR 15 15 15 THR THR A . n 
A 1 16 PRO 16 16 16 PRO PRO A . n 
A 1 17 ILE 17 17 17 ILE ILE A . n 
A 1 18 SER 18 18 18 SER SER A . n 
A 1 19 LEU 19 19 19 LEU LEU A . n 
A 1 20 LEU 20 20 20 LEU LEU A . n 
A 1 21 GLN 21 21 21 GLN GLN A . n 
A 1 22 GLU 22 22 22 GLU GLU A . n 
A 1 23 TYR 23 23 23 TYR TYR A . n 
A 1 24 GLY 24 24 24 GLY GLY A . n 
A 1 25 THR 25 25 25 THR THR A . n 
A 1 26 ARG 26 26 26 ARG ARG A . n 
A 1 27 ILE 27 27 27 ILE ILE A . n 
A 1 28 GLY 28 28 28 GLY GLY A . n 
A 1 29 LYS 29 29 29 LYS LYS A . n 
A 1 30 THR 30 30 30 THR THR A . n 
A 1 31 PRO 31 31 31 PRO PRO A . n 
A 1 32 VAL 32 32 32 VAL VAL A . n 
A 1 33 TYR 33 33 33 TYR TYR A . n 
A 1 34 ASP 34 34 34 ASP ASP A . n 
A 1 35 LEU 35 35 35 LEU LEU A . n 
A 1 36 LEU 36 36 36 LEU LEU A . n 
A 1 37 LYS 37 37 37 LYS LYS A . n 
A 1 38 ALA 38 38 38 ALA ALA A . n 
A 1 39 GLU 39 39 39 GLU GLU A . n 
A 1 40 GLY 40 40 ?  ?   ?   A . n 
A 1 41 GLN 41 41 ?  ?   ?   A . n 
A 1 42 ALA 42 42 ?  ?   ?   A . n 
A 1 43 HIS 43 43 ?  ?   ?   A . n 
A 1 44 GLN 44 44 ?  ?   ?   A . n 
A 1 45 PRO 45 45 45 PRO PRO A . n 
A 1 46 ASN 46 46 46 ASN ASN A . n 
A 1 47 PHE 47 47 47 PHE PHE A . n 
A 1 48 THR 48 48 48 THR THR A . n 
A 1 49 PHE 49 49 49 PHE PHE A . n 
A 1 50 ARG 50 50 50 ARG ARG A . n 
A 1 51 VAL 51 51 51 VAL VAL A . n 
A 1 52 THR 52 52 52 THR THR A . n 
A 1 53 VAL 53 53 53 VAL VAL A . n 
A 1 54 GLY 54 54 54 GLY GLY A . n 
A 1 55 ASP 55 55 55 ASP ASP A . n 
A 1 56 THR 56 56 56 THR THR A . n 
A 1 57 SER 57 57 57 SER SER A . n 
A 1 58 CYS 58 58 58 CYS CYS A . n 
A 1 59 THR 59 59 59 THR THR A . n 
A 1 60 GLY 60 60 60 GLY GLY A . n 
A 1 61 GLN 61 61 61 GLN GLN A . n 
A 1 62 GLY 62 62 62 GLY GLY A . n 
A 1 63 PRO 63 63 63 PRO PRO A . n 
A 1 64 SER 64 64 64 SER SER A . n 
A 1 65 LYS 65 65 65 LYS LYS A . n 
A 1 66 LYS 66 66 66 LYS LYS A . n 
A 1 67 ALA 67 67 67 ALA ALA A . n 
A 1 68 ALA 68 68 68 ALA ALA A . n 
A 1 69 LYS 69 69 69 LYS LYS A . n 
A 1 70 HIS 70 70 70 HIS HIS A . n 
A 1 71 LYS 71 71 71 LYS LYS A . n 
A 1 72 ALA 72 72 72 ALA ALA A . n 
A 1 73 ALA 73 73 73 ALA ALA A . n 
A 1 74 GLU 74 74 74 GLU GLU A . n 
A 1 75 VAL 75 75 75 VAL VAL A . n 
A 1 76 ALA 76 76 76 ALA ALA A . n 
A 1 77 LEU 77 77 77 LEU LEU A . n 
A 1 78 LYS 78 78 78 LYS LYS A . n 
A 1 79 HIS 79 79 79 HIS HIS A . n 
A 1 80 LEU 80 80 80 LEU LEU A . n 
A 1 81 LYS 81 81 81 LYS LYS A . n 
A 1 82 GLY 82 82 ?  ?   ?   A . n 
A 1 83 GLY 83 83 ?  ?   ?   A . n 
A 1 84 SER 84 84 ?  ?   ?   A . n 
A 1 85 MET 85 85 ?  ?   ?   A . n 
A 1 86 LEU 86 86 ?  ?   ?   A . n 
A 1 87 GLU 87 87 ?  ?   ?   A . n 
A 1 88 PRO 88 88 ?  ?   ?   A . n 
A 1 89 ALA 89 89 ?  ?   ?   A . n 
A 1 90 LEU 90 90 ?  ?   ?   A . n 
B 1 1  GLY 1  1  ?  ?   ?   B . n 
B 1 2  PRO 2  2  ?  ?   ?   B . n 
B 1 3  LEU 3  3  ?  ?   ?   B . n 
B 1 4  GLY 4  4  ?  ?   ?   B . n 
B 1 5  SER 5  5  ?  ?   ?   B . n 
B 1 6  HIS 6  6  ?  ?   ?   B . n 
B 1 7  MET 7  7  ?  ?   ?   B . n 
B 1 8  LEU 8  8  ?  ?   ?   B . n 
B 1 9  ALA 9  9  ?  ?   ?   B . n 
B 1 10 ALA 10 10 ?  ?   ?   B . n 
B 1 11 ASN 11 11 ?  ?   ?   B . n 
B 1 12 PRO 12 12 ?  ?   ?   B . n 
B 1 13 GLY 13 13 13 GLY GLY B . n 
B 1 14 LYS 14 14 14 LYS LYS B . n 
B 1 15 THR 15 15 15 THR THR B . n 
B 1 16 PRO 16 16 16 PRO PRO B . n 
B 1 17 ILE 17 17 17 ILE ILE B . n 
B 1 18 SER 18 18 18 SER SER B . n 
B 1 19 LEU 19 19 19 LEU LEU B . n 
B 1 20 LEU 20 20 20 LEU LEU B . n 
B 1 21 GLN 21 21 21 GLN GLN B . n 
B 1 22 GLU 22 22 22 GLU GLU B . n 
B 1 23 TYR 23 23 23 TYR TYR B . n 
B 1 24 GLY 24 24 24 GLY GLY B . n 
B 1 25 THR 25 25 25 THR THR B . n 
B 1 26 ARG 26 26 26 ARG ARG B . n 
B 1 27 ILE 27 27 27 ILE ILE B . n 
B 1 28 GLY 28 28 28 GLY GLY B . n 
B 1 29 LYS 29 29 29 LYS LYS B . n 
B 1 30 THR 30 30 30 THR THR B . n 
B 1 31 PRO 31 31 31 PRO PRO B . n 
B 1 32 VAL 32 32 32 VAL VAL B . n 
B 1 33 TYR 33 33 33 TYR TYR B . n 
B 1 34 ASP 34 34 34 ASP ASP B . n 
B 1 35 LEU 35 35 35 LEU LEU B . n 
B 1 36 LEU 36 36 36 LEU LEU B . n 
B 1 37 LYS 37 37 37 LYS LYS B . n 
B 1 38 ALA 38 38 38 ALA ALA B . n 
B 1 39 GLU 39 39 39 GLU GLU B . n 
B 1 40 GLY 40 40 40 GLY GLY B . n 
B 1 41 GLN 41 41 ?  ?   ?   B . n 
B 1 42 ALA 42 42 ?  ?   ?   B . n 
B 1 43 HIS 43 43 ?  ?   ?   B . n 
B 1 44 GLN 44 44 44 GLN GLN B . n 
B 1 45 PRO 45 45 45 PRO PRO B . n 
B 1 46 ASN 46 46 46 ASN ASN B . n 
B 1 47 PHE 47 47 47 PHE PHE B . n 
B 1 48 THR 48 48 48 THR THR B . n 
B 1 49 PHE 49 49 49 PHE PHE B . n 
B 1 50 ARG 50 50 50 ARG ARG B . n 
B 1 51 VAL 51 51 51 VAL VAL B . n 
B 1 52 THR 52 52 52 THR THR B . n 
B 1 53 VAL 53 53 53 VAL VAL B . n 
B 1 54 GLY 54 54 54 GLY GLY B . n 
B 1 55 ASP 55 55 55 ASP ASP B . n 
B 1 56 THR 56 56 56 THR THR B . n 
B 1 57 SER 57 57 57 SER SER B . n 
B 1 58 CYS 58 58 58 CYS CYS B . n 
B 1 59 THR 59 59 59 THR THR B . n 
B 1 60 GLY 60 60 60 GLY GLY B . n 
B 1 61 GLN 61 61 61 GLN GLN B . n 
B 1 62 GLY 62 62 62 GLY GLY B . n 
B 1 63 PRO 63 63 63 PRO PRO B . n 
B 1 64 SER 64 64 64 SER SER B . n 
B 1 65 LYS 65 65 65 LYS LYS B . n 
B 1 66 LYS 66 66 66 LYS LYS B . n 
B 1 67 ALA 67 67 67 ALA ALA B . n 
B 1 68 ALA 68 68 68 ALA ALA B . n 
B 1 69 LYS 69 69 69 LYS LYS B . n 
B 1 70 HIS 70 70 70 HIS HIS B . n 
B 1 71 LYS 71 71 71 LYS LYS B . n 
B 1 72 ALA 72 72 72 ALA ALA B . n 
B 1 73 ALA 73 73 73 ALA ALA B . n 
B 1 74 GLU 74 74 74 GLU GLU B . n 
B 1 75 VAL 75 75 75 VAL VAL B . n 
B 1 76 ALA 76 76 76 ALA ALA B . n 
B 1 77 LEU 77 77 77 LEU LEU B . n 
B 1 78 LYS 78 78 78 LYS LYS B . n 
B 1 79 HIS 79 79 79 HIS HIS B . n 
B 1 80 LEU 80 80 80 LEU LEU B . n 
B 1 81 LYS 81 81 81 LYS LYS B . n 
B 1 82 GLY 82 82 ?  ?   ?   B . n 
B 1 83 GLY 83 83 ?  ?   ?   B . n 
B 1 84 SER 84 84 ?  ?   ?   B . n 
B 1 85 MET 85 85 ?  ?   ?   B . n 
B 1 86 LEU 86 86 ?  ?   ?   B . n 
B 1 87 GLU 87 87 ?  ?   ?   B . n 
B 1 88 PRO 88 88 ?  ?   ?   B . n 
B 1 89 ALA 89 89 ?  ?   ?   B . n 
B 1 90 LEU 90 90 ?  ?   ?   B . n 
# 
loop_
_pdbx_nonpoly_scheme.asym_id 
_pdbx_nonpoly_scheme.entity_id 
_pdbx_nonpoly_scheme.mon_id 
_pdbx_nonpoly_scheme.ndb_seq_num 
_pdbx_nonpoly_scheme.pdb_seq_num 
_pdbx_nonpoly_scheme.auth_seq_num 
_pdbx_nonpoly_scheme.pdb_mon_id 
_pdbx_nonpoly_scheme.auth_mon_id 
_pdbx_nonpoly_scheme.pdb_strand_id 
_pdbx_nonpoly_scheme.pdb_ins_code 
C 2 MLI 1  101 101 MLI MLI B . 
D 3 HOH 1  91  1   HOH HOH A . 
D 3 HOH 2  92  3   HOH HOH A . 
D 3 HOH 3  93  5   HOH HOH A . 
D 3 HOH 4  94  6   HOH HOH A . 
D 3 HOH 5  95  8   HOH HOH A . 
D 3 HOH 6  96  12  HOH HOH A . 
D 3 HOH 7  97  82  HOH HOH A . 
D 3 HOH 8  98  83  HOH HOH A . 
D 3 HOH 9  99  84  HOH HOH A . 
D 3 HOH 10 100 85  HOH HOH A . 
D 3 HOH 11 101 86  HOH HOH A . 
D 3 HOH 12 102 87  HOH HOH A . 
D 3 HOH 13 103 88  HOH HOH A . 
E 3 HOH 1  91  91  HOH HOH B . 
E 3 HOH 2  92  92  HOH HOH B . 
E 3 HOH 3  93  93  HOH HOH B . 
E 3 HOH 4  94  94  HOH HOH B . 
E 3 HOH 5  95  95  HOH HOH B . 
E 3 HOH 6  96  96  HOH HOH B . 
E 3 HOH 7  97  2   HOH HOH B . 
E 3 HOH 8  98  4   HOH HOH B . 
E 3 HOH 9  99  9   HOH HOH B . 
E 3 HOH 10 100 10  HOH HOH B . 
E 3 HOH 11 102 11  HOH HOH B . 
E 3 HOH 12 103 82  HOH HOH B . 
E 3 HOH 13 104 83  HOH HOH B . 
E 3 HOH 14 105 84  HOH HOH B . 
E 3 HOH 15 106 85  HOH HOH B . 
E 3 HOH 16 107 86  HOH HOH B . 
E 3 HOH 17 108 87  HOH HOH B . 
E 3 HOH 18 109 88  HOH HOH B . 
E 3 HOH 19 110 89  HOH HOH B . 
E 3 HOH 20 111 90  HOH HOH B . 
# 
loop_
_pdbx_struct_assembly.id 
_pdbx_struct_assembly.details 
_pdbx_struct_assembly.method_details 
_pdbx_struct_assembly.oligomeric_details 
_pdbx_struct_assembly.oligomeric_count 
1 author_and_software_defined_assembly PISA monomeric 1 
2 author_and_software_defined_assembly PISA monomeric 1 
# 
loop_
_pdbx_struct_assembly_gen.assembly_id 
_pdbx_struct_assembly_gen.oper_expression 
_pdbx_struct_assembly_gen.asym_id_list 
1 1 A,D   
2 1 B,C,E 
# 
_pdbx_struct_oper_list.id                   1 
_pdbx_struct_oper_list.type                 'identity operation' 
_pdbx_struct_oper_list.name                 1_555 
_pdbx_struct_oper_list.symmetry_operation   x,y,z 
_pdbx_struct_oper_list.matrix[1][1]         1.0000000000 
_pdbx_struct_oper_list.matrix[1][2]         0.0000000000 
_pdbx_struct_oper_list.matrix[1][3]         0.0000000000 
_pdbx_struct_oper_list.vector[1]            0.0000000000 
_pdbx_struct_oper_list.matrix[2][1]         0.0000000000 
_pdbx_struct_oper_list.matrix[2][2]         1.0000000000 
_pdbx_struct_oper_list.matrix[2][3]         0.0000000000 
_pdbx_struct_oper_list.vector[2]            0.0000000000 
_pdbx_struct_oper_list.matrix[3][1]         0.0000000000 
_pdbx_struct_oper_list.matrix[3][2]         0.0000000000 
_pdbx_struct_oper_list.matrix[3][3]         1.0000000000 
_pdbx_struct_oper_list.vector[3]            0.0000000000 
# 
loop_
_pdbx_audit_revision_history.ordinal 
_pdbx_audit_revision_history.data_content_type 
_pdbx_audit_revision_history.major_revision 
_pdbx_audit_revision_history.minor_revision 
_pdbx_audit_revision_history.revision_date 
1 'Structure model' 1 0 2010-12-08 
2 'Structure model' 1 1 2011-07-13 
3 'Structure model' 1 2 2023-11-01 
# 
_pdbx_audit_revision_details.ordinal             1 
_pdbx_audit_revision_details.revision_ordinal    1 
_pdbx_audit_revision_details.data_content_type   'Structure model' 
_pdbx_audit_revision_details.provider            repository 
_pdbx_audit_revision_details.type                'Initial release' 
_pdbx_audit_revision_details.description         ? 
_pdbx_audit_revision_details.details             ? 
# 
loop_
_pdbx_audit_revision_group.ordinal 
_pdbx_audit_revision_group.revision_ordinal 
_pdbx_audit_revision_group.data_content_type 
_pdbx_audit_revision_group.group 
1 2 'Structure model' 'Version format compliance' 
2 3 'Structure model' 'Data collection'           
3 3 'Structure model' 'Database references'       
4 3 'Structure model' 'Derived calculations'      
5 3 'Structure model' 'Refinement description'    
# 
loop_
_pdbx_audit_revision_category.ordinal 
_pdbx_audit_revision_category.revision_ordinal 
_pdbx_audit_revision_category.data_content_type 
_pdbx_audit_revision_category.category 
1 3 'Structure model' chem_comp_atom                
2 3 'Structure model' chem_comp_bond                
3 3 'Structure model' database_2                    
4 3 'Structure model' pdbx_initial_refinement_model 
5 3 'Structure model' struct_ref_seq_dif            
6 3 'Structure model' struct_site                   
# 
loop_
_pdbx_audit_revision_item.ordinal 
_pdbx_audit_revision_item.revision_ordinal 
_pdbx_audit_revision_item.data_content_type 
_pdbx_audit_revision_item.item 
1 3 'Structure model' '_database_2.pdbx_DOI'                
2 3 'Structure model' '_database_2.pdbx_database_accession' 
3 3 'Structure model' '_struct_ref_seq_dif.details'         
4 3 'Structure model' '_struct_site.pdbx_auth_asym_id'      
5 3 'Structure model' '_struct_site.pdbx_auth_comp_id'      
6 3 'Structure model' '_struct_site.pdbx_auth_seq_id'       
# 
loop_
_software.name 
_software.classification 
_software.version 
_software.citation_id 
_software.pdbx_ordinal 
HKL-2000 'data collection' .   ? 1 
PHASER   phasing           .   ? 2 
CNS      refinement        1.2 ? 3 
HKL-2000 'data reduction'  .   ? 4 
HKL-2000 'data scaling'    .   ? 5 
# 
loop_
_pdbx_unobs_or_zero_occ_residues.id 
_pdbx_unobs_or_zero_occ_residues.PDB_model_num 
_pdbx_unobs_or_zero_occ_residues.polymer_flag 
_pdbx_unobs_or_zero_occ_residues.occupancy_flag 
_pdbx_unobs_or_zero_occ_residues.auth_asym_id 
_pdbx_unobs_or_zero_occ_residues.auth_comp_id 
_pdbx_unobs_or_zero_occ_residues.auth_seq_id 
_pdbx_unobs_or_zero_occ_residues.PDB_ins_code 
_pdbx_unobs_or_zero_occ_residues.label_asym_id 
_pdbx_unobs_or_zero_occ_residues.label_comp_id 
_pdbx_unobs_or_zero_occ_residues.label_seq_id 
1  1 Y 1 A GLY 1  ? A GLY 1  
2  1 Y 1 A PRO 2  ? A PRO 2  
3  1 Y 1 A LEU 3  ? A LEU 3  
4  1 Y 1 A GLY 4  ? A GLY 4  
5  1 Y 1 A SER 5  ? A SER 5  
6  1 Y 1 A HIS 6  ? A HIS 6  
7  1 Y 1 A MET 7  ? A MET 7  
8  1 Y 1 A LEU 8  ? A LEU 8  
9  1 Y 1 A ALA 9  ? A ALA 9  
10 1 Y 1 A ALA 10 ? A ALA 10 
11 1 Y 1 A ASN 11 ? A ASN 11 
12 1 Y 1 A PRO 12 ? A PRO 12 
13 1 Y 1 A GLY 40 ? A GLY 40 
14 1 Y 1 A GLN 41 ? A GLN 41 
15 1 Y 1 A ALA 42 ? A ALA 42 
16 1 Y 1 A HIS 43 ? A HIS 43 
17 1 Y 1 A GLN 44 ? A GLN 44 
18 1 Y 1 A GLY 82 ? A GLY 82 
19 1 Y 1 A GLY 83 ? A GLY 83 
20 1 Y 1 A SER 84 ? A SER 84 
21 1 Y 1 A MET 85 ? A MET 85 
22 1 Y 1 A LEU 86 ? A LEU 86 
23 1 Y 1 A GLU 87 ? A GLU 87 
24 1 Y 1 A PRO 88 ? A PRO 88 
25 1 Y 1 A ALA 89 ? A ALA 89 
26 1 Y 1 A LEU 90 ? A LEU 90 
27 1 Y 1 B GLY 1  ? B GLY 1  
28 1 Y 1 B PRO 2  ? B PRO 2  
29 1 Y 1 B LEU 3  ? B LEU 3  
30 1 Y 1 B GLY 4  ? B GLY 4  
31 1 Y 1 B SER 5  ? B SER 5  
32 1 Y 1 B HIS 6  ? B HIS 6  
33 1 Y 1 B MET 7  ? B MET 7  
34 1 Y 1 B LEU 8  ? B LEU 8  
35 1 Y 1 B ALA 9  ? B ALA 9  
36 1 Y 1 B ALA 10 ? B ALA 10 
37 1 Y 1 B ASN 11 ? B ASN 11 
38 1 Y 1 B PRO 12 ? B PRO 12 
39 1 Y 1 B GLN 41 ? B GLN 41 
40 1 Y 1 B ALA 42 ? B ALA 42 
41 1 Y 1 B HIS 43 ? B HIS 43 
42 1 Y 1 B GLY 82 ? B GLY 82 
43 1 Y 1 B GLY 83 ? B GLY 83 
44 1 Y 1 B SER 84 ? B SER 84 
45 1 Y 1 B MET 85 ? B MET 85 
46 1 Y 1 B LEU 86 ? B LEU 86 
47 1 Y 1 B GLU 87 ? B GLU 87 
48 1 Y 1 B PRO 88 ? B PRO 88 
49 1 Y 1 B ALA 89 ? B ALA 89 
50 1 Y 1 B LEU 90 ? B LEU 90 
# 
loop_
_chem_comp_atom.comp_id 
_chem_comp_atom.atom_id 
_chem_comp_atom.type_symbol 
_chem_comp_atom.pdbx_aromatic_flag 
_chem_comp_atom.pdbx_stereo_config 
_chem_comp_atom.pdbx_ordinal 
ALA N    N N N 1   
ALA CA   C N S 2   
ALA C    C N N 3   
ALA O    O N N 4   
ALA CB   C N N 5   
ALA OXT  O N N 6   
ALA H    H N N 7   
ALA H2   H N N 8   
ALA HA   H N N 9   
ALA HB1  H N N 10  
ALA HB2  H N N 11  
ALA HB3  H N N 12  
ALA HXT  H N N 13  
ARG N    N N N 14  
ARG CA   C N S 15  
ARG C    C N N 16  
ARG O    O N N 17  
ARG CB   C N N 18  
ARG CG   C N N 19  
ARG CD   C N N 20  
ARG NE   N N N 21  
ARG CZ   C N N 22  
ARG NH1  N N N 23  
ARG NH2  N N N 24  
ARG OXT  O N N 25  
ARG H    H N N 26  
ARG H2   H N N 27  
ARG HA   H N N 28  
ARG HB2  H N N 29  
ARG HB3  H N N 30  
ARG HG2  H N N 31  
ARG HG3  H N N 32  
ARG HD2  H N N 33  
ARG HD3  H N N 34  
ARG HE   H N N 35  
ARG HH11 H N N 36  
ARG HH12 H N N 37  
ARG HH21 H N N 38  
ARG HH22 H N N 39  
ARG HXT  H N N 40  
ASN N    N N N 41  
ASN CA   C N S 42  
ASN C    C N N 43  
ASN O    O N N 44  
ASN CB   C N N 45  
ASN CG   C N N 46  
ASN OD1  O N N 47  
ASN ND2  N N N 48  
ASN OXT  O N N 49  
ASN H    H N N 50  
ASN H2   H N N 51  
ASN HA   H N N 52  
ASN HB2  H N N 53  
ASN HB3  H N N 54  
ASN HD21 H N N 55  
ASN HD22 H N N 56  
ASN HXT  H N N 57  
ASP N    N N N 58  
ASP CA   C N S 59  
ASP C    C N N 60  
ASP O    O N N 61  
ASP CB   C N N 62  
ASP CG   C N N 63  
ASP OD1  O N N 64  
ASP OD2  O N N 65  
ASP OXT  O N N 66  
ASP H    H N N 67  
ASP H2   H N N 68  
ASP HA   H N N 69  
ASP HB2  H N N 70  
ASP HB3  H N N 71  
ASP HD2  H N N 72  
ASP HXT  H N N 73  
CYS N    N N N 74  
CYS CA   C N R 75  
CYS C    C N N 76  
CYS O    O N N 77  
CYS CB   C N N 78  
CYS SG   S N N 79  
CYS OXT  O N N 80  
CYS H    H N N 81  
CYS H2   H N N 82  
CYS HA   H N N 83  
CYS HB2  H N N 84  
CYS HB3  H N N 85  
CYS HG   H N N 86  
CYS HXT  H N N 87  
GLN N    N N N 88  
GLN CA   C N S 89  
GLN C    C N N 90  
GLN O    O N N 91  
GLN CB   C N N 92  
GLN CG   C N N 93  
GLN CD   C N N 94  
GLN OE1  O N N 95  
GLN NE2  N N N 96  
GLN OXT  O N N 97  
GLN H    H N N 98  
GLN H2   H N N 99  
GLN HA   H N N 100 
GLN HB2  H N N 101 
GLN HB3  H N N 102 
GLN HG2  H N N 103 
GLN HG3  H N N 104 
GLN HE21 H N N 105 
GLN HE22 H N N 106 
GLN HXT  H N N 107 
GLU N    N N N 108 
GLU CA   C N S 109 
GLU C    C N N 110 
GLU O    O N N 111 
GLU CB   C N N 112 
GLU CG   C N N 113 
GLU CD   C N N 114 
GLU OE1  O N N 115 
GLU OE2  O N N 116 
GLU OXT  O N N 117 
GLU H    H N N 118 
GLU H2   H N N 119 
GLU HA   H N N 120 
GLU HB2  H N N 121 
GLU HB3  H N N 122 
GLU HG2  H N N 123 
GLU HG3  H N N 124 
GLU HE2  H N N 125 
GLU HXT  H N N 126 
GLY N    N N N 127 
GLY CA   C N N 128 
GLY C    C N N 129 
GLY O    O N N 130 
GLY OXT  O N N 131 
GLY H    H N N 132 
GLY H2   H N N 133 
GLY HA2  H N N 134 
GLY HA3  H N N 135 
GLY HXT  H N N 136 
HIS N    N N N 137 
HIS CA   C N S 138 
HIS C    C N N 139 
HIS O    O N N 140 
HIS CB   C N N 141 
HIS CG   C Y N 142 
HIS ND1  N Y N 143 
HIS CD2  C Y N 144 
HIS CE1  C Y N 145 
HIS NE2  N Y N 146 
HIS OXT  O N N 147 
HIS H    H N N 148 
HIS H2   H N N 149 
HIS HA   H N N 150 
HIS HB2  H N N 151 
HIS HB3  H N N 152 
HIS HD1  H N N 153 
HIS HD2  H N N 154 
HIS HE1  H N N 155 
HIS HE2  H N N 156 
HIS HXT  H N N 157 
HOH O    O N N 158 
HOH H1   H N N 159 
HOH H2   H N N 160 
ILE N    N N N 161 
ILE CA   C N S 162 
ILE C    C N N 163 
ILE O    O N N 164 
ILE CB   C N S 165 
ILE CG1  C N N 166 
ILE CG2  C N N 167 
ILE CD1  C N N 168 
ILE OXT  O N N 169 
ILE H    H N N 170 
ILE H2   H N N 171 
ILE HA   H N N 172 
ILE HB   H N N 173 
ILE HG12 H N N 174 
ILE HG13 H N N 175 
ILE HG21 H N N 176 
ILE HG22 H N N 177 
ILE HG23 H N N 178 
ILE HD11 H N N 179 
ILE HD12 H N N 180 
ILE HD13 H N N 181 
ILE HXT  H N N 182 
LEU N    N N N 183 
LEU CA   C N S 184 
LEU C    C N N 185 
LEU O    O N N 186 
LEU CB   C N N 187 
LEU CG   C N N 188 
LEU CD1  C N N 189 
LEU CD2  C N N 190 
LEU OXT  O N N 191 
LEU H    H N N 192 
LEU H2   H N N 193 
LEU HA   H N N 194 
LEU HB2  H N N 195 
LEU HB3  H N N 196 
LEU HG   H N N 197 
LEU HD11 H N N 198 
LEU HD12 H N N 199 
LEU HD13 H N N 200 
LEU HD21 H N N 201 
LEU HD22 H N N 202 
LEU HD23 H N N 203 
LEU HXT  H N N 204 
LYS N    N N N 205 
LYS CA   C N S 206 
LYS C    C N N 207 
LYS O    O N N 208 
LYS CB   C N N 209 
LYS CG   C N N 210 
LYS CD   C N N 211 
LYS CE   C N N 212 
LYS NZ   N N N 213 
LYS OXT  O N N 214 
LYS H    H N N 215 
LYS H2   H N N 216 
LYS HA   H N N 217 
LYS HB2  H N N 218 
LYS HB3  H N N 219 
LYS HG2  H N N 220 
LYS HG3  H N N 221 
LYS HD2  H N N 222 
LYS HD3  H N N 223 
LYS HE2  H N N 224 
LYS HE3  H N N 225 
LYS HZ1  H N N 226 
LYS HZ2  H N N 227 
LYS HZ3  H N N 228 
LYS HXT  H N N 229 
MET N    N N N 230 
MET CA   C N S 231 
MET C    C N N 232 
MET O    O N N 233 
MET CB   C N N 234 
MET CG   C N N 235 
MET SD   S N N 236 
MET CE   C N N 237 
MET OXT  O N N 238 
MET H    H N N 239 
MET H2   H N N 240 
MET HA   H N N 241 
MET HB2  H N N 242 
MET HB3  H N N 243 
MET HG2  H N N 244 
MET HG3  H N N 245 
MET HE1  H N N 246 
MET HE2  H N N 247 
MET HE3  H N N 248 
MET HXT  H N N 249 
MLI C1   C N N 250 
MLI C2   C N N 251 
MLI C3   C N N 252 
MLI O6   O N N 253 
MLI O7   O N N 254 
MLI O8   O N N 255 
MLI O9   O N N 256 
MLI H11  H N N 257 
MLI H12  H N N 258 
PHE N    N N N 259 
PHE CA   C N S 260 
PHE C    C N N 261 
PHE O    O N N 262 
PHE CB   C N N 263 
PHE CG   C Y N 264 
PHE CD1  C Y N 265 
PHE CD2  C Y N 266 
PHE CE1  C Y N 267 
PHE CE2  C Y N 268 
PHE CZ   C Y N 269 
PHE OXT  O N N 270 
PHE H    H N N 271 
PHE H2   H N N 272 
PHE HA   H N N 273 
PHE HB2  H N N 274 
PHE HB3  H N N 275 
PHE HD1  H N N 276 
PHE HD2  H N N 277 
PHE HE1  H N N 278 
PHE HE2  H N N 279 
PHE HZ   H N N 280 
PHE HXT  H N N 281 
PRO N    N N N 282 
PRO CA   C N S 283 
PRO C    C N N 284 
PRO O    O N N 285 
PRO CB   C N N 286 
PRO CG   C N N 287 
PRO CD   C N N 288 
PRO OXT  O N N 289 
PRO H    H N N 290 
PRO HA   H N N 291 
PRO HB2  H N N 292 
PRO HB3  H N N 293 
PRO HG2  H N N 294 
PRO HG3  H N N 295 
PRO HD2  H N N 296 
PRO HD3  H N N 297 
PRO HXT  H N N 298 
SER N    N N N 299 
SER CA   C N S 300 
SER C    C N N 301 
SER O    O N N 302 
SER CB   C N N 303 
SER OG   O N N 304 
SER OXT  O N N 305 
SER H    H N N 306 
SER H2   H N N 307 
SER HA   H N N 308 
SER HB2  H N N 309 
SER HB3  H N N 310 
SER HG   H N N 311 
SER HXT  H N N 312 
THR N    N N N 313 
THR CA   C N S 314 
THR C    C N N 315 
THR O    O N N 316 
THR CB   C N R 317 
THR OG1  O N N 318 
THR CG2  C N N 319 
THR OXT  O N N 320 
THR H    H N N 321 
THR H2   H N N 322 
THR HA   H N N 323 
THR HB   H N N 324 
THR HG1  H N N 325 
THR HG21 H N N 326 
THR HG22 H N N 327 
THR HG23 H N N 328 
THR HXT  H N N 329 
TYR N    N N N 330 
TYR CA   C N S 331 
TYR C    C N N 332 
TYR O    O N N 333 
TYR CB   C N N 334 
TYR CG   C Y N 335 
TYR CD1  C Y N 336 
TYR CD2  C Y N 337 
TYR CE1  C Y N 338 
TYR CE2  C Y N 339 
TYR CZ   C Y N 340 
TYR OH   O N N 341 
TYR OXT  O N N 342 
TYR H    H N N 343 
TYR H2   H N N 344 
TYR HA   H N N 345 
TYR HB2  H N N 346 
TYR HB3  H N N 347 
TYR HD1  H N N 348 
TYR HD2  H N N 349 
TYR HE1  H N N 350 
TYR HE2  H N N 351 
TYR HH   H N N 352 
TYR HXT  H N N 353 
VAL N    N N N 354 
VAL CA   C N S 355 
VAL C    C N N 356 
VAL O    O N N 357 
VAL CB   C N N 358 
VAL CG1  C N N 359 
VAL CG2  C N N 360 
VAL OXT  O N N 361 
VAL H    H N N 362 
VAL H2   H N N 363 
VAL HA   H N N 364 
VAL HB   H N N 365 
VAL HG11 H N N 366 
VAL HG12 H N N 367 
VAL HG13 H N N 368 
VAL HG21 H N N 369 
VAL HG22 H N N 370 
VAL HG23 H N N 371 
VAL HXT  H N N 372 
# 
loop_
_chem_comp_bond.comp_id 
_chem_comp_bond.atom_id_1 
_chem_comp_bond.atom_id_2 
_chem_comp_bond.value_order 
_chem_comp_bond.pdbx_aromatic_flag 
_chem_comp_bond.pdbx_stereo_config 
_chem_comp_bond.pdbx_ordinal 
ALA N   CA   sing N N 1   
ALA N   H    sing N N 2   
ALA N   H2   sing N N 3   
ALA CA  C    sing N N 4   
ALA CA  CB   sing N N 5   
ALA CA  HA   sing N N 6   
ALA C   O    doub N N 7   
ALA C   OXT  sing N N 8   
ALA CB  HB1  sing N N 9   
ALA CB  HB2  sing N N 10  
ALA CB  HB3  sing N N 11  
ALA OXT HXT  sing N N 12  
ARG N   CA   sing N N 13  
ARG N   H    sing N N 14  
ARG N   H2   sing N N 15  
ARG CA  C    sing N N 16  
ARG CA  CB   sing N N 17  
ARG CA  HA   sing N N 18  
ARG C   O    doub N N 19  
ARG C   OXT  sing N N 20  
ARG CB  CG   sing N N 21  
ARG CB  HB2  sing N N 22  
ARG CB  HB3  sing N N 23  
ARG CG  CD   sing N N 24  
ARG CG  HG2  sing N N 25  
ARG CG  HG3  sing N N 26  
ARG CD  NE   sing N N 27  
ARG CD  HD2  sing N N 28  
ARG CD  HD3  sing N N 29  
ARG NE  CZ   sing N N 30  
ARG NE  HE   sing N N 31  
ARG CZ  NH1  sing N N 32  
ARG CZ  NH2  doub N N 33  
ARG NH1 HH11 sing N N 34  
ARG NH1 HH12 sing N N 35  
ARG NH2 HH21 sing N N 36  
ARG NH2 HH22 sing N N 37  
ARG OXT HXT  sing N N 38  
ASN N   CA   sing N N 39  
ASN N   H    sing N N 40  
ASN N   H2   sing N N 41  
ASN CA  C    sing N N 42  
ASN CA  CB   sing N N 43  
ASN CA  HA   sing N N 44  
ASN C   O    doub N N 45  
ASN C   OXT  sing N N 46  
ASN CB  CG   sing N N 47  
ASN CB  HB2  sing N N 48  
ASN CB  HB3  sing N N 49  
ASN CG  OD1  doub N N 50  
ASN CG  ND2  sing N N 51  
ASN ND2 HD21 sing N N 52  
ASN ND2 HD22 sing N N 53  
ASN OXT HXT  sing N N 54  
ASP N   CA   sing N N 55  
ASP N   H    sing N N 56  
ASP N   H2   sing N N 57  
ASP CA  C    sing N N 58  
ASP CA  CB   sing N N 59  
ASP CA  HA   sing N N 60  
ASP C   O    doub N N 61  
ASP C   OXT  sing N N 62  
ASP CB  CG   sing N N 63  
ASP CB  HB2  sing N N 64  
ASP CB  HB3  sing N N 65  
ASP CG  OD1  doub N N 66  
ASP CG  OD2  sing N N 67  
ASP OD2 HD2  sing N N 68  
ASP OXT HXT  sing N N 69  
CYS N   CA   sing N N 70  
CYS N   H    sing N N 71  
CYS N   H2   sing N N 72  
CYS CA  C    sing N N 73  
CYS CA  CB   sing N N 74  
CYS CA  HA   sing N N 75  
CYS C   O    doub N N 76  
CYS C   OXT  sing N N 77  
CYS CB  SG   sing N N 78  
CYS CB  HB2  sing N N 79  
CYS CB  HB3  sing N N 80  
CYS SG  HG   sing N N 81  
CYS OXT HXT  sing N N 82  
GLN N   CA   sing N N 83  
GLN N   H    sing N N 84  
GLN N   H2   sing N N 85  
GLN CA  C    sing N N 86  
GLN CA  CB   sing N N 87  
GLN CA  HA   sing N N 88  
GLN C   O    doub N N 89  
GLN C   OXT  sing N N 90  
GLN CB  CG   sing N N 91  
GLN CB  HB2  sing N N 92  
GLN CB  HB3  sing N N 93  
GLN CG  CD   sing N N 94  
GLN CG  HG2  sing N N 95  
GLN CG  HG3  sing N N 96  
GLN CD  OE1  doub N N 97  
GLN CD  NE2  sing N N 98  
GLN NE2 HE21 sing N N 99  
GLN NE2 HE22 sing N N 100 
GLN OXT HXT  sing N N 101 
GLU N   CA   sing N N 102 
GLU N   H    sing N N 103 
GLU N   H2   sing N N 104 
GLU CA  C    sing N N 105 
GLU CA  CB   sing N N 106 
GLU CA  HA   sing N N 107 
GLU C   O    doub N N 108 
GLU C   OXT  sing N N 109 
GLU CB  CG   sing N N 110 
GLU CB  HB2  sing N N 111 
GLU CB  HB3  sing N N 112 
GLU CG  CD   sing N N 113 
GLU CG  HG2  sing N N 114 
GLU CG  HG3  sing N N 115 
GLU CD  OE1  doub N N 116 
GLU CD  OE2  sing N N 117 
GLU OE2 HE2  sing N N 118 
GLU OXT HXT  sing N N 119 
GLY N   CA   sing N N 120 
GLY N   H    sing N N 121 
GLY N   H2   sing N N 122 
GLY CA  C    sing N N 123 
GLY CA  HA2  sing N N 124 
GLY CA  HA3  sing N N 125 
GLY C   O    doub N N 126 
GLY C   OXT  sing N N 127 
GLY OXT HXT  sing N N 128 
HIS N   CA   sing N N 129 
HIS N   H    sing N N 130 
HIS N   H2   sing N N 131 
HIS CA  C    sing N N 132 
HIS CA  CB   sing N N 133 
HIS CA  HA   sing N N 134 
HIS C   O    doub N N 135 
HIS C   OXT  sing N N 136 
HIS CB  CG   sing N N 137 
HIS CB  HB2  sing N N 138 
HIS CB  HB3  sing N N 139 
HIS CG  ND1  sing Y N 140 
HIS CG  CD2  doub Y N 141 
HIS ND1 CE1  doub Y N 142 
HIS ND1 HD1  sing N N 143 
HIS CD2 NE2  sing Y N 144 
HIS CD2 HD2  sing N N 145 
HIS CE1 NE2  sing Y N 146 
HIS CE1 HE1  sing N N 147 
HIS NE2 HE2  sing N N 148 
HIS OXT HXT  sing N N 149 
HOH O   H1   sing N N 150 
HOH O   H2   sing N N 151 
ILE N   CA   sing N N 152 
ILE N   H    sing N N 153 
ILE N   H2   sing N N 154 
ILE CA  C    sing N N 155 
ILE CA  CB   sing N N 156 
ILE CA  HA   sing N N 157 
ILE C   O    doub N N 158 
ILE C   OXT  sing N N 159 
ILE CB  CG1  sing N N 160 
ILE CB  CG2  sing N N 161 
ILE CB  HB   sing N N 162 
ILE CG1 CD1  sing N N 163 
ILE CG1 HG12 sing N N 164 
ILE CG1 HG13 sing N N 165 
ILE CG2 HG21 sing N N 166 
ILE CG2 HG22 sing N N 167 
ILE CG2 HG23 sing N N 168 
ILE CD1 HD11 sing N N 169 
ILE CD1 HD12 sing N N 170 
ILE CD1 HD13 sing N N 171 
ILE OXT HXT  sing N N 172 
LEU N   CA   sing N N 173 
LEU N   H    sing N N 174 
LEU N   H2   sing N N 175 
LEU CA  C    sing N N 176 
LEU CA  CB   sing N N 177 
LEU CA  HA   sing N N 178 
LEU C   O    doub N N 179 
LEU C   OXT  sing N N 180 
LEU CB  CG   sing N N 181 
LEU CB  HB2  sing N N 182 
LEU CB  HB3  sing N N 183 
LEU CG  CD1  sing N N 184 
LEU CG  CD2  sing N N 185 
LEU CG  HG   sing N N 186 
LEU CD1 HD11 sing N N 187 
LEU CD1 HD12 sing N N 188 
LEU CD1 HD13 sing N N 189 
LEU CD2 HD21 sing N N 190 
LEU CD2 HD22 sing N N 191 
LEU CD2 HD23 sing N N 192 
LEU OXT HXT  sing N N 193 
LYS N   CA   sing N N 194 
LYS N   H    sing N N 195 
LYS N   H2   sing N N 196 
LYS CA  C    sing N N 197 
LYS CA  CB   sing N N 198 
LYS CA  HA   sing N N 199 
LYS C   O    doub N N 200 
LYS C   OXT  sing N N 201 
LYS CB  CG   sing N N 202 
LYS CB  HB2  sing N N 203 
LYS CB  HB3  sing N N 204 
LYS CG  CD   sing N N 205 
LYS CG  HG2  sing N N 206 
LYS CG  HG3  sing N N 207 
LYS CD  CE   sing N N 208 
LYS CD  HD2  sing N N 209 
LYS CD  HD3  sing N N 210 
LYS CE  NZ   sing N N 211 
LYS CE  HE2  sing N N 212 
LYS CE  HE3  sing N N 213 
LYS NZ  HZ1  sing N N 214 
LYS NZ  HZ2  sing N N 215 
LYS NZ  HZ3  sing N N 216 
LYS OXT HXT  sing N N 217 
MET N   CA   sing N N 218 
MET N   H    sing N N 219 
MET N   H2   sing N N 220 
MET CA  C    sing N N 221 
MET CA  CB   sing N N 222 
MET CA  HA   sing N N 223 
MET C   O    doub N N 224 
MET C   OXT  sing N N 225 
MET CB  CG   sing N N 226 
MET CB  HB2  sing N N 227 
MET CB  HB3  sing N N 228 
MET CG  SD   sing N N 229 
MET CG  HG2  sing N N 230 
MET CG  HG3  sing N N 231 
MET SD  CE   sing N N 232 
MET CE  HE1  sing N N 233 
MET CE  HE2  sing N N 234 
MET CE  HE3  sing N N 235 
MET OXT HXT  sing N N 236 
MLI C1  C2   sing N N 237 
MLI C1  C3   sing N N 238 
MLI C1  H11  sing N N 239 
MLI C1  H12  sing N N 240 
MLI C2  O6   doub N N 241 
MLI C2  O7   sing N N 242 
MLI C3  O8   doub N N 243 
MLI C3  O9   sing N N 244 
PHE N   CA   sing N N 245 
PHE N   H    sing N N 246 
PHE N   H2   sing N N 247 
PHE CA  C    sing N N 248 
PHE CA  CB   sing N N 249 
PHE CA  HA   sing N N 250 
PHE C   O    doub N N 251 
PHE C   OXT  sing N N 252 
PHE CB  CG   sing N N 253 
PHE CB  HB2  sing N N 254 
PHE CB  HB3  sing N N 255 
PHE CG  CD1  doub Y N 256 
PHE CG  CD2  sing Y N 257 
PHE CD1 CE1  sing Y N 258 
PHE CD1 HD1  sing N N 259 
PHE CD2 CE2  doub Y N 260 
PHE CD2 HD2  sing N N 261 
PHE CE1 CZ   doub Y N 262 
PHE CE1 HE1  sing N N 263 
PHE CE2 CZ   sing Y N 264 
PHE CE2 HE2  sing N N 265 
PHE CZ  HZ   sing N N 266 
PHE OXT HXT  sing N N 267 
PRO N   CA   sing N N 268 
PRO N   CD   sing N N 269 
PRO N   H    sing N N 270 
PRO CA  C    sing N N 271 
PRO CA  CB   sing N N 272 
PRO CA  HA   sing N N 273 
PRO C   O    doub N N 274 
PRO C   OXT  sing N N 275 
PRO CB  CG   sing N N 276 
PRO CB  HB2  sing N N 277 
PRO CB  HB3  sing N N 278 
PRO CG  CD   sing N N 279 
PRO CG  HG2  sing N N 280 
PRO CG  HG3  sing N N 281 
PRO CD  HD2  sing N N 282 
PRO CD  HD3  sing N N 283 
PRO OXT HXT  sing N N 284 
SER N   CA   sing N N 285 
SER N   H    sing N N 286 
SER N   H2   sing N N 287 
SER CA  C    sing N N 288 
SER CA  CB   sing N N 289 
SER CA  HA   sing N N 290 
SER C   O    doub N N 291 
SER C   OXT  sing N N 292 
SER CB  OG   sing N N 293 
SER CB  HB2  sing N N 294 
SER CB  HB3  sing N N 295 
SER OG  HG   sing N N 296 
SER OXT HXT  sing N N 297 
THR N   CA   sing N N 298 
THR N   H    sing N N 299 
THR N   H2   sing N N 300 
THR CA  C    sing N N 301 
THR CA  CB   sing N N 302 
THR CA  HA   sing N N 303 
THR C   O    doub N N 304 
THR C   OXT  sing N N 305 
THR CB  OG1  sing N N 306 
THR CB  CG2  sing N N 307 
THR CB  HB   sing N N 308 
THR OG1 HG1  sing N N 309 
THR CG2 HG21 sing N N 310 
THR CG2 HG22 sing N N 311 
THR CG2 HG23 sing N N 312 
THR OXT HXT  sing N N 313 
TYR N   CA   sing N N 314 
TYR N   H    sing N N 315 
TYR N   H2   sing N N 316 
TYR CA  C    sing N N 317 
TYR CA  CB   sing N N 318 
TYR CA  HA   sing N N 319 
TYR C   O    doub N N 320 
TYR C   OXT  sing N N 321 
TYR CB  CG   sing N N 322 
TYR CB  HB2  sing N N 323 
TYR CB  HB3  sing N N 324 
TYR CG  CD1  doub Y N 325 
TYR CG  CD2  sing Y N 326 
TYR CD1 CE1  sing Y N 327 
TYR CD1 HD1  sing N N 328 
TYR CD2 CE2  doub Y N 329 
TYR CD2 HD2  sing N N 330 
TYR CE1 CZ   doub Y N 331 
TYR CE1 HE1  sing N N 332 
TYR CE2 CZ   sing Y N 333 
TYR CE2 HE2  sing N N 334 
TYR CZ  OH   sing N N 335 
TYR OH  HH   sing N N 336 
TYR OXT HXT  sing N N 337 
VAL N   CA   sing N N 338 
VAL N   H    sing N N 339 
VAL N   H2   sing N N 340 
VAL CA  C    sing N N 341 
VAL CA  CB   sing N N 342 
VAL CA  HA   sing N N 343 
VAL C   O    doub N N 344 
VAL C   OXT  sing N N 345 
VAL CB  CG1  sing N N 346 
VAL CB  CG2  sing N N 347 
VAL CB  HB   sing N N 348 
VAL CG1 HG11 sing N N 349 
VAL CG1 HG12 sing N N 350 
VAL CG1 HG13 sing N N 351 
VAL CG2 HG21 sing N N 352 
VAL CG2 HG22 sing N N 353 
VAL CG2 HG23 sing N N 354 
VAL OXT HXT  sing N N 355 
# 
loop_
_pdbx_entity_nonpoly.entity_id 
_pdbx_entity_nonpoly.name 
_pdbx_entity_nonpoly.comp_id 
2 'MALONATE ION' MLI 
3 water          HOH 
# 
_pdbx_initial_refinement_model.id               1 
_pdbx_initial_refinement_model.entity_id_list   ? 
_pdbx_initial_refinement_model.type             'experimental model' 
_pdbx_initial_refinement_model.source_name      PDB 
_pdbx_initial_refinement_model.accession_code   1RC7 
_pdbx_initial_refinement_model.details          'PDB ENTRY 1RC7' 
# 
